data_2GBW
#
_entry.id   2GBW
#
_cell.length_a   134.958
_cell.length_b   134.958
_cell.length_c   219.887
_cell.angle_alpha   90.00
_cell.angle_beta   90.00
_cell.angle_gamma   120.00
#
_symmetry.space_group_name_H-M   'P 31 2 1'
#
loop_
_entity.id
_entity.type
_entity.pdbx_description
1 polymer 'Biphenyl 2,3-Dioxygenase Alpha Subunit'
2 polymer 'Biphenyl 2,3-Dioxygenase Beta Subunit'
3 non-polymer 'FE (III) ION'
4 non-polymer 'FE2/S2 (INORGANIC) CLUSTER'
5 non-polymer 'OXYGEN MOLECULE'
6 water water
#
loop_
_entity_poly.entity_id
_entity_poly.type
_entity_poly.pdbx_seq_one_letter_code
_entity_poly.pdbx_strand_id
1 'polypeptide(L)'
;MSSDATLVDTVNASQSRQVFWDEDVYALEIERIFSRAWLMLGHESLVPKPGDFITTYMAEDKVILSHQSDGTFRAFINSC
SHRGNQICHADSGNAKAFVCNYHGWVFGQDGSLVDVPLESRCYHNSLDKQKLAAKSVRVETYKGFIFGCHDPEAPSLEDY
LGEFRYYLDTIWEGAGGGMELLGPPMKSLLQCNWKVPAENFIGDGYHVGWTHAAALSQIGGELAGLAGNRADIPFDDLGL
QFTTRHGHGFGVIDNAAAGLHIKREGWTKFLEDTRGEVRRKFGPERERLYLGHWNCSIFPNCSFLYGTNTFKIWHPRGPH
EIEVWTYTIVPRDADPATKSMIQREAIRTFGTAGTLESDDGENMSSATYINRGVITRNGRMNSTMGVGYEGPHPVYPGIV
GISFIGETSYRGFYRFWKEMIDAPDWASVKANDDTWDSVFPNRNFWNEKLNAAE
;
A,C,E
2 'polypeptide(L)'
;MSSEQIPVTPDVHYDIEAHYRAEVRMFQTGQYREWLQGMVAEDIHYWMPIYEQRLTRDRRPDPTPDDAAIYNDDFGELKQ
RVERLYSGQVWMEDPPSKIRYFVSNVEAFEAGNGELDVLSNILVYRNRRQTEVTVHTLGREDKLRRDGNGFKVFRRKLIL
DARVTQDKNLYFFC
;
B,D,F
#
loop_
_chem_comp.id
_chem_comp.type
_chem_comp.name
_chem_comp.formula
FE non-polymer 'FE (III) ION' 'Fe 3'
FES non-polymer 'FE2/S2 (INORGANIC) CLUSTER' 'Fe2 S2'
OXY non-polymer 'OXYGEN MOLECULE' O2
#
# COMPACT_ATOMS: atom_id res chain seq x y z
N THR A 6 -5.89 -18.35 27.84
CA THR A 6 -4.49 -18.11 28.27
C THR A 6 -3.61 -17.95 27.03
N LEU A 7 -2.73 -16.98 27.07
CA LEU A 7 -1.90 -16.76 25.87
C LEU A 7 -0.85 -17.89 25.70
N VAL A 8 -0.27 -18.33 26.81
CA VAL A 8 0.69 -19.47 26.80
C VAL A 8 0.27 -20.40 27.96
N ASP A 9 0.14 -21.68 27.65
CA ASP A 9 -0.14 -22.72 28.65
C ASP A 9 1.17 -23.49 28.78
N THR A 10 1.86 -23.28 29.90
CA THR A 10 3.10 -24.03 30.11
C THR A 10 2.85 -25.41 30.67
N VAL A 11 1.67 -25.70 31.18
CA VAL A 11 1.41 -27.06 31.70
C VAL A 11 1.25 -28.07 30.58
N ASN A 12 0.54 -27.67 29.54
CA ASN A 12 0.19 -28.53 28.41
C ASN A 12 0.95 -28.14 27.12
N ALA A 13 1.80 -27.12 27.19
CA ALA A 13 2.61 -26.65 26.07
C ALA A 13 1.77 -26.33 24.81
N SER A 14 0.89 -25.35 24.93
CA SER A 14 0.20 -24.80 23.81
C SER A 14 0.20 -23.27 23.95
N GLN A 15 -0.05 -22.59 22.83
CA GLN A 15 -0.18 -21.13 22.85
C GLN A 15 -1.41 -20.67 22.09
N SER A 16 -1.93 -19.51 22.45
CA SER A 16 -3.03 -18.94 21.70
C SER A 16 -2.52 -18.40 20.38
N ARG A 17 -3.23 -18.59 19.28
CA ARG A 17 -2.85 -17.96 18.03
C ARG A 17 -2.83 -16.43 18.11
N GLN A 18 -3.51 -15.89 19.11
CA GLN A 18 -3.50 -14.44 19.36
C GLN A 18 -2.07 -13.89 19.48
N VAL A 19 -1.11 -14.72 19.88
CA VAL A 19 0.25 -14.24 20.11
C VAL A 19 0.93 -13.83 18.82
N PHE A 20 0.48 -14.38 17.70
CA PHE A 20 0.99 -14.02 16.38
C PHE A 20 0.24 -12.84 15.77
N TRP A 21 -0.83 -12.38 16.40
CA TRP A 21 -1.79 -11.50 15.72
C TRP A 21 -2.17 -10.25 16.48
N ASP A 22 -2.48 -10.39 17.76
CA ASP A 22 -3.21 -9.38 18.48
C ASP A 22 -2.38 -8.13 18.76
N GLU A 23 -2.95 -6.97 18.48
CA GLU A 23 -2.19 -5.73 18.60
C GLU A 23 -1.92 -5.34 20.05
N ASP A 24 -2.83 -5.71 20.95
CA ASP A 24 -2.63 -5.43 22.36
C ASP A 24 -1.55 -6.31 22.98
N VAL A 25 -1.49 -7.57 22.57
CA VAL A 25 -0.36 -8.45 22.93
C VAL A 25 0.97 -7.86 22.43
N TYR A 26 1.01 -7.38 21.19
CA TYR A 26 2.19 -6.74 20.69
C TYR A 26 2.63 -5.52 21.52
N ALA A 27 1.66 -4.67 21.89
CA ALA A 27 1.96 -3.49 22.74
C ALA A 27 2.60 -3.95 24.04
N LEU A 28 2.11 -5.05 24.61
CA LEU A 28 2.67 -5.59 25.85
C LEU A 28 4.08 -6.12 25.65
N GLU A 29 4.33 -6.75 24.50
CA GLU A 29 5.69 -7.15 24.13
C GLU A 29 6.64 -5.95 24.05
N ILE A 30 6.18 -4.87 23.45
CA ILE A 30 7.02 -3.70 23.36
C ILE A 30 7.43 -3.21 24.75
N GLU A 31 6.46 -3.23 25.65
CA GLU A 31 6.62 -2.71 27.00
C GLU A 31 7.45 -3.65 27.87
N ARG A 32 7.19 -4.94 27.76
CA ARG A 32 7.67 -5.92 28.71
C ARG A 32 8.75 -6.83 28.18
N ILE A 33 9.00 -6.75 26.88
CA ILE A 33 10.11 -7.46 26.28
C ILE A 33 11.12 -6.55 25.60
N PHE A 34 10.69 -5.84 24.57
CA PHE A 34 11.63 -5.07 23.78
C PHE A 34 12.18 -3.85 24.50
N SER A 35 11.41 -3.32 25.44
CA SER A 35 11.86 -2.22 26.25
C SER A 35 12.50 -2.67 27.58
N ARG A 36 12.65 -3.97 27.76
CA ARG A 36 13.12 -4.54 29.02
C ARG A 36 14.40 -5.36 28.88
N ALA A 37 14.49 -6.09 27.79
CA ALA A 37 15.52 -7.11 27.52
C ALA A 37 16.74 -6.49 26.85
N TRP A 38 17.80 -7.28 26.72
CA TRP A 38 18.96 -6.90 25.95
C TRP A 38 18.74 -7.36 24.51
N LEU A 39 18.96 -6.44 23.57
CA LEU A 39 18.72 -6.66 22.19
C LEU A 39 20.04 -6.54 21.43
N MET A 40 20.20 -7.39 20.43
CA MET A 40 21.37 -7.45 19.59
C MET A 40 21.48 -6.19 18.70
N LEU A 41 22.58 -5.48 18.82
CA LEU A 41 22.90 -4.31 17.96
C LEU A 41 23.92 -4.60 16.88
N GLY A 42 24.79 -5.58 17.09
CA GLY A 42 25.88 -5.84 16.13
C GLY A 42 27.07 -6.42 16.90
N HIS A 43 28.25 -6.06 16.46
CA HIS A 43 29.49 -6.67 16.93
C HIS A 43 30.56 -5.59 16.68
N GLU A 44 31.60 -5.63 17.46
CA GLU A 44 32.72 -4.70 17.28
C GLU A 44 33.26 -4.70 15.90
N SER A 45 33.19 -5.83 15.22
CA SER A 45 33.71 -5.95 13.90
C SER A 45 32.99 -5.08 12.89
N LEU A 46 31.77 -4.66 13.20
CA LEU A 46 30.98 -3.78 12.33
C LEU A 46 31.36 -2.29 12.55
N VAL A 47 31.98 -2.00 13.71
CA VAL A 47 32.40 -0.64 14.13
C VAL A 47 33.81 -0.77 14.73
N PRO A 48 34.77 -1.26 13.92
CA PRO A 48 36.03 -1.71 14.47
C PRO A 48 37.05 -0.65 14.95
N LYS A 49 37.00 0.54 14.36
CA LYS A 49 37.92 1.63 14.72
C LYS A 49 37.19 2.80 15.38
N PRO A 50 37.89 3.57 16.23
CA PRO A 50 37.37 4.85 16.74
C PRO A 50 36.70 5.71 15.69
N GLY A 51 35.48 6.12 15.97
CA GLY A 51 34.69 6.92 15.05
C GLY A 51 33.76 6.12 14.16
N ASP A 52 34.02 4.81 14.00
CA ASP A 52 33.13 3.99 13.18
C ASP A 52 31.75 3.92 13.79
N PHE A 53 30.73 3.93 12.96
CA PHE A 53 29.37 3.77 13.47
C PHE A 53 28.55 2.93 12.49
N ILE A 54 27.46 2.43 13.04
CA ILE A 54 26.31 1.88 12.26
C ILE A 54 25.00 2.46 12.74
N THR A 55 24.02 2.50 11.85
CA THR A 55 22.60 2.69 12.18
C THR A 55 21.90 1.33 12.26
N THR A 56 21.08 1.16 13.29
CA THR A 56 20.29 -0.07 13.43
C THR A 56 19.01 0.18 14.14
N TYR A 57 18.31 -0.89 14.50
CA TYR A 57 17.07 -0.80 15.22
C TYR A 57 17.16 -1.49 16.54
N MET A 58 16.39 -0.97 17.50
CA MET A 58 15.91 -1.70 18.69
C MET A 58 14.40 -1.72 18.61
N ALA A 59 13.86 -2.89 18.19
CA ALA A 59 12.44 -3.01 17.78
C ALA A 59 12.12 -1.92 16.74
N GLU A 60 11.24 -0.97 17.02
CA GLU A 60 10.87 0.07 16.08
C GLU A 60 11.58 1.41 16.25
N ASP A 61 12.46 1.48 17.25
CA ASP A 61 13.30 2.65 17.45
C ASP A 61 14.60 2.59 16.64
N LYS A 62 14.90 3.69 15.95
CA LYS A 62 16.15 3.80 15.27
C LYS A 62 17.24 4.25 16.21
N VAL A 63 18.38 3.59 16.16
CA VAL A 63 19.55 3.90 17.01
C VAL A 63 20.84 4.06 16.23
N ILE A 64 21.76 4.83 16.78
CA ILE A 64 23.11 4.97 16.23
C ILE A 64 24.01 4.25 17.24
N LEU A 65 24.88 3.38 16.75
CA LEU A 65 25.92 2.73 17.56
C LEU A 65 27.30 3.20 17.09
N SER A 66 28.12 3.67 18.03
CA SER A 66 29.37 4.38 17.71
C SER A 66 30.53 3.90 18.56
N HIS A 67 31.65 3.62 17.92
CA HIS A 67 32.90 3.28 18.61
C HIS A 67 33.57 4.59 19.08
N GLN A 68 33.60 4.82 20.39
CA GLN A 68 34.21 6.01 20.99
C GLN A 68 35.76 6.04 20.91
N SER A 69 36.35 7.18 21.29
CA SER A 69 37.83 7.33 21.18
C SER A 69 38.60 6.44 22.19
N ASP A 70 37.99 6.09 23.33
CA ASP A 70 38.67 5.22 24.31
C ASP A 70 38.36 3.74 24.14
N GLY A 71 37.76 3.42 22.99
CA GLY A 71 37.49 2.03 22.63
C GLY A 71 36.28 1.42 23.28
N THR A 72 35.48 2.26 23.96
CA THR A 72 34.20 1.83 24.45
C THR A 72 33.18 2.11 23.32
N PHE A 73 31.96 1.67 23.54
CA PHE A 73 30.89 1.81 22.60
C PHE A 73 29.74 2.52 23.31
N ARG A 74 29.02 3.35 22.58
CA ARG A 74 27.80 3.99 23.08
C ARG A 74 26.76 3.92 21.95
N ALA A 75 25.52 4.09 22.32
CA ALA A 75 24.40 4.15 21.39
C ALA A 75 23.38 5.15 21.88
N PHE A 76 22.58 5.63 20.95
CA PHE A 76 21.55 6.59 21.27
C PHE A 76 20.47 6.60 20.16
N ILE A 77 19.30 7.07 20.55
CA ILE A 77 18.15 7.15 19.66
C ILE A 77 18.43 8.14 18.55
N ASN A 78 18.18 7.72 17.32
CA ASN A 78 18.49 8.48 16.11
C ASN A 78 17.43 9.52 15.77
N SER A 79 17.21 10.44 16.69
CA SER A 79 16.17 11.49 16.58
C SER A 79 16.63 12.78 17.26
N CYS A 80 16.60 13.88 16.53
CA CYS A 80 17.06 15.14 16.97
C CYS A 80 16.16 15.65 18.10
N SER A 81 16.80 16.31 19.05
CA SER A 81 16.11 16.89 20.18
C SER A 81 15.45 18.25 19.85
N HIS A 82 15.57 18.74 18.62
CA HIS A 82 14.95 19.98 18.24
C HIS A 82 13.50 19.68 17.82
N ARG A 83 13.31 19.27 16.57
CA ARG A 83 11.96 18.89 16.05
C ARG A 83 11.79 17.38 15.74
N GLY A 84 12.78 16.56 16.10
CA GLY A 84 12.66 15.11 16.00
C GLY A 84 13.27 14.41 14.80
N ASN A 85 13.75 15.16 13.81
CA ASN A 85 14.29 14.61 12.58
C ASN A 85 15.32 13.51 12.84
N GLN A 86 15.28 12.45 12.02
CA GLN A 86 16.32 11.43 12.09
C GLN A 86 17.66 12.13 11.86
N ILE A 87 18.63 11.83 12.71
CA ILE A 87 19.90 12.50 12.73
C ILE A 87 20.79 12.00 11.60
N CYS A 88 20.95 10.69 11.49
CA CYS A 88 21.89 10.11 10.52
C CYS A 88 21.18 9.08 9.63
N HIS A 89 21.31 9.21 8.31
CA HIS A 89 20.71 8.24 7.35
C HIS A 89 21.70 7.18 6.78
N ALA A 90 22.98 7.31 7.07
CA ALA A 90 23.96 6.39 6.52
C ALA A 90 23.84 5.06 7.27
N ASP A 91 23.95 3.96 6.53
CA ASP A 91 24.07 2.61 7.14
C ASP A 91 25.30 2.44 8.04
N SER A 92 26.41 3.01 7.60
CA SER A 92 27.68 2.93 8.29
C SER A 92 28.65 4.01 7.79
N GLY A 93 29.69 4.18 8.57
CA GLY A 93 30.70 5.16 8.24
C GLY A 93 31.59 5.50 9.40
N ASN A 94 32.27 6.63 9.30
CA ASN A 94 33.13 7.09 10.39
C ASN A 94 32.82 8.55 10.63
N ALA A 95 32.51 8.93 11.86
CA ALA A 95 32.05 10.28 12.17
C ALA A 95 32.43 10.66 13.58
N LYS A 96 32.99 11.86 13.72
CA LYS A 96 33.21 12.37 15.10
C LYS A 96 32.01 13.17 15.62
N ALA A 97 31.08 13.42 14.73
CA ALA A 97 29.80 14.05 15.03
C ALA A 97 28.78 13.77 13.92
N PHE A 98 27.54 13.92 14.28
CA PHE A 98 26.42 13.69 13.40
C PHE A 98 25.63 14.97 13.34
N VAL A 99 25.23 15.38 12.17
CA VAL A 99 24.57 16.65 12.03
C VAL A 99 23.16 16.43 11.54
N CYS A 100 22.16 16.96 12.22
CA CYS A 100 20.79 16.90 11.78
C CYS A 100 20.56 17.84 10.57
N ASN A 101 20.01 17.28 9.49
CA ASN A 101 19.89 17.96 8.17
C ASN A 101 18.85 19.08 8.15
N TYR A 102 17.95 19.15 9.15
CA TYR A 102 16.86 20.17 9.09
C TYR A 102 17.42 21.56 9.45
N HIS A 103 17.95 21.75 10.65
CA HIS A 103 18.53 23.06 11.07
C HIS A 103 20.00 22.99 11.43
N GLY A 104 20.59 21.79 11.36
CA GLY A 104 22.04 21.66 11.59
C GLY A 104 22.54 21.49 13.03
N TRP A 105 21.69 21.16 13.98
CA TRP A 105 22.18 20.79 15.30
C TRP A 105 23.16 19.59 15.20
N VAL A 106 24.25 19.65 15.98
CA VAL A 106 25.39 18.72 15.87
C VAL A 106 25.45 17.88 17.14
N PHE A 107 25.48 16.56 16.97
CA PHE A 107 25.46 15.62 18.07
C PHE A 107 26.78 14.88 18.11
N GLY A 108 27.31 14.67 19.31
CA GLY A 108 28.57 13.95 19.50
C GLY A 108 28.41 12.45 19.38
N GLN A 109 29.51 11.70 19.52
CA GLN A 109 29.50 10.27 19.33
C GLN A 109 28.72 9.55 20.39
N ASP A 110 28.39 10.23 21.48
CA ASP A 110 27.51 9.63 22.47
C ASP A 110 26.09 10.18 22.50
N GLY A 111 25.79 11.03 21.52
CA GLY A 111 24.48 11.65 21.41
C GLY A 111 24.32 12.98 22.11
N SER A 112 25.37 13.50 22.78
CA SER A 112 25.36 14.81 23.39
C SER A 112 25.16 15.86 22.32
N LEU A 113 24.34 16.87 22.62
CA LEU A 113 24.21 18.04 21.75
C LEU A 113 25.40 18.97 22.01
N VAL A 114 26.31 19.06 21.03
CA VAL A 114 27.57 19.73 21.24
C VAL A 114 27.68 21.10 20.59
N ASP A 115 26.82 21.41 19.60
CA ASP A 115 26.86 22.70 18.91
C ASP A 115 25.54 22.90 18.18
N VAL A 116 25.12 24.16 18.08
CA VAL A 116 23.99 24.52 17.27
C VAL A 116 24.35 25.76 16.46
N PRO A 117 23.96 25.81 15.18
CA PRO A 117 24.16 27.03 14.42
C PRO A 117 23.54 28.24 15.11
N LEU A 118 24.26 29.37 15.09
CA LEU A 118 23.74 30.65 15.57
C LEU A 118 23.43 30.62 17.06
N GLU A 119 24.21 29.85 17.81
CA GLU A 119 23.97 29.71 19.24
C GLU A 119 24.02 31.06 19.94
N SER A 120 25.00 31.90 19.60
CA SER A 120 25.10 33.25 20.17
C SER A 120 24.06 34.21 19.61
N ARG A 121 24.08 34.33 18.30
CA ARG A 121 23.24 35.25 17.53
C ARG A 121 21.76 35.09 17.79
N CYS A 122 21.28 33.85 17.67
CA CYS A 122 19.87 33.61 17.65
C CYS A 122 19.35 32.93 18.89
N TYR A 123 20.15 32.07 19.53
CA TYR A 123 19.77 31.51 20.83
C TYR A 123 20.25 32.34 22.04
N HIS A 124 21.11 33.33 21.82
CA HIS A 124 21.58 34.20 22.92
C HIS A 124 22.28 33.38 24.01
N ASN A 125 22.94 32.29 23.58
CA ASN A 125 23.60 31.33 24.47
C ASN A 125 22.70 30.87 25.61
N SER A 126 21.39 30.80 25.34
CA SER A 126 20.44 30.47 26.41
C SER A 126 19.74 29.13 26.20
N LEU A 127 20.27 28.34 25.29
CA LEU A 127 19.77 26.99 25.05
C LEU A 127 20.49 26.03 25.95
N ASP A 128 19.74 25.28 26.75
CA ASP A 128 20.38 24.34 27.66
C ASP A 128 20.73 23.03 26.97
N LYS A 129 21.86 23.03 26.27
CA LYS A 129 22.24 21.90 25.43
C LYS A 129 22.41 20.59 26.19
N GLN A 130 22.79 20.65 27.48
CA GLN A 130 23.00 19.43 28.24
C GLN A 130 21.72 18.70 28.55
N LYS A 131 20.57 19.37 28.43
CA LYS A 131 19.26 18.71 28.60
C LYS A 131 18.67 18.19 27.30
N LEU A 132 19.39 18.36 26.20
CA LEU A 132 18.91 18.07 24.84
C LEU A 132 19.79 17.02 24.12
N ALA A 133 20.49 16.19 24.88
CA ALA A 133 21.15 15.03 24.27
C ALA A 133 20.12 14.13 23.57
N ALA A 134 20.52 13.56 22.44
CA ALA A 134 19.76 12.41 21.86
C ALA A 134 19.72 11.32 22.98
N LYS A 135 18.58 10.63 23.12
CA LYS A 135 18.36 9.72 24.28
C LYS A 135 19.32 8.56 24.25
N SER A 136 20.04 8.36 25.34
CA SER A 136 21.02 7.28 25.44
C SER A 136 20.32 5.91 25.58
N VAL A 137 21.02 4.87 25.15
CA VAL A 137 20.64 3.49 25.33
C VAL A 137 21.83 2.81 26.04
N ARG A 138 21.59 1.99 27.06
CA ARG A 138 22.66 1.25 27.72
C ARG A 138 23.25 0.28 26.73
N VAL A 139 24.57 0.21 26.68
CA VAL A 139 25.30 -0.67 25.79
C VAL A 139 26.28 -1.56 26.62
N GLU A 140 26.22 -2.87 26.42
CA GLU A 140 27.16 -3.85 27.01
C GLU A 140 27.59 -4.81 25.91
N THR A 141 28.77 -5.40 26.11
CA THR A 141 29.36 -6.30 25.13
C THR A 141 29.66 -7.65 25.75
N TYR A 142 29.53 -8.68 24.94
CA TYR A 142 29.93 -10.03 25.33
C TYR A 142 30.68 -10.68 24.18
N LYS A 143 31.95 -10.94 24.42
CA LYS A 143 32.84 -11.60 23.47
C LYS A 143 32.79 -10.86 22.12
N GLY A 144 32.70 -9.53 22.18
CA GLY A 144 32.63 -8.73 20.94
C GLY A 144 31.25 -8.44 20.40
N PHE A 145 30.26 -9.21 20.83
CA PHE A 145 28.89 -8.92 20.47
C PHE A 145 28.28 -7.81 21.30
N ILE A 146 27.53 -6.94 20.64
CA ILE A 146 27.08 -5.69 21.23
C ILE A 146 25.56 -5.66 21.38
N PHE A 147 25.12 -5.46 22.61
CA PHE A 147 23.70 -5.45 22.92
C PHE A 147 23.31 -4.08 23.49
N GLY A 148 22.05 -3.73 23.33
CA GLY A 148 21.50 -2.55 23.97
C GLY A 148 20.28 -2.85 24.83
N CYS A 149 19.99 -1.95 25.75
CA CYS A 149 18.83 -2.10 26.65
C CYS A 149 18.31 -0.75 27.07
N HIS A 150 16.98 -0.63 27.09
CA HIS A 150 16.32 0.62 27.47
C HIS A 150 15.98 0.68 28.97
N ASP A 151 16.14 -0.41 29.71
CA ASP A 151 15.56 -0.54 31.05
C ASP A 151 16.64 -0.32 32.10
N PRO A 152 16.57 0.78 32.83
CA PRO A 152 17.61 1.00 33.89
C PRO A 152 17.70 -0.13 34.91
N GLU A 153 16.61 -0.88 35.10
CA GLU A 153 16.60 -1.93 36.10
C GLU A 153 17.04 -3.31 35.61
N ALA A 154 17.33 -3.43 34.32
CA ALA A 154 17.74 -4.70 33.75
C ALA A 154 19.06 -5.17 34.38
N PRO A 155 19.20 -6.46 34.60
CA PRO A 155 20.48 -7.03 35.03
C PRO A 155 21.52 -6.85 33.94
N SER A 156 22.79 -7.10 34.28
CA SER A 156 23.90 -7.03 33.34
C SER A 156 23.57 -7.95 32.16
N LEU A 157 24.22 -7.66 31.04
CA LEU A 157 24.14 -8.54 29.85
C LEU A 157 24.62 -9.95 30.20
N GLU A 158 25.66 -10.06 31.01
CA GLU A 158 26.12 -11.38 31.48
C GLU A 158 25.11 -12.19 32.23
N ASP A 159 24.37 -11.55 33.14
CA ASP A 159 23.33 -12.23 33.88
C ASP A 159 22.13 -12.56 32.99
N TYR A 160 21.88 -11.75 31.96
CA TYR A 160 20.74 -11.98 31.04
C TYR A 160 21.02 -13.17 30.15
N LEU A 161 22.23 -13.28 29.68
CA LEU A 161 22.68 -14.49 28.99
C LEU A 161 22.71 -15.67 29.97
N GLY A 162 23.25 -15.43 31.18
CA GLY A 162 23.22 -16.38 32.29
C GLY A 162 23.79 -17.73 31.92
N GLU A 163 23.04 -18.79 32.20
CA GLU A 163 23.59 -20.13 32.06
C GLU A 163 23.84 -20.43 30.61
N PHE A 164 23.21 -19.66 29.71
CA PHE A 164 23.49 -19.80 28.27
C PHE A 164 24.95 -19.53 27.87
N ARG A 165 25.65 -18.78 28.71
CA ARG A 165 27.05 -18.51 28.42
C ARG A 165 27.95 -19.80 28.33
N TYR A 166 27.58 -20.83 29.07
CA TYR A 166 28.25 -22.13 29.06
C TYR A 166 28.30 -22.58 27.61
N TYR A 167 27.18 -22.42 26.93
CA TYR A 167 27.10 -22.82 25.53
C TYR A 167 27.85 -21.86 24.59
N LEU A 168 27.55 -20.57 24.70
CA LEU A 168 28.15 -19.53 23.83
C LEU A 168 29.65 -19.50 23.92
N ASP A 169 30.19 -19.72 25.09
CA ASP A 169 31.67 -19.73 25.22
C ASP A 169 32.33 -20.77 24.35
N THR A 170 31.66 -21.88 24.06
CA THR A 170 32.20 -22.89 23.15
C THR A 170 32.64 -22.32 21.82
N ILE A 171 31.86 -21.39 21.29
CA ILE A 171 32.10 -20.85 19.96
C ILE A 171 32.51 -19.39 19.97
N TRP A 172 31.98 -18.59 20.91
CA TRP A 172 32.35 -17.17 20.99
C TRP A 172 33.64 -16.94 21.80
N GLU A 173 34.18 -18.03 22.37
CA GLU A 173 35.61 -18.12 22.78
C GLU A 173 36.33 -19.20 22.00
N GLY A 174 35.85 -20.43 22.11
CA GLY A 174 36.38 -21.53 21.32
C GLY A 174 37.86 -21.73 21.56
N ALA A 175 38.64 -21.85 20.49
CA ALA A 175 40.07 -22.09 20.62
C ALA A 175 40.82 -20.78 20.96
N GLY A 176 40.09 -19.71 21.21
CA GLY A 176 40.69 -18.46 21.65
C GLY A 176 40.37 -17.24 20.83
N GLY A 177 39.97 -17.41 19.58
CA GLY A 177 39.69 -16.28 18.74
C GLY A 177 38.25 -15.84 18.68
N GLY A 178 37.31 -16.71 19.10
CA GLY A 178 35.90 -16.39 19.05
C GLY A 178 35.39 -16.10 17.65
N MET A 179 34.31 -15.31 17.58
CA MET A 179 33.64 -15.08 16.29
C MET A 179 33.35 -13.60 16.11
N GLU A 180 33.05 -13.24 14.88
CA GLU A 180 32.71 -11.85 14.51
C GLU A 180 31.64 -11.82 13.40
N LEU A 181 31.06 -10.65 13.16
CA LEU A 181 30.07 -10.46 12.10
C LEU A 181 30.68 -9.81 10.86
N LEU A 182 30.25 -10.28 9.69
CA LEU A 182 30.52 -9.63 8.43
C LEU A 182 29.26 -8.97 7.88
N GLY A 183 29.40 -7.69 7.55
CA GLY A 183 28.39 -6.97 6.78
C GLY A 183 28.91 -6.56 5.41
N PRO A 184 28.14 -5.72 4.72
CA PRO A 184 26.90 -5.18 5.25
C PRO A 184 25.78 -6.22 5.25
N PRO A 185 24.74 -5.96 6.01
CA PRO A 185 23.62 -6.89 6.11
C PRO A 185 22.73 -6.83 4.89
N MET A 186 22.19 -7.98 4.51
CA MET A 186 20.93 -8.01 3.80
C MET A 186 19.79 -7.54 4.68
N LYS A 187 18.84 -6.84 4.07
CA LYS A 187 17.69 -6.31 4.75
C LYS A 187 16.48 -6.58 3.85
N SER A 188 15.48 -7.23 4.43
CA SER A 188 14.21 -7.46 3.71
C SER A 188 13.00 -7.34 4.66
N LEU A 189 11.84 -7.03 4.10
CA LEU A 189 10.59 -7.06 4.89
C LEU A 189 9.95 -8.43 4.70
N LEU A 190 9.40 -8.95 5.77
CA LEU A 190 8.66 -10.21 5.71
C LEU A 190 7.35 -10.03 6.48
N GLN A 191 6.23 -10.40 5.87
CA GLN A 191 4.92 -10.14 6.47
C GLN A 191 4.56 -11.25 7.46
N CYS A 192 5.25 -11.26 8.60
CA CYS A 192 5.06 -12.28 9.65
C CYS A 192 5.31 -11.65 11.02
N ASN A 193 4.78 -12.27 12.04
CA ASN A 193 5.12 -11.95 13.41
C ASN A 193 6.56 -12.38 13.71
N TRP A 194 7.27 -11.56 14.47
CA TRP A 194 8.70 -11.77 14.77
C TRP A 194 8.95 -13.12 15.46
N LYS A 195 7.94 -13.67 16.14
CA LYS A 195 8.08 -14.97 16.84
C LYS A 195 8.14 -16.18 15.98
N VAL A 196 7.62 -16.08 14.73
CA VAL A 196 7.58 -17.28 13.89
C VAL A 196 9.00 -17.64 13.48
N PRO A 197 9.76 -16.67 12.95
CA PRO A 197 11.20 -16.99 12.74
C PRO A 197 12.00 -17.26 14.01
N ALA A 198 11.73 -16.56 15.05
CA ALA A 198 12.42 -16.79 16.27
C ALA A 198 12.28 -18.26 16.70
N GLU A 199 11.05 -18.77 16.71
CA GLU A 199 10.81 -20.15 17.15
C GLU A 199 11.39 -21.12 16.12
N ASN A 200 11.28 -20.79 14.85
CA ASN A 200 11.80 -21.63 13.76
C ASN A 200 13.28 -21.92 13.97
N PHE A 201 14.08 -20.88 14.20
CA PHE A 201 15.49 -21.00 14.49
C PHE A 201 15.84 -21.58 15.86
N ILE A 202 15.03 -21.36 16.87
CA ILE A 202 15.36 -21.82 18.25
C ILE A 202 15.26 -23.33 18.37
N GLY A 203 14.38 -23.92 17.58
CA GLY A 203 14.09 -25.33 17.84
C GLY A 203 13.46 -26.16 16.76
N ASP A 204 13.35 -25.65 15.52
CA ASP A 204 12.57 -26.39 14.55
C ASP A 204 13.47 -27.30 13.70
N GLY A 205 14.01 -28.35 14.29
CA GLY A 205 14.62 -29.39 13.50
C GLY A 205 13.62 -30.15 12.63
N TYR A 206 12.38 -30.17 13.09
CA TYR A 206 11.31 -30.97 12.50
C TYR A 206 11.05 -30.54 11.06
N HIS A 207 11.06 -29.24 10.80
CA HIS A 207 10.70 -28.76 9.45
C HIS A 207 11.74 -29.00 8.40
N VAL A 208 12.96 -29.23 8.84
CA VAL A 208 14.10 -29.25 7.89
C VAL A 208 13.94 -30.28 6.79
N GLY A 209 13.68 -31.53 7.17
CA GLY A 209 13.52 -32.59 6.20
C GLY A 209 12.23 -32.51 5.39
N TRP A 210 11.25 -31.73 5.81
CA TRP A 210 10.01 -31.60 5.04
C TRP A 210 10.13 -30.40 4.10
N THR A 211 10.35 -29.23 4.69
CA THR A 211 10.38 -27.99 3.96
C THR A 211 11.61 -27.98 2.99
N HIS A 212 12.79 -28.40 3.47
CA HIS A 212 14.06 -28.27 2.68
C HIS A 212 14.55 -29.55 2.07
N ALA A 213 13.66 -30.53 1.96
CA ALA A 213 13.99 -31.80 1.34
C ALA A 213 14.74 -31.63 -0.01
N ALA A 214 14.26 -30.71 -0.86
CA ALA A 214 14.87 -30.49 -2.18
C ALA A 214 16.31 -29.99 -2.14
N ALA A 215 16.49 -28.90 -1.40
CA ALA A 215 17.79 -28.32 -1.15
C ALA A 215 18.77 -29.36 -0.58
N LEU A 216 18.28 -30.17 0.37
CA LEU A 216 19.06 -31.21 1.05
C LEU A 216 19.48 -32.31 0.06
N SER A 217 18.52 -32.76 -0.73
CA SER A 217 18.79 -33.84 -1.68
C SER A 217 19.90 -33.38 -2.63
N GLN A 218 19.83 -32.12 -3.04
CA GLN A 218 20.84 -31.53 -3.92
C GLN A 218 22.22 -31.34 -3.29
N ILE A 219 22.29 -30.98 -2.02
CA ILE A 219 23.59 -30.75 -1.37
C ILE A 219 24.29 -32.09 -1.13
N GLY A 220 23.54 -33.06 -0.62
CA GLY A 220 24.11 -34.39 -0.33
C GLY A 220 24.85 -34.39 0.99
N GLY A 221 25.51 -35.51 1.30
CA GLY A 221 26.36 -35.56 2.50
C GLY A 221 25.56 -35.67 3.78
N GLU A 222 26.15 -35.20 4.89
CA GLU A 222 25.59 -35.34 6.25
C GLU A 222 24.06 -35.20 6.29
N LEU A 223 23.60 -33.97 6.08
CA LEU A 223 22.24 -33.59 6.38
C LEU A 223 21.23 -34.08 5.31
N ALA A 224 21.71 -34.53 4.16
CA ALA A 224 20.82 -35.03 3.11
C ALA A 224 19.90 -36.15 3.60
N GLY A 225 20.39 -36.97 4.52
CA GLY A 225 19.58 -38.03 5.14
C GLY A 225 18.37 -37.56 5.92
N LEU A 226 18.33 -36.28 6.29
CA LEU A 226 17.11 -35.70 6.87
C LEU A 226 15.91 -35.61 5.90
N ALA A 227 16.18 -35.66 4.60
CA ALA A 227 15.16 -35.37 3.57
C ALA A 227 13.99 -36.34 3.60
N GLY A 228 12.78 -35.79 3.78
CA GLY A 228 11.56 -36.59 3.82
C GLY A 228 11.21 -37.08 5.22
N ASN A 229 12.08 -36.79 6.18
CA ASN A 229 11.88 -37.18 7.58
C ASN A 229 11.54 -38.65 7.74
N ARG A 230 12.53 -39.50 7.46
CA ARG A 230 12.36 -40.96 7.47
C ARG A 230 12.26 -41.51 8.88
N ALA A 231 11.28 -42.38 9.09
CA ALA A 231 10.98 -42.89 10.42
C ALA A 231 11.99 -43.93 10.95
N ASP A 232 12.94 -44.39 10.11
CA ASP A 232 13.92 -45.41 10.53
C ASP A 232 15.21 -44.89 11.21
N ILE A 233 15.37 -43.58 11.25
CA ILE A 233 16.60 -42.93 11.75
C ILE A 233 16.45 -42.60 13.25
N PRO A 234 17.40 -43.06 14.06
CA PRO A 234 17.44 -42.70 15.48
C PRO A 234 17.92 -41.27 15.70
N PHE A 235 17.02 -40.31 15.53
CA PHE A 235 17.39 -38.90 15.54
C PHE A 235 18.02 -38.56 16.88
N ASP A 236 17.58 -39.24 17.93
CA ASP A 236 18.03 -38.94 19.26
C ASP A 236 19.47 -39.38 19.53
N ASP A 237 19.99 -40.25 18.66
CA ASP A 237 21.42 -40.55 18.65
C ASP A 237 22.23 -39.43 18.02
N LEU A 238 21.55 -38.53 17.34
CA LEU A 238 22.21 -37.59 16.39
C LEU A 238 22.35 -36.16 16.85
N GLY A 239 21.68 -35.80 17.93
CA GLY A 239 21.80 -34.48 18.46
C GLY A 239 21.06 -34.31 19.79
N LEU A 240 20.89 -33.04 20.16
CA LEU A 240 20.23 -32.66 21.40
C LEU A 240 19.57 -31.34 21.19
N GLN A 241 18.75 -30.97 22.16
CA GLN A 241 18.10 -29.66 22.16
C GLN A 241 18.24 -29.04 23.56
N PHE A 242 18.40 -27.73 23.62
CA PHE A 242 18.72 -27.05 24.87
C PHE A 242 17.83 -25.81 25.07
N THR A 243 17.42 -25.55 26.32
CA THR A 243 16.75 -24.31 26.66
C THR A 243 17.24 -23.86 28.03
N THR A 244 17.09 -22.55 28.28
CA THR A 244 17.66 -21.91 29.45
C THR A 244 16.72 -20.94 30.09
N ARG A 245 17.07 -20.54 31.30
CA ARG A 245 16.21 -19.77 32.19
C ARG A 245 15.68 -18.47 31.52
N HIS A 246 16.48 -17.78 30.70
CA HIS A 246 15.99 -16.55 30.04
C HIS A 246 15.58 -16.77 28.53
N GLY A 247 15.06 -17.97 28.21
CA GLY A 247 14.47 -18.21 26.92
C GLY A 247 15.42 -18.65 25.85
N HIS A 248 16.72 -18.47 26.03
CA HIS A 248 17.71 -18.77 24.93
C HIS A 248 17.73 -20.27 24.72
N GLY A 249 17.85 -20.73 23.47
CA GLY A 249 17.97 -22.15 23.19
C GLY A 249 18.51 -22.42 21.84
N PHE A 250 18.77 -23.70 21.62
CA PHE A 250 19.23 -24.16 20.34
C PHE A 250 19.13 -25.67 20.26
N GLY A 251 19.15 -26.15 19.03
CA GLY A 251 19.31 -27.57 18.72
C GLY A 251 20.65 -27.77 18.07
N VAL A 252 21.20 -28.96 18.25
CA VAL A 252 22.50 -29.29 17.68
C VAL A 252 22.41 -30.63 16.91
N ILE A 253 22.97 -30.66 15.71
CA ILE A 253 23.16 -31.88 14.93
C ILE A 253 24.66 -32.26 15.01
N ASP A 254 24.97 -33.43 15.58
CA ASP A 254 26.39 -33.79 15.81
C ASP A 254 27.16 -33.86 14.53
N ASN A 255 28.39 -33.38 14.54
CA ASN A 255 29.34 -33.61 13.44
C ASN A 255 28.94 -33.03 12.07
N ALA A 256 28.12 -31.99 12.10
CA ALA A 256 27.50 -31.49 10.88
C ALA A 256 27.69 -30.01 10.63
N ALA A 257 28.57 -29.37 11.43
CA ALA A 257 28.82 -27.92 11.34
C ALA A 257 28.90 -27.41 9.90
N ALA A 258 29.73 -28.02 9.08
CA ALA A 258 29.89 -27.54 7.67
C ALA A 258 28.98 -28.26 6.64
N GLY A 259 27.91 -28.91 7.13
CA GLY A 259 27.08 -29.81 6.31
C GLY A 259 26.36 -29.20 5.10
N LEU A 260 26.06 -27.91 5.15
CA LEU A 260 25.35 -27.24 4.05
C LEU A 260 26.27 -26.49 3.12
N HIS A 261 27.59 -26.54 3.39
CA HIS A 261 28.59 -25.84 2.58
C HIS A 261 29.17 -26.82 1.57
N ILE A 262 29.10 -26.44 0.32
CA ILE A 262 29.69 -27.25 -0.77
C ILE A 262 31.21 -27.05 -0.90
N LYS A 263 31.65 -25.80 -0.94
CA LYS A 263 33.07 -25.49 -0.91
C LYS A 263 33.37 -25.18 0.55
N ARG A 264 34.06 -26.10 1.20
CA ARG A 264 34.24 -25.99 2.65
C ARG A 264 35.62 -26.42 3.17
N GLU A 265 36.61 -26.49 2.29
CA GLU A 265 37.96 -26.88 2.69
C GLU A 265 38.53 -26.07 3.88
N GLY A 266 38.44 -24.75 3.79
CA GLY A 266 39.00 -23.87 4.83
C GLY A 266 38.28 -23.98 6.16
N TRP A 267 36.96 -24.04 6.12
CA TRP A 267 36.14 -24.12 7.33
C TRP A 267 36.31 -25.48 7.98
N THR A 268 36.30 -26.54 7.18
CA THR A 268 36.51 -27.88 7.71
C THR A 268 37.92 -28.01 8.34
N LYS A 269 38.94 -27.45 7.68
CA LYS A 269 40.29 -27.51 8.23
C LYS A 269 40.43 -26.67 9.52
N PHE A 270 39.79 -25.51 9.55
CA PHE A 270 39.81 -24.65 10.75
C PHE A 270 39.25 -25.40 11.95
N LEU A 271 38.11 -26.04 11.77
CA LEU A 271 37.54 -26.85 12.86
C LEU A 271 38.45 -28.02 13.29
N GLU A 272 39.03 -28.69 12.31
CA GLU A 272 39.94 -29.81 12.62
C GLU A 272 41.14 -29.34 13.46
N ASP A 273 41.67 -28.18 13.08
CA ASP A 273 42.88 -27.60 13.69
C ASP A 273 42.64 -27.01 15.11
N THR A 274 41.39 -26.62 15.41
CA THR A 274 41.02 -25.98 16.70
C THR A 274 40.25 -26.84 17.74
N ARG A 275 39.71 -27.98 17.31
CA ARG A 275 38.89 -28.79 18.21
C ARG A 275 39.66 -29.31 19.42
N GLY A 276 40.95 -29.59 19.22
CA GLY A 276 41.82 -30.03 20.29
C GLY A 276 41.85 -29.08 21.47
N GLU A 277 42.02 -27.79 21.19
CA GLU A 277 42.07 -26.78 22.23
C GLU A 277 40.71 -26.58 22.89
N VAL A 278 39.63 -26.70 22.10
CA VAL A 278 38.29 -26.63 22.64
C VAL A 278 38.06 -27.81 23.61
N ARG A 279 38.44 -29.01 23.21
CA ARG A 279 38.35 -30.16 24.10
C ARG A 279 39.14 -29.91 25.38
N ARG A 280 40.31 -29.32 25.25
CA ARG A 280 41.12 -28.99 26.42
C ARG A 280 40.46 -28.03 27.40
N LYS A 281 40.00 -26.88 26.90
CA LYS A 281 39.41 -25.85 27.74
C LYS A 281 38.04 -26.29 28.28
N PHE A 282 37.23 -26.85 27.41
CA PHE A 282 35.79 -26.91 27.63
C PHE A 282 35.23 -28.33 27.77
N GLY A 283 36.06 -29.33 27.50
CA GLY A 283 35.67 -30.72 27.68
C GLY A 283 35.10 -31.37 26.43
N PRO A 284 35.15 -32.70 26.35
CA PRO A 284 34.55 -33.37 25.19
C PRO A 284 33.05 -33.10 25.02
N GLU A 285 32.37 -32.81 26.12
CA GLU A 285 30.96 -32.46 26.08
C GLU A 285 30.74 -31.18 25.24
N ARG A 286 31.67 -30.25 25.28
CA ARG A 286 31.57 -29.04 24.45
C ARG A 286 32.28 -29.12 23.11
N GLU A 287 33.31 -29.97 23.02
CA GLU A 287 33.92 -30.22 21.71
C GLU A 287 32.82 -30.77 20.76
N ARG A 288 31.94 -31.60 21.32
CA ARG A 288 30.78 -32.11 20.61
C ARG A 288 29.97 -30.97 19.96
N LEU A 289 29.68 -29.95 20.75
CA LEU A 289 28.93 -28.80 20.29
C LEU A 289 29.73 -27.97 19.23
N TYR A 290 31.04 -27.86 19.44
CA TYR A 290 31.92 -27.10 18.59
C TYR A 290 31.93 -27.65 17.17
N LEU A 291 31.74 -28.97 17.02
CA LEU A 291 31.78 -29.65 15.72
C LEU A 291 30.39 -29.86 15.13
N GLY A 292 29.37 -29.49 15.91
CA GLY A 292 27.99 -29.67 15.50
C GLY A 292 27.39 -28.49 14.76
N HIS A 293 26.23 -28.71 14.16
CA HIS A 293 25.46 -27.63 13.55
C HIS A 293 24.42 -27.12 14.53
N TRP A 294 24.45 -25.84 14.84
CA TRP A 294 23.43 -25.27 15.73
C TRP A 294 22.37 -24.53 14.95
N ASN A 295 21.11 -24.69 15.37
CA ASN A 295 20.11 -23.67 15.14
C ASN A 295 19.73 -22.98 16.44
N CYS A 296 19.97 -21.67 16.51
CA CYS A 296 19.96 -20.97 17.80
C CYS A 296 19.13 -19.70 17.76
N SER A 297 18.36 -19.43 18.83
CA SER A 297 17.84 -18.11 19.09
C SER A 297 18.27 -17.62 20.42
N ILE A 298 18.68 -16.36 20.40
CA ILE A 298 18.91 -15.61 21.65
C ILE A 298 17.69 -14.73 21.88
N PHE A 299 17.06 -14.93 23.02
CA PHE A 299 15.79 -14.26 23.37
C PHE A 299 16.01 -12.72 23.44
N PRO A 300 15.13 -11.90 22.84
CA PRO A 300 13.99 -12.30 22.06
C PRO A 300 14.21 -12.61 20.57
N ASN A 301 14.94 -11.75 19.86
CA ASN A 301 14.83 -11.68 18.42
C ASN A 301 16.11 -11.75 17.62
N CYS A 302 17.12 -12.45 18.12
CA CYS A 302 18.37 -12.74 17.39
C CYS A 302 18.46 -14.23 17.17
N SER A 303 18.86 -14.67 15.97
CA SER A 303 18.99 -16.11 15.72
C SER A 303 20.25 -16.30 14.87
N PHE A 304 20.82 -17.48 14.97
CA PHE A 304 21.94 -17.84 14.07
C PHE A 304 22.01 -19.33 13.81
N LEU A 305 22.67 -19.71 12.72
CA LEU A 305 23.05 -21.10 12.49
C LEU A 305 24.55 -21.19 12.65
N TYR A 306 25.01 -21.87 13.68
CA TYR A 306 26.44 -22.12 13.82
C TYR A 306 26.73 -23.34 12.95
N GLY A 307 27.69 -23.18 12.05
CA GLY A 307 28.04 -24.20 11.06
C GLY A 307 27.77 -23.63 9.70
N THR A 308 26.49 -23.36 9.43
CA THR A 308 26.15 -22.69 8.18
C THR A 308 26.54 -21.18 8.19
N ASN A 309 26.47 -20.59 9.36
CA ASN A 309 27.07 -19.29 9.69
C ASN A 309 26.31 -18.07 9.19
N THR A 310 24.99 -18.20 9.12
CA THR A 310 24.09 -17.10 8.89
C THR A 310 23.70 -16.54 10.26
N PHE A 311 23.39 -15.24 10.36
CA PHE A 311 23.14 -14.57 11.63
C PHE A 311 22.07 -13.56 11.34
N LYS A 312 20.98 -13.64 12.08
CA LYS A 312 19.75 -12.87 11.78
C LYS A 312 19.23 -12.08 12.96
N ILE A 313 18.69 -10.90 12.70
CA ILE A 313 17.92 -10.12 13.70
C ILE A 313 16.55 -9.80 13.10
N TRP A 314 15.50 -10.11 13.85
CA TRP A 314 14.15 -10.03 13.37
C TRP A 314 13.58 -8.76 13.98
N HIS A 315 13.64 -7.64 13.28
CA HIS A 315 13.17 -6.40 13.87
C HIS A 315 11.65 -6.25 13.63
N PRO A 316 10.86 -6.17 14.70
CA PRO A 316 9.40 -6.01 14.55
C PRO A 316 8.98 -4.70 13.92
N ARG A 317 7.93 -4.78 13.12
CA ARG A 317 7.26 -3.63 12.55
C ARG A 317 5.77 -3.79 12.77
N GLY A 318 5.34 -3.81 14.02
CA GLY A 318 4.02 -4.25 14.33
C GLY A 318 3.95 -5.76 14.39
N PRO A 319 2.77 -6.27 14.75
CA PRO A 319 2.60 -7.70 14.98
C PRO A 319 2.59 -8.55 13.71
N HIS A 320 2.51 -7.92 12.54
CA HIS A 320 2.31 -8.65 11.28
C HIS A 320 3.41 -8.42 10.26
N GLU A 321 4.49 -7.78 10.69
CA GLU A 321 5.62 -7.54 9.82
C GLU A 321 6.93 -7.48 10.60
N ILE A 322 8.02 -7.88 9.92
CA ILE A 322 9.38 -7.69 10.41
C ILE A 322 10.25 -7.12 9.31
N GLU A 323 11.39 -6.56 9.70
CA GLU A 323 12.51 -6.31 8.78
C GLU A 323 13.64 -7.23 9.29
N VAL A 324 14.05 -8.13 8.40
CA VAL A 324 15.09 -9.13 8.67
C VAL A 324 16.46 -8.59 8.27
N TRP A 325 17.41 -8.53 9.17
CA TRP A 325 18.82 -8.19 8.84
C TRP A 325 19.63 -9.45 8.96
N THR A 326 20.37 -9.74 7.90
CA THR A 326 21.17 -10.97 7.78
C THR A 326 22.63 -10.61 7.57
N TYR A 327 23.44 -11.03 8.54
CA TYR A 327 24.89 -10.99 8.51
C TYR A 327 25.48 -12.42 8.38
N THR A 328 26.80 -12.50 8.25
CA THR A 328 27.57 -13.75 8.28
C THR A 328 28.32 -13.73 9.60
N ILE A 329 28.33 -14.87 10.30
CA ILE A 329 29.13 -15.02 11.51
C ILE A 329 30.34 -15.93 11.19
N VAL A 330 31.56 -15.49 11.53
CA VAL A 330 32.76 -16.25 11.15
C VAL A 330 33.75 -16.27 12.33
N PRO A 331 34.58 -17.31 12.42
CA PRO A 331 35.65 -17.24 13.43
C PRO A 331 36.69 -16.14 13.10
N ARG A 332 37.05 -15.32 14.08
CA ARG A 332 38.05 -14.26 13.91
C ARG A 332 39.37 -14.79 13.37
N ASP A 333 39.76 -15.98 13.80
CA ASP A 333 41.08 -16.53 13.46
C ASP A 333 41.12 -17.24 12.12
N ALA A 334 39.99 -17.36 11.43
CA ALA A 334 39.99 -18.00 10.11
C ALA A 334 40.79 -17.13 9.13
N ASP A 335 41.34 -17.72 8.06
CA ASP A 335 42.03 -16.96 7.02
C ASP A 335 41.04 -16.09 6.29
N PRO A 336 41.51 -14.94 5.75
CA PRO A 336 40.59 -14.13 4.93
C PRO A 336 39.86 -14.93 3.84
N ALA A 337 40.57 -15.85 3.18
CA ALA A 337 39.97 -16.67 2.11
C ALA A 337 38.84 -17.55 2.68
N THR A 338 39.06 -18.10 3.85
CA THR A 338 38.03 -18.91 4.53
C THR A 338 36.82 -18.07 4.92
N LYS A 339 37.06 -16.89 5.49
CA LYS A 339 35.95 -16.02 5.89
C LYS A 339 35.09 -15.68 4.66
N SER A 340 35.73 -15.31 3.54
CA SER A 340 35.03 -15.00 2.28
C SER A 340 34.21 -16.19 1.74
N MET A 341 34.77 -17.37 1.82
CA MET A 341 34.06 -18.56 1.37
C MET A 341 32.91 -18.91 2.25
N ILE A 342 33.10 -18.82 3.57
CA ILE A 342 31.97 -19.02 4.48
C ILE A 342 30.84 -18.02 4.16
N GLN A 343 31.17 -16.76 3.86
CA GLN A 343 30.16 -15.76 3.64
C GLN A 343 29.37 -16.12 2.38
N ARG A 344 30.07 -16.49 1.31
CA ARG A 344 29.39 -16.94 0.05
C ARG A 344 28.45 -18.13 0.28
N GLU A 345 28.89 -19.14 1.03
CA GLU A 345 28.05 -20.33 1.26
C GLU A 345 26.85 -20.01 2.16
N ALA A 346 27.09 -19.22 3.20
CA ALA A 346 26.05 -18.80 4.15
C ALA A 346 24.96 -18.02 3.42
N ILE A 347 25.40 -17.14 2.52
CA ILE A 347 24.46 -16.28 1.80
C ILE A 347 23.73 -17.11 0.75
N ARG A 348 24.42 -18.03 0.10
CA ARG A 348 23.80 -18.81 -0.96
C ARG A 348 22.71 -19.71 -0.40
N THR A 349 22.81 -20.13 0.86
CA THR A 349 21.80 -20.99 1.50
C THR A 349 20.71 -20.18 2.27
N PHE A 350 21.14 -19.12 2.96
CA PHE A 350 20.26 -18.39 3.91
C PHE A 350 20.12 -16.88 3.69
N GLY A 351 20.64 -16.34 2.60
CA GLY A 351 20.44 -14.90 2.33
C GLY A 351 19.07 -14.67 1.67
N THR A 352 18.85 -13.47 1.12
CA THR A 352 17.55 -13.12 0.54
C THR A 352 17.18 -14.01 -0.65
N ALA A 353 18.18 -14.52 -1.36
CA ALA A 353 18.00 -15.48 -2.39
C ALA A 353 18.49 -16.88 -1.98
N GLY A 354 18.31 -17.20 -0.71
CA GLY A 354 18.86 -18.42 -0.16
C GLY A 354 18.19 -19.66 -0.73
N THR A 355 18.99 -20.68 -1.04
CA THR A 355 18.47 -21.96 -1.47
C THR A 355 17.63 -22.67 -0.43
N LEU A 356 17.88 -22.42 0.86
CA LEU A 356 17.01 -22.92 1.93
C LEU A 356 16.07 -21.86 2.38
N GLU A 357 16.60 -20.70 2.71
CA GLU A 357 15.78 -19.64 3.29
C GLU A 357 14.59 -19.27 2.41
N SER A 358 14.76 -19.31 1.09
CA SER A 358 13.66 -18.93 0.21
C SER A 358 12.44 -19.89 0.32
N ASP A 359 12.68 -21.13 0.77
CA ASP A 359 11.62 -22.11 1.05
C ASP A 359 10.70 -21.71 2.25
N ASP A 360 11.19 -20.91 3.18
CA ASP A 360 10.53 -20.69 4.47
C ASP A 360 9.59 -19.48 4.53
N GLY A 361 9.58 -18.61 3.53
CA GLY A 361 8.81 -17.34 3.68
C GLY A 361 7.33 -17.51 3.96
N GLU A 362 6.69 -18.41 3.22
CA GLU A 362 5.26 -18.62 3.34
C GLU A 362 4.95 -19.32 4.67
N ASN A 363 5.84 -20.21 5.11
CA ASN A 363 5.65 -20.81 6.43
C ASN A 363 5.55 -19.71 7.48
N MET A 364 6.37 -18.66 7.36
CA MET A 364 6.37 -17.57 8.34
C MET A 364 5.09 -16.72 8.20
N SER A 365 4.80 -16.33 6.98
CA SER A 365 3.73 -15.35 6.79
CA SER A 365 3.72 -15.37 6.74
C SER A 365 2.36 -15.98 6.96
N SER A 366 2.19 -17.23 6.53
CA SER A 366 0.86 -17.86 6.59
C SER A 366 0.51 -18.14 8.04
N ALA A 367 1.46 -18.56 8.84
CA ALA A 367 1.15 -18.77 10.27
C ALA A 367 0.68 -17.49 10.94
N THR A 368 1.10 -16.34 10.43
CA THR A 368 0.62 -15.06 10.93
C THR A 368 -0.73 -14.62 10.36
N TYR A 369 -0.80 -14.49 9.04
CA TYR A 369 -1.94 -13.85 8.42
C TYR A 369 -3.21 -14.69 8.38
N ILE A 370 -3.07 -15.99 8.59
CA ILE A 370 -4.22 -16.87 8.69
C ILE A 370 -5.14 -16.39 9.81
N ASN A 371 -4.57 -15.66 10.77
CA ASN A 371 -5.32 -15.20 11.93
C ASN A 371 -6.11 -13.91 11.71
N ARG A 372 -6.12 -13.43 10.47
CA ARG A 372 -7.08 -12.42 10.08
C ARG A 372 -8.52 -12.83 10.41
N GLY A 373 -8.78 -14.13 10.42
CA GLY A 373 -10.11 -14.61 10.71
C GLY A 373 -10.39 -14.83 12.19
N VAL A 374 -11.54 -14.37 12.65
CA VAL A 374 -11.82 -14.39 14.11
C VAL A 374 -11.93 -15.80 14.67
N ILE A 375 -12.53 -16.71 13.91
CA ILE A 375 -12.68 -18.11 14.37
C ILE A 375 -11.29 -18.75 14.39
N THR A 376 -10.48 -18.45 13.39
CA THR A 376 -9.14 -18.97 13.37
C THR A 376 -8.26 -18.49 14.50
N ARG A 377 -8.28 -17.20 14.81
CA ARG A 377 -7.29 -16.67 15.76
C ARG A 377 -7.66 -17.00 17.20
N ASN A 378 -8.86 -17.50 17.41
CA ASN A 378 -9.29 -17.89 18.75
C ASN A 378 -9.01 -19.39 18.98
N GLY A 379 -8.28 -19.98 18.03
CA GLY A 379 -7.67 -21.28 18.17
C GLY A 379 -6.30 -21.21 18.86
N ARG A 380 -5.64 -22.36 18.86
CA ARG A 380 -4.40 -22.51 19.61
C ARG A 380 -3.39 -23.28 18.78
N MET A 381 -2.16 -23.24 19.23
CA MET A 381 -1.00 -23.82 18.57
C MET A 381 -0.39 -24.84 19.51
N ASN A 382 0.14 -25.95 18.97
CA ASN A 382 0.65 -27.06 19.78
C ASN A 382 2.18 -27.06 19.73
N SER A 383 2.84 -27.18 20.86
CA SER A 383 4.30 -27.38 20.88
C SER A 383 4.71 -28.49 21.87
N THR A 384 4.05 -29.65 21.75
CA THR A 384 4.21 -30.74 22.75
C THR A 384 5.25 -31.81 22.38
N MET A 385 5.89 -31.67 21.23
CA MET A 385 6.79 -32.75 20.74
C MET A 385 7.95 -32.99 21.69
N GLY A 386 8.04 -34.23 22.18
CA GLY A 386 9.11 -34.60 23.10
C GLY A 386 8.85 -34.31 24.58
N VAL A 387 7.65 -33.86 24.93
CA VAL A 387 7.43 -33.56 26.35
C VAL A 387 7.67 -34.78 27.20
N GLY A 388 8.31 -34.56 28.36
CA GLY A 388 8.70 -35.64 29.25
C GLY A 388 9.96 -36.38 28.88
N TYR A 389 10.49 -36.12 27.68
CA TYR A 389 11.80 -36.64 27.28
C TYR A 389 12.86 -35.52 27.36
N GLU A 390 12.88 -34.89 28.52
CA GLU A 390 13.70 -33.71 28.71
C GLU A 390 13.81 -33.45 30.20
N GLY A 391 14.83 -32.73 30.61
CA GLY A 391 15.02 -32.46 32.02
C GLY A 391 16.37 -31.85 32.29
N PRO A 392 16.62 -31.58 33.58
CA PRO A 392 17.95 -31.12 33.96
C PRO A 392 19.00 -32.24 33.66
N HIS A 393 20.18 -31.84 33.21
CA HIS A 393 21.24 -32.75 32.80
C HIS A 393 22.42 -32.62 33.79
N PRO A 394 23.18 -33.71 34.07
CA PRO A 394 24.29 -33.62 35.02
C PRO A 394 25.51 -32.87 34.53
N VAL A 395 25.62 -32.66 33.23
CA VAL A 395 26.75 -31.92 32.66
C VAL A 395 26.37 -30.56 32.03
N TYR A 396 25.35 -30.61 31.20
CA TYR A 396 24.82 -29.43 30.50
C TYR A 396 23.81 -28.66 31.34
N PRO A 397 23.99 -27.33 31.49
CA PRO A 397 23.07 -26.53 32.27
C PRO A 397 21.75 -26.24 31.53
N GLY A 398 20.72 -25.89 32.30
CA GLY A 398 19.44 -25.54 31.79
C GLY A 398 18.60 -26.81 31.73
N ILE A 399 17.85 -26.93 30.67
CA ILE A 399 16.99 -28.08 30.42
C ILE A 399 17.36 -28.65 29.02
N VAL A 400 17.58 -29.96 28.97
CA VAL A 400 18.06 -30.63 27.77
C VAL A 400 17.03 -31.65 27.28
N GLY A 401 16.70 -31.60 25.98
CA GLY A 401 15.88 -32.61 25.30
C GLY A 401 16.71 -33.57 24.50
N ILE A 402 16.25 -34.80 24.30
CA ILE A 402 17.06 -35.83 23.63
C ILE A 402 17.24 -35.68 22.12
N SER A 403 16.53 -34.77 21.45
CA SER A 403 16.70 -34.65 19.95
C SER A 403 16.67 -33.22 19.44
N PHE A 404 17.35 -32.93 18.33
CA PHE A 404 17.20 -31.67 17.65
C PHE A 404 15.87 -31.63 16.94
N ILE A 405 15.22 -32.80 16.82
CA ILE A 405 13.86 -32.83 16.35
C ILE A 405 13.02 -33.00 17.63
N GLY A 406 12.45 -31.88 18.03
CA GLY A 406 11.72 -31.78 19.30
C GLY A 406 11.36 -30.34 19.55
N GLU A 407 10.60 -30.09 20.60
CA GLU A 407 10.11 -28.76 20.85
C GLU A 407 10.48 -28.26 22.27
N THR A 408 11.52 -28.86 22.87
CA THR A 408 12.05 -28.40 24.13
C THR A 408 12.29 -26.91 24.11
N SER A 409 12.89 -26.43 23.03
CA SER A 409 13.29 -25.04 22.92
C SER A 409 12.10 -24.10 22.67
N TYR A 410 11.10 -24.57 21.96
CA TYR A 410 9.83 -23.84 21.88
C TYR A 410 9.26 -23.65 23.28
N ARG A 411 9.22 -24.73 24.05
CA ARG A 411 8.60 -24.68 25.37
C ARG A 411 9.34 -23.68 26.27
N GLY A 412 10.67 -23.72 26.23
CA GLY A 412 11.49 -22.71 26.95
C GLY A 412 11.26 -21.26 26.51
N PHE A 413 11.14 -21.08 25.20
CA PHE A 413 10.93 -19.76 24.62
C PHE A 413 9.61 -19.19 25.11
N TYR A 414 8.54 -19.97 24.95
CA TYR A 414 7.23 -19.48 25.32
C TYR A 414 7.03 -19.39 26.83
N ARG A 415 7.71 -20.26 27.56
CA ARG A 415 7.71 -20.15 29.01
C ARG A 415 8.29 -18.80 29.41
N PHE A 416 9.43 -18.43 28.84
CA PHE A 416 10.04 -17.12 29.23
C PHE A 416 9.26 -15.94 28.72
N TRP A 417 8.70 -16.06 27.53
CA TRP A 417 7.83 -15.01 26.98
C TRP A 417 6.70 -14.76 27.97
N LYS A 418 6.04 -15.84 28.41
CA LYS A 418 4.91 -15.73 29.34
C LYS A 418 5.37 -15.08 30.63
N GLU A 419 6.55 -15.46 31.07
CA GLU A 419 7.05 -14.92 32.34
C GLU A 419 7.29 -13.39 32.22
N MET A 420 7.83 -12.96 31.11
CA MET A 420 8.12 -11.55 30.86
C MET A 420 6.83 -10.75 30.74
N ILE A 421 5.90 -11.30 29.96
CA ILE A 421 4.63 -10.65 29.76
C ILE A 421 3.77 -10.54 31.03
N ASP A 422 3.92 -11.51 31.93
CA ASP A 422 3.16 -11.51 33.17
C ASP A 422 3.82 -10.65 34.25
N ALA A 423 5.07 -10.26 34.04
CA ALA A 423 5.86 -9.57 35.06
C ALA A 423 5.85 -8.06 34.87
N PRO A 424 5.56 -7.33 35.93
CA PRO A 424 5.48 -5.88 35.84
C PRO A 424 6.86 -5.23 35.83
N ASP A 425 7.87 -6.00 36.22
CA ASP A 425 9.24 -5.52 36.25
C ASP A 425 10.26 -6.64 36.37
N TRP A 426 11.53 -6.29 36.28
CA TRP A 426 12.59 -7.26 36.41
C TRP A 426 12.62 -7.92 37.78
N ALA A 427 12.21 -7.19 38.82
CA ALA A 427 12.23 -7.76 40.15
C ALA A 427 11.33 -9.00 40.25
N SER A 428 10.20 -8.95 39.55
CA SER A 428 9.29 -10.07 39.52
C SER A 428 9.84 -11.26 38.75
N VAL A 429 10.55 -10.99 37.68
CA VAL A 429 11.24 -12.03 36.96
C VAL A 429 12.28 -12.74 37.82
N LYS A 430 13.13 -11.96 38.46
CA LYS A 430 14.20 -12.50 39.28
C LYS A 430 13.68 -13.41 40.37
N ALA A 431 12.50 -13.08 40.89
CA ALA A 431 11.89 -13.90 41.92
C ALA A 431 11.51 -15.31 41.46
N ASN A 432 11.51 -15.56 40.16
CA ASN A 432 11.26 -16.90 39.64
C ASN A 432 12.54 -17.72 39.41
N ASP A 433 13.68 -17.15 39.73
CA ASP A 433 14.99 -17.78 39.33
C ASP A 433 15.11 -19.23 39.83
N ASP A 434 14.65 -19.51 41.03
CA ASP A 434 14.79 -20.83 41.59
C ASP A 434 13.77 -21.85 41.16
N THR A 435 12.64 -21.41 40.60
CA THR A 435 11.59 -22.34 40.26
C THR A 435 11.21 -22.26 38.79
N TRP A 436 12.03 -21.58 38.00
CA TRP A 436 11.65 -21.39 36.60
C TRP A 436 11.40 -22.72 35.86
N ASP A 437 12.15 -23.75 36.15
CA ASP A 437 12.05 -24.98 35.31
C ASP A 437 11.11 -26.02 35.92
N SER A 438 10.25 -25.62 36.85
CA SER A 438 9.33 -26.57 37.47
C SER A 438 8.34 -27.12 36.45
N VAL A 439 8.16 -26.43 35.34
CA VAL A 439 7.29 -26.85 34.24
C VAL A 439 7.84 -28.01 33.41
N PHE A 440 9.06 -28.42 33.71
CA PHE A 440 9.69 -29.61 33.14
C PHE A 440 9.70 -30.59 34.32
N PRO A 441 8.61 -31.38 34.47
CA PRO A 441 8.45 -32.27 35.63
C PRO A 441 9.40 -33.48 35.71
N ASN A 442 9.96 -33.93 34.58
CA ASN A 442 10.76 -35.18 34.58
C ASN A 442 12.20 -35.01 35.14
N ARG A 443 12.31 -34.73 36.43
CA ARG A 443 13.60 -34.33 37.04
C ARG A 443 14.72 -35.41 36.97
N ASN A 444 14.36 -36.71 37.03
CA ASN A 444 15.34 -37.83 36.96
C ASN A 444 15.51 -38.46 35.56
N PHE A 445 15.03 -37.79 34.54
CA PHE A 445 15.06 -38.30 33.19
C PHE A 445 16.46 -38.63 32.72
N TRP A 446 17.40 -37.68 32.85
CA TRP A 446 18.76 -37.87 32.37
C TRP A 446 19.59 -38.80 33.25
N ASN A 447 19.30 -38.81 34.54
CA ASN A 447 20.07 -39.68 35.43
C ASN A 447 19.78 -41.16 35.10
N GLU A 448 18.50 -41.48 34.91
CA GLU A 448 18.13 -42.85 34.54
C GLU A 448 18.64 -43.21 33.16
N LYS A 449 18.53 -42.27 32.23
CA LYS A 449 18.92 -42.48 30.87
C LYS A 449 20.42 -42.75 30.75
N LEU A 450 21.23 -41.86 31.32
CA LEU A 450 22.69 -41.94 31.16
C LEU A 450 23.27 -43.15 31.89
N ASN A 451 22.65 -43.53 33.01
CA ASN A 451 23.06 -44.71 33.78
C ASN A 451 22.75 -46.01 33.07
N ALA A 452 21.53 -46.12 32.53
CA ALA A 452 21.15 -47.25 31.69
C ALA A 452 22.04 -47.33 30.44
N ALA A 453 22.61 -46.20 30.03
CA ALA A 453 23.63 -46.18 28.97
C ALA A 453 25.00 -46.52 29.55
N GLU A 454 25.92 -46.93 28.67
CA GLU A 454 27.29 -47.30 29.05
C GLU A 454 27.30 -48.42 30.09
N GLN B 5 34.62 2.69 -26.07
CA GLN B 5 33.34 3.50 -26.01
C GLN B 5 32.42 3.33 -27.25
N ILE B 6 32.69 2.38 -28.12
CA ILE B 6 32.00 2.27 -29.42
C ILE B 6 30.61 1.58 -29.33
N PRO B 7 29.51 2.34 -29.53
CA PRO B 7 28.22 1.66 -29.58
C PRO B 7 28.11 0.68 -30.72
N VAL B 8 27.26 -0.32 -30.52
CA VAL B 8 27.09 -1.36 -31.54
C VAL B 8 26.31 -0.85 -32.75
N THR B 9 26.45 -1.56 -33.86
CA THR B 9 25.65 -1.25 -35.02
C THR B 9 24.18 -1.60 -34.71
N PRO B 10 23.23 -0.99 -35.45
CA PRO B 10 21.81 -1.34 -35.28
C PRO B 10 21.51 -2.85 -35.45
N ASP B 11 22.16 -3.51 -36.42
CA ASP B 11 21.94 -4.95 -36.61
C ASP B 11 22.42 -5.76 -35.38
N VAL B 12 23.55 -5.39 -34.81
CA VAL B 12 24.03 -6.10 -33.63
C VAL B 12 23.15 -5.76 -32.47
N HIS B 13 22.75 -4.48 -32.35
CA HIS B 13 21.76 -4.12 -31.36
C HIS B 13 20.49 -5.00 -31.39
N TYR B 14 19.91 -5.18 -32.57
CA TYR B 14 18.73 -6.00 -32.73
C TYR B 14 18.99 -7.41 -32.21
N ASP B 15 20.15 -7.94 -32.56
CA ASP B 15 20.45 -9.33 -32.16
C ASP B 15 20.58 -9.49 -30.64
N ILE B 16 21.10 -8.47 -29.98
CA ILE B 16 21.23 -8.49 -28.51
C ILE B 16 19.85 -8.40 -27.87
N GLU B 17 19.00 -7.51 -28.37
CA GLU B 17 17.63 -7.44 -27.89
C GLU B 17 16.85 -8.77 -28.06
N ALA B 18 16.99 -9.39 -29.23
CA ALA B 18 16.36 -10.66 -29.50
C ALA B 18 16.85 -11.78 -28.54
N HIS B 19 18.16 -11.81 -28.27
CA HIS B 19 18.74 -12.67 -27.25
C HIS B 19 18.10 -12.43 -25.85
N TYR B 20 18.04 -11.18 -25.44
CA TYR B 20 17.43 -10.83 -24.16
C TYR B 20 15.94 -11.20 -24.10
N ARG B 21 15.20 -10.99 -25.18
CA ARG B 21 13.76 -11.38 -25.23
C ARG B 21 13.59 -12.88 -25.08
N ALA B 22 14.50 -13.65 -25.70
CA ALA B 22 14.45 -15.12 -25.59
C ALA B 22 14.78 -15.58 -24.18
N GLU B 23 15.75 -14.89 -23.58
CA GLU B 23 16.13 -15.13 -22.20
C GLU B 23 14.94 -14.94 -21.27
N VAL B 24 14.32 -13.77 -21.35
CA VAL B 24 13.10 -13.51 -20.61
C VAL B 24 12.05 -14.60 -20.79
N ARG B 25 11.87 -15.06 -22.02
CA ARG B 25 10.88 -16.11 -22.27
C ARG B 25 11.25 -17.40 -21.52
N MET B 26 12.53 -17.72 -21.49
CA MET B 26 12.94 -18.85 -20.80
CA MET B 26 12.93 -18.86 -20.81
C MET B 26 12.72 -18.76 -19.28
N PHE B 27 12.93 -17.59 -18.69
CA PHE B 27 12.63 -17.36 -17.28
C PHE B 27 11.15 -17.51 -16.97
N GLN B 28 10.32 -16.90 -17.80
CA GLN B 28 8.87 -16.83 -17.60
C GLN B 28 8.21 -18.18 -17.78
N THR B 29 8.85 -19.08 -18.50
CA THR B 29 8.30 -20.41 -18.78
C THR B 29 8.98 -21.51 -17.99
N GLY B 30 9.93 -21.16 -17.14
CA GLY B 30 10.62 -22.11 -16.32
C GLY B 30 11.62 -23.00 -17.03
N GLN B 31 12.11 -22.56 -18.21
CA GLN B 31 13.13 -23.32 -18.95
C GLN B 31 14.55 -22.99 -18.51
N TYR B 32 14.84 -23.21 -17.23
CA TYR B 32 16.12 -22.82 -16.65
C TYR B 32 17.32 -23.62 -17.14
N ARG B 33 17.12 -24.89 -17.40
CA ARG B 33 18.21 -25.73 -17.86
C ARG B 33 18.64 -25.34 -19.27
N GLU B 34 17.66 -25.11 -20.12
CA GLU B 34 17.89 -24.61 -21.45
C GLU B 34 18.60 -23.25 -21.44
N TRP B 35 18.22 -22.40 -20.49
CA TRP B 35 18.90 -21.14 -20.26
C TRP B 35 20.38 -21.33 -19.91
N LEU B 36 20.62 -22.14 -18.88
CA LEU B 36 22.00 -22.40 -18.43
C LEU B 36 22.89 -22.96 -19.55
N GLN B 37 22.35 -23.86 -20.35
CA GLN B 37 23.08 -24.51 -21.47
C GLN B 37 23.38 -23.56 -22.59
N GLY B 38 22.33 -22.94 -23.12
CA GLY B 38 22.36 -22.13 -24.30
C GLY B 38 22.63 -20.64 -24.17
N MET B 39 22.42 -20.05 -22.98
CA MET B 39 22.56 -18.60 -22.84
CA MET B 39 22.55 -18.59 -22.82
C MET B 39 23.63 -18.16 -21.84
N VAL B 40 24.19 -19.09 -21.08
CA VAL B 40 25.17 -18.76 -20.03
C VAL B 40 26.47 -19.50 -20.27
N ALA B 41 27.57 -18.76 -20.27
CA ALA B 41 28.89 -19.29 -20.54
C ALA B 41 29.41 -20.00 -19.31
N GLU B 42 30.28 -20.98 -19.51
CA GLU B 42 30.81 -21.76 -18.39
C GLU B 42 31.74 -20.98 -17.46
N ASP B 43 32.29 -19.85 -17.92
CA ASP B 43 33.13 -19.00 -17.07
C ASP B 43 32.36 -17.83 -16.44
N ILE B 44 31.04 -17.99 -16.35
CA ILE B 44 30.14 -16.99 -15.81
C ILE B 44 30.53 -16.57 -14.40
N HIS B 45 30.38 -15.28 -14.12
CA HIS B 45 30.27 -14.79 -12.74
C HIS B 45 28.97 -14.02 -12.71
N TYR B 46 28.07 -14.45 -11.82
CA TYR B 46 26.75 -13.91 -11.71
C TYR B 46 26.70 -13.28 -10.33
N TRP B 47 26.58 -11.95 -10.27
CA TRP B 47 26.91 -11.16 -9.10
C TRP B 47 25.86 -10.07 -8.84
N MET B 48 25.30 -10.09 -7.63
CA MET B 48 24.32 -9.08 -7.13
C MET B 48 24.82 -8.52 -5.78
N PRO B 49 25.61 -7.45 -5.81
CA PRO B 49 26.23 -6.90 -4.58
C PRO B 49 25.25 -6.32 -3.67
N ILE B 50 25.62 -6.25 -2.39
CA ILE B 50 24.82 -5.48 -1.40
C ILE B 50 25.47 -4.08 -1.33
N TYR B 51 24.72 -3.06 -1.75
CA TYR B 51 25.16 -1.68 -1.68
C TYR B 51 24.56 -1.01 -0.42
N GLU B 52 25.41 -0.49 0.43
CA GLU B 52 24.88 0.17 1.59
C GLU B 52 24.65 1.66 1.27
N GLN B 53 23.80 2.29 2.06
CA GLN B 53 23.60 3.74 1.99
C GLN B 53 24.74 4.45 2.75
N ARG B 54 25.49 5.23 2.01
CA ARG B 54 26.63 5.93 2.59
C ARG B 54 26.52 7.37 2.31
N LEU B 55 27.06 8.18 3.20
CA LEU B 55 27.16 9.61 2.96
C LEU B 55 28.11 9.86 1.81
N THR B 56 27.81 10.89 1.02
CA THR B 56 28.72 11.31 -0.03
C THR B 56 30.18 11.50 0.42
N ARG B 57 30.40 11.99 1.64
CA ARG B 57 31.79 12.25 2.10
C ARG B 57 32.65 10.98 2.30
N ASP B 58 31.99 9.82 2.40
CA ASP B 58 32.63 8.54 2.57
C ASP B 58 33.49 8.20 1.35
N ARG B 59 34.76 7.87 1.56
CA ARG B 59 35.65 7.61 0.45
C ARG B 59 35.93 6.12 0.22
N ARG B 60 35.23 5.26 0.95
CA ARG B 60 35.40 3.82 0.85
C ARG B 60 35.03 3.32 -0.56
N PRO B 61 35.72 2.25 -0.98
CA PRO B 61 35.49 1.77 -2.32
C PRO B 61 34.17 1.02 -2.43
N ASP B 62 33.67 0.92 -3.65
CA ASP B 62 32.46 0.17 -4.00
C ASP B 62 32.62 -1.31 -3.71
N PRO B 63 31.50 -2.02 -3.53
CA PRO B 63 31.63 -3.46 -3.34
C PRO B 63 32.31 -4.19 -4.49
N THR B 64 33.19 -5.10 -4.10
CA THR B 64 33.81 -6.04 -5.00
C THR B 64 33.27 -7.44 -4.71
N PRO B 65 33.62 -8.42 -5.57
CA PRO B 65 33.26 -9.80 -5.38
C PRO B 65 33.82 -10.44 -4.12
N ASP B 66 34.71 -9.76 -3.39
CA ASP B 66 35.18 -10.30 -2.12
C ASP B 66 34.31 -9.80 -0.95
N ASP B 67 33.26 -9.05 -1.28
CA ASP B 67 32.36 -8.48 -0.25
C ASP B 67 30.99 -9.14 -0.27
N ALA B 68 30.21 -8.89 0.75
CA ALA B 68 28.84 -9.43 0.78
C ALA B 68 28.08 -9.19 -0.55
N ALA B 69 27.41 -10.23 -0.98
CA ALA B 69 26.53 -10.15 -2.13
C ALA B 69 25.43 -11.18 -2.01
N ILE B 70 24.26 -10.83 -2.55
CA ILE B 70 23.06 -11.72 -2.56
C ILE B 70 23.28 -12.89 -3.51
N TYR B 71 23.87 -12.59 -4.66
CA TYR B 71 24.41 -13.61 -5.55
C TYR B 71 25.91 -13.37 -5.80
N ASN B 72 26.68 -14.44 -5.78
CA ASN B 72 28.10 -14.40 -6.06
C ASN B 72 28.53 -15.80 -6.51
N ASP B 73 28.20 -16.13 -7.74
CA ASP B 73 28.17 -17.52 -8.20
C ASP B 73 28.99 -17.74 -9.44
N ASP B 74 29.60 -18.93 -9.48
CA ASP B 74 30.16 -19.50 -10.70
C ASP B 74 29.13 -20.46 -11.35
N PHE B 75 29.51 -21.11 -12.46
CA PHE B 75 28.55 -21.92 -13.20
C PHE B 75 27.98 -23.05 -12.39
N GLY B 76 28.81 -23.78 -11.68
CA GLY B 76 28.34 -24.87 -10.79
C GLY B 76 27.34 -24.44 -9.73
N GLU B 77 27.53 -23.23 -9.22
CA GLU B 77 26.66 -22.66 -8.21
C GLU B 77 25.34 -22.19 -8.84
N LEU B 78 25.40 -21.64 -10.05
CA LEU B 78 24.19 -21.39 -10.81
C LEU B 78 23.41 -22.68 -11.11
N LYS B 79 24.10 -23.76 -11.50
CA LYS B 79 23.47 -25.04 -11.77
C LYS B 79 22.71 -25.51 -10.55
N GLN B 80 23.35 -25.35 -9.40
CA GLN B 80 22.76 -25.73 -8.11
C GLN B 80 21.50 -24.92 -7.86
N ARG B 81 21.56 -23.60 -8.06
CA ARG B 81 20.37 -22.78 -7.90
C ARG B 81 19.26 -23.20 -8.85
N VAL B 82 19.59 -23.46 -10.11
CA VAL B 82 18.59 -23.86 -11.12
C VAL B 82 17.81 -25.14 -10.74
N GLU B 83 18.49 -26.13 -10.19
CA GLU B 83 17.82 -27.39 -9.79
C GLU B 83 16.82 -27.27 -8.64
N ARG B 84 17.06 -26.40 -7.67
CA ARG B 84 16.06 -26.16 -6.63
C ARG B 84 14.68 -26.04 -7.27
N LEU B 85 14.62 -25.46 -8.47
CA LEU B 85 13.33 -25.32 -9.12
C LEU B 85 12.92 -26.59 -9.92
N TYR B 86 13.77 -27.64 -9.89
CA TYR B 86 13.54 -28.94 -10.58
C TYR B 86 13.60 -30.13 -9.63
N SER B 87 14.78 -30.32 -9.05
CA SER B 87 15.11 -31.51 -8.26
C SER B 87 14.46 -31.49 -6.88
N GLY B 88 13.55 -30.53 -6.68
CA GLY B 88 12.83 -30.41 -5.44
C GLY B 88 11.36 -30.15 -5.61
N GLN B 89 10.59 -30.87 -4.80
CA GLN B 89 9.25 -30.44 -4.41
C GLN B 89 9.48 -29.31 -3.39
N VAL B 90 9.35 -28.07 -3.85
CA VAL B 90 9.41 -26.89 -3.02
C VAL B 90 7.97 -26.39 -2.86
N TRP B 91 7.44 -26.46 -1.64
CA TRP B 91 6.00 -26.30 -1.48
C TRP B 91 5.52 -24.88 -1.73
N MET B 92 6.35 -23.87 -1.43
CA MET B 92 5.99 -22.49 -1.81
C MET B 92 5.78 -22.31 -3.30
N GLU B 93 6.46 -23.12 -4.13
CA GLU B 93 6.32 -23.10 -5.57
C GLU B 93 5.42 -24.18 -6.10
N ASP B 94 4.47 -24.62 -5.28
CA ASP B 94 3.45 -25.51 -5.76
C ASP B 94 2.11 -24.77 -5.74
N PRO B 95 1.64 -24.27 -6.90
CA PRO B 95 2.25 -24.31 -8.23
C PRO B 95 3.25 -23.19 -8.39
N PRO B 96 4.05 -23.21 -9.45
CA PRO B 96 5.03 -22.14 -9.51
C PRO B 96 4.38 -20.72 -9.50
N SER B 97 5.03 -19.81 -8.81
CA SER B 97 4.63 -18.42 -8.82
C SER B 97 4.87 -17.87 -10.24
N LYS B 98 4.25 -16.74 -10.50
CA LYS B 98 4.30 -16.09 -11.79
C LYS B 98 5.32 -14.97 -11.79
N ILE B 99 6.02 -14.78 -12.90
CA ILE B 99 7.00 -13.69 -12.94
C ILE B 99 6.93 -13.11 -14.35
N ARG B 100 7.05 -11.81 -14.44
CA ARG B 100 7.05 -11.16 -15.75
C ARG B 100 8.07 -10.05 -15.79
N TYR B 101 8.85 -10.00 -16.86
CA TYR B 101 10.00 -9.09 -16.95
C TYR B 101 9.83 -8.06 -18.06
N PHE B 102 10.15 -6.81 -17.72
CA PHE B 102 10.12 -5.70 -18.63
C PHE B 102 11.51 -5.11 -18.75
N VAL B 103 12.17 -5.44 -19.86
CA VAL B 103 13.56 -5.09 -20.09
C VAL B 103 13.56 -3.89 -21.02
N SER B 104 14.26 -2.82 -20.63
CA SER B 104 14.32 -1.59 -21.41
C SER B 104 15.71 -0.96 -21.39
N ASN B 105 15.90 0.01 -22.30
CA ASN B 105 17.08 0.84 -22.35
C ASN B 105 18.32 0.00 -22.57
N VAL B 106 18.23 -1.00 -23.43
CA VAL B 106 19.37 -1.85 -23.74
C VAL B 106 20.38 -0.99 -24.53
N GLU B 107 21.62 -0.86 -24.03
CA GLU B 107 22.65 -0.14 -24.74
C GLU B 107 23.88 -1.03 -24.72
N ALA B 108 24.39 -1.30 -25.90
CA ALA B 108 25.53 -2.20 -26.07
C ALA B 108 26.72 -1.47 -26.70
N PHE B 109 27.92 -1.90 -26.30
CA PHE B 109 29.17 -1.23 -26.69
C PHE B 109 30.17 -2.32 -26.99
N GLU B 110 30.93 -2.17 -28.09
CA GLU B 110 31.98 -3.15 -28.45
C GLU B 110 33.15 -2.98 -27.46
N ALA B 111 33.57 -4.06 -26.82
CA ALA B 111 34.41 -3.91 -25.60
C ALA B 111 35.82 -4.43 -25.80
N GLY B 112 36.07 -5.00 -26.96
CA GLY B 112 37.35 -5.60 -27.23
C GLY B 112 37.31 -7.10 -27.13
N ASN B 113 38.20 -7.74 -27.89
CA ASN B 113 38.21 -9.19 -28.03
C ASN B 113 36.88 -9.79 -28.52
N GLY B 114 36.10 -9.03 -29.28
CA GLY B 114 34.78 -9.48 -29.73
C GLY B 114 33.69 -9.47 -28.65
N GLU B 115 34.02 -8.98 -27.48
CA GLU B 115 33.10 -9.04 -26.35
C GLU B 115 32.30 -7.77 -26.35
N LEU B 116 31.13 -7.83 -25.69
CA LEU B 116 30.16 -6.73 -25.68
C LEU B 116 29.85 -6.35 -24.26
N ASP B 117 29.89 -5.06 -23.97
CA ASP B 117 29.42 -4.53 -22.71
C ASP B 117 28.02 -4.05 -22.96
N VAL B 118 27.10 -4.56 -22.16
CA VAL B 118 25.65 -4.31 -22.31
C VAL B 118 24.97 -3.85 -21.02
N LEU B 119 24.38 -2.66 -21.10
CA LEU B 119 23.58 -2.07 -20.04
C LEU B 119 22.08 -2.29 -20.35
N SER B 120 21.30 -2.54 -19.32
CA SER B 120 19.85 -2.57 -19.46
C SER B 120 19.16 -2.26 -18.12
N ASN B 121 17.91 -1.79 -18.18
CA ASN B 121 17.03 -1.57 -17.04
C ASN B 121 16.01 -2.74 -16.97
N ILE B 122 15.76 -3.26 -15.77
CA ILE B 122 14.85 -4.37 -15.64
C ILE B 122 13.80 -4.08 -14.63
N LEU B 123 12.56 -4.31 -15.00
CA LEU B 123 11.43 -4.26 -14.08
C LEU B 123 10.82 -5.65 -14.02
N VAL B 124 10.69 -6.16 -12.79
CA VAL B 124 10.25 -7.54 -12.55
C VAL B 124 9.02 -7.50 -11.69
N TYR B 125 7.93 -8.00 -12.24
CA TYR B 125 6.66 -8.11 -11.56
C TYR B 125 6.41 -9.59 -11.23
N ARG B 126 6.11 -9.85 -9.97
CA ARG B 126 5.87 -11.18 -9.45
C ARG B 126 4.50 -11.27 -8.78
N ASN B 127 3.79 -12.37 -9.04
CA ASN B 127 2.49 -12.65 -8.40
C ASN B 127 2.47 -14.06 -7.88
N ARG B 128 1.87 -14.26 -6.72
CA ARG B 128 1.66 -15.61 -6.24
C ARG B 128 0.42 -15.63 -5.35
N ARG B 129 -0.02 -16.86 -5.17
CA ARG B 129 -1.21 -17.18 -4.37
C ARG B 129 -2.37 -16.28 -4.83
N GLN B 130 -3.08 -15.64 -3.91
CA GLN B 130 -4.33 -15.00 -4.30
C GLN B 130 -4.05 -13.53 -4.61
N THR B 131 -3.45 -12.84 -3.65
CA THR B 131 -3.32 -11.36 -3.71
C THR B 131 -1.86 -10.83 -3.59
N GLU B 132 -0.85 -11.74 -3.62
CA GLU B 132 0.53 -11.35 -3.41
C GLU B 132 1.15 -10.81 -4.68
N VAL B 133 1.73 -9.63 -4.59
CA VAL B 133 2.31 -8.92 -5.75
C VAL B 133 3.56 -8.21 -5.20
N THR B 134 4.69 -8.43 -5.83
CA THR B 134 5.89 -7.71 -5.51
C THR B 134 6.53 -7.23 -6.79
N VAL B 135 7.26 -6.14 -6.65
CA VAL B 135 7.87 -5.48 -7.83
C VAL B 135 9.29 -5.09 -7.56
N HIS B 136 10.19 -5.34 -8.52
CA HIS B 136 11.61 -5.03 -8.33
C HIS B 136 12.12 -4.27 -9.53
N THR B 137 13.02 -3.34 -9.31
CA THR B 137 13.75 -2.71 -10.39
C THR B 137 15.22 -2.82 -10.14
N LEU B 138 15.91 -3.09 -11.24
CA LEU B 138 17.37 -3.33 -11.26
C LEU B 138 18.04 -2.76 -12.52
N GLY B 139 19.31 -2.41 -12.37
CA GLY B 139 20.24 -2.20 -13.51
C GLY B 139 20.99 -3.51 -13.72
N ARG B 140 21.25 -3.84 -14.96
CA ARG B 140 21.99 -5.00 -15.30
C ARG B 140 23.20 -4.54 -16.15
N GLU B 141 24.38 -5.06 -15.81
CA GLU B 141 25.62 -4.77 -16.52
C GLU B 141 26.18 -6.14 -16.91
N ASP B 142 26.10 -6.47 -18.22
CA ASP B 142 26.60 -7.77 -18.77
C ASP B 142 27.84 -7.57 -19.59
N LYS B 143 28.69 -8.60 -19.64
CA LYS B 143 29.64 -8.84 -20.71
C LYS B 143 29.12 -10.08 -21.42
N LEU B 144 28.88 -9.95 -22.72
CA LEU B 144 28.44 -11.07 -23.56
C LEU B 144 29.51 -11.41 -24.57
N ARG B 145 29.55 -12.66 -25.02
CA ARG B 145 30.30 -12.97 -26.23
C ARG B 145 29.41 -13.72 -27.20
N ARG B 146 29.79 -13.62 -28.46
CA ARG B 146 29.13 -14.34 -29.53
C ARG B 146 29.34 -15.84 -29.36
N ASP B 147 28.25 -16.58 -29.54
CA ASP B 147 28.28 -18.02 -29.44
C ASP B 147 27.38 -18.57 -30.54
N GLY B 148 27.99 -19.07 -31.60
CA GLY B 148 27.24 -19.53 -32.79
C GLY B 148 26.52 -18.37 -33.44
N ASN B 149 25.22 -18.51 -33.64
CA ASN B 149 24.39 -17.43 -34.18
C ASN B 149 23.76 -16.60 -33.07
N GLY B 150 24.19 -16.79 -31.82
CA GLY B 150 23.66 -16.01 -30.70
C GLY B 150 24.76 -15.47 -29.77
N PHE B 151 24.45 -15.44 -28.48
CA PHE B 151 25.35 -14.91 -27.47
C PHE B 151 25.27 -15.80 -26.24
N LYS B 152 26.33 -15.75 -25.41
CA LYS B 152 26.25 -16.20 -24.03
C LYS B 152 26.78 -15.15 -23.08
N VAL B 153 26.20 -15.06 -21.88
CA VAL B 153 26.71 -14.11 -20.90
C VAL B 153 27.84 -14.77 -20.11
N PHE B 154 28.95 -14.05 -19.92
CA PHE B 154 30.04 -14.52 -19.10
C PHE B 154 30.29 -13.63 -17.91
N ARG B 155 29.67 -12.44 -17.86
CA ARG B 155 29.67 -11.66 -16.61
C ARG B 155 28.34 -10.98 -16.49
N ARG B 156 27.70 -11.08 -15.32
CA ARG B 156 26.42 -10.44 -15.09
C ARG B 156 26.46 -9.80 -13.74
N LYS B 157 26.32 -8.48 -13.73
CA LYS B 157 26.21 -7.74 -12.48
C LYS B 157 24.84 -7.12 -12.40
N LEU B 158 24.15 -7.34 -11.25
CA LEU B 158 22.77 -6.91 -11.02
C LEU B 158 22.76 -5.93 -9.88
N ILE B 159 22.25 -4.73 -10.14
CA ILE B 159 22.31 -3.63 -9.20
C ILE B 159 20.89 -3.31 -8.74
N LEU B 160 20.55 -3.71 -7.52
CA LEU B 160 19.23 -3.53 -7.01
C LEU B 160 18.93 -2.08 -6.71
N ASP B 161 17.72 -1.62 -7.03
CA ASP B 161 17.43 -0.23 -6.68
C ASP B 161 17.04 -0.03 -5.17
N ALA B 162 16.48 -1.03 -4.51
CA ALA B 162 15.95 -0.94 -3.14
C ALA B 162 16.97 -1.45 -2.13
N ARG B 163 17.24 -0.65 -1.11
CA ARG B 163 18.12 -1.08 -0.04
C ARG B 163 17.48 -2.23 0.78
N VAL B 164 16.21 -2.06 1.19
CA VAL B 164 15.44 -3.09 1.94
C VAL B 164 14.50 -3.75 0.95
N THR B 165 14.70 -5.04 0.72
CA THR B 165 13.92 -5.78 -0.30
C THR B 165 12.49 -6.01 0.25
N GLN B 166 11.47 -5.55 -0.48
CA GLN B 166 10.07 -5.70 -0.01
C GLN B 166 9.46 -6.92 -0.71
N ASP B 167 10.02 -8.08 -0.39
CA ASP B 167 9.52 -9.36 -0.94
C ASP B 167 10.05 -10.44 0.01
N LYS B 168 9.39 -11.60 0.02
CA LYS B 168 9.89 -12.75 0.76
C LYS B 168 11.29 -13.16 0.34
N ASN B 169 11.62 -13.02 -0.95
CA ASN B 169 12.91 -13.51 -1.43
C ASN B 169 13.27 -12.83 -2.74
N LEU B 170 14.48 -13.09 -3.19
CA LEU B 170 14.99 -12.64 -4.49
C LEU B 170 15.40 -13.84 -5.31
N TYR B 171 14.61 -14.92 -5.17
CA TYR B 171 14.85 -16.18 -5.87
C TYR B 171 14.23 -16.14 -7.27
N PHE B 172 14.84 -15.30 -8.10
CA PHE B 172 14.57 -15.27 -9.57
C PHE B 172 15.83 -14.84 -10.26
N PHE B 173 15.97 -15.24 -11.50
CA PHE B 173 17.13 -14.85 -12.29
C PHE B 173 16.87 -13.60 -13.11
N CYS B 174 17.95 -12.88 -13.42
CA CYS B 174 17.91 -11.79 -14.38
C CYS B 174 19.10 -11.93 -15.32
N THR C 6 -28.22 6.36 16.77
CA THR C 6 -28.93 5.06 16.48
C THR C 6 -28.44 4.58 15.13
N LEU C 7 -27.93 3.36 15.06
CA LEU C 7 -27.30 2.87 13.81
C LEU C 7 -28.35 2.59 12.74
N VAL C 8 -29.48 1.99 13.13
CA VAL C 8 -30.63 1.75 12.22
C VAL C 8 -31.90 2.19 12.96
N ASP C 9 -32.68 3.02 12.29
CA ASP C 9 -33.98 3.50 12.78
C ASP C 9 -35.00 2.76 11.93
N THR C 10 -35.66 1.77 12.52
CA THR C 10 -36.66 1.00 11.77
C THR C 10 -38.01 1.76 11.71
N VAL C 11 -38.23 2.71 12.61
CA VAL C 11 -39.44 3.51 12.63
C VAL C 11 -39.46 4.46 11.45
N ASN C 12 -38.35 5.17 11.22
CA ASN C 12 -38.31 6.20 10.20
C ASN C 12 -37.53 5.77 8.93
N ALA C 13 -37.07 4.52 8.90
CA ALA C 13 -36.33 3.94 7.79
C ALA C 13 -35.07 4.70 7.35
N SER C 14 -34.18 4.90 8.30
CA SER C 14 -32.88 5.53 8.04
C SER C 14 -31.77 4.80 8.77
N GLN C 15 -30.55 4.96 8.28
CA GLN C 15 -29.38 4.37 8.92
C GLN C 15 -28.28 5.39 9.13
N SER C 16 -27.48 5.21 10.17
CA SER C 16 -26.28 6.03 10.34
C SER C 16 -25.26 5.67 9.28
N ARG C 17 -24.59 6.68 8.73
CA ARG C 17 -23.46 6.48 7.83
C ARG C 17 -22.33 5.68 8.49
N GLN C 18 -22.29 5.67 9.81
CA GLN C 18 -21.31 4.85 10.51
C GLN C 18 -21.40 3.35 10.14
N VAL C 19 -22.59 2.87 9.76
CA VAL C 19 -22.68 1.43 9.45
C VAL C 19 -21.82 1.05 8.25
N PHE C 20 -21.44 1.99 7.40
CA PHE C 20 -20.54 1.68 6.26
C PHE C 20 -19.07 1.93 6.62
N TRP C 21 -18.82 2.48 7.80
CA TRP C 21 -17.49 3.04 8.11
C TRP C 21 -16.84 2.55 9.41
N ASP C 22 -17.61 2.51 10.47
CA ASP C 22 -17.01 2.32 11.79
C ASP C 22 -16.43 0.91 12.08
N GLU C 23 -15.17 0.91 12.55
CA GLU C 23 -14.46 -0.33 12.90
C GLU C 23 -15.15 -1.15 14.00
N ASP C 24 -15.70 -0.50 15.04
CA ASP C 24 -16.38 -1.22 16.13
C ASP C 24 -17.72 -1.84 15.68
N VAL C 25 -18.46 -1.12 14.83
CA VAL C 25 -19.67 -1.66 14.20
C VAL C 25 -19.28 -2.92 13.45
N TYR C 26 -18.26 -2.85 12.62
CA TYR C 26 -17.76 -4.03 11.92
C TYR C 26 -17.42 -5.21 12.81
N ALA C 27 -16.68 -4.95 13.87
CA ALA C 27 -16.36 -6.01 14.83
C ALA C 27 -17.61 -6.65 15.42
N LEU C 28 -18.65 -5.87 15.69
CA LEU C 28 -19.93 -6.41 16.14
C LEU C 28 -20.61 -7.25 15.09
N GLU C 29 -20.50 -6.84 13.83
CA GLU C 29 -21.02 -7.67 12.72
C GLU C 29 -20.33 -9.03 12.63
N ILE C 30 -19.03 -9.01 12.80
CA ILE C 30 -18.27 -10.25 12.75
C ILE C 30 -18.80 -11.19 13.83
N GLU C 31 -19.04 -10.66 15.05
CA GLU C 31 -19.52 -11.44 16.23
C GLU C 31 -20.95 -11.91 16.05
N ARG C 32 -21.85 -10.98 15.71
CA ARG C 32 -23.27 -11.20 15.78
C ARG C 32 -23.98 -11.51 14.46
N ILE C 33 -23.30 -11.31 13.34
CA ILE C 33 -23.81 -11.76 12.03
C ILE C 33 -22.95 -12.90 11.43
N PHE C 34 -21.71 -12.63 11.11
CA PHE C 34 -20.92 -13.62 10.40
C PHE C 34 -20.55 -14.88 11.19
N SER C 35 -20.41 -14.75 12.51
CA SER C 35 -20.14 -15.90 13.37
C SER C 35 -21.42 -16.59 13.85
N ARG C 36 -22.57 -16.10 13.40
CA ARG C 36 -23.87 -16.59 13.86
C ARG C 36 -24.77 -17.12 12.73
N ALA C 37 -24.68 -16.50 11.56
CA ALA C 37 -25.60 -16.78 10.46
C ALA C 37 -25.15 -17.95 9.57
N TRP C 38 -26.02 -18.39 8.66
CA TRP C 38 -25.58 -19.26 7.57
C TRP C 38 -24.98 -18.46 6.44
N LEU C 39 -23.76 -18.83 6.03
CA LEU C 39 -23.05 -18.12 4.96
C LEU C 39 -22.89 -19.03 3.76
N MET C 40 -23.07 -18.47 2.56
CA MET C 40 -22.85 -19.21 1.29
C MET C 40 -21.41 -19.69 1.09
N LEU C 41 -21.25 -21.01 0.90
CA LEU C 41 -19.96 -21.62 0.63
C LEU C 41 -19.80 -22.01 -0.82
N GLY C 42 -20.88 -22.46 -1.48
CA GLY C 42 -20.78 -22.84 -2.86
C GLY C 42 -21.99 -23.69 -3.20
N HIS C 43 -21.74 -24.71 -4.01
CA HIS C 43 -22.80 -25.62 -4.49
C HIS C 43 -22.19 -26.95 -4.73
N GLU C 44 -22.98 -28.01 -4.65
CA GLU C 44 -22.51 -29.37 -4.96
C GLU C 44 -21.84 -29.42 -6.32
N SER C 45 -22.31 -28.62 -7.27
CA SER C 45 -21.71 -28.60 -8.64
C SER C 45 -20.25 -28.17 -8.70
N LEU C 46 -19.79 -27.45 -7.68
CA LEU C 46 -18.39 -27.02 -7.56
C LEU C 46 -17.51 -28.13 -6.96
N VAL C 47 -18.15 -29.10 -6.26
CA VAL C 47 -17.43 -30.23 -5.61
C VAL C 47 -18.20 -31.54 -5.88
N PRO C 48 -18.36 -31.88 -7.19
CA PRO C 48 -19.34 -32.85 -7.62
C PRO C 48 -19.03 -34.31 -7.30
N LYS C 49 -17.75 -34.68 -7.19
CA LYS C 49 -17.32 -36.06 -7.02
C LYS C 49 -16.67 -36.21 -5.68
N PRO C 50 -16.67 -37.43 -5.12
CA PRO C 50 -16.00 -37.64 -3.83
C PRO C 50 -14.58 -37.28 -3.89
N GLY C 51 -14.12 -36.61 -2.84
CA GLY C 51 -12.81 -36.09 -2.77
C GLY C 51 -12.66 -34.68 -3.34
N ASP C 52 -13.65 -34.18 -4.09
CA ASP C 52 -13.54 -32.84 -4.67
C ASP C 52 -13.61 -31.80 -3.54
N PHE C 53 -12.80 -30.75 -3.65
CA PHE C 53 -12.85 -29.66 -2.67
C PHE C 53 -12.75 -28.31 -3.35
N ILE C 54 -13.17 -27.29 -2.59
CA ILE C 54 -12.78 -25.92 -2.90
C ILE C 54 -12.27 -25.23 -1.62
N THR C 55 -11.44 -24.20 -1.81
CA THR C 55 -11.09 -23.27 -0.74
C THR C 55 -11.98 -22.02 -0.90
N THR C 56 -12.45 -21.51 0.21
CA THR C 56 -13.32 -20.31 0.19
C THR C 56 -13.25 -19.60 1.55
N TYR C 57 -14.05 -18.55 1.71
CA TYR C 57 -14.08 -17.77 2.91
C TYR C 57 -15.41 -17.84 3.59
N MET C 58 -15.36 -17.77 4.91
CA MET C 58 -16.53 -17.38 5.74
C MET C 58 -16.10 -16.09 6.44
N ALA C 59 -16.57 -14.98 5.87
CA ALA C 59 -16.12 -13.64 6.25
C ALA C 59 -14.60 -13.58 6.08
N GLU C 60 -13.80 -13.44 7.16
CA GLU C 60 -12.35 -13.35 7.02
C GLU C 60 -11.64 -14.68 7.34
N ASP C 61 -12.40 -15.72 7.67
CA ASP C 61 -11.80 -17.03 7.89
C ASP C 61 -11.73 -17.84 6.61
N LYS C 62 -10.57 -18.39 6.32
CA LYS C 62 -10.38 -19.32 5.21
C LYS C 62 -10.92 -20.68 5.63
N VAL C 63 -11.66 -21.31 4.73
CA VAL C 63 -12.23 -22.63 4.95
C VAL C 63 -11.98 -23.55 3.75
N ILE C 64 -11.97 -24.86 4.02
CA ILE C 64 -11.98 -25.88 3.00
C ILE C 64 -13.33 -26.57 3.01
N LEU C 65 -13.97 -26.67 1.84
CA LEU C 65 -15.24 -27.38 1.67
C LEU C 65 -14.94 -28.65 0.84
N SER C 66 -15.27 -29.81 1.40
CA SER C 66 -14.92 -31.07 0.77
C SER C 66 -16.14 -32.01 0.67
N HIS C 67 -16.31 -32.57 -0.51
CA HIS C 67 -17.22 -33.68 -0.80
C HIS C 67 -16.54 -34.93 -0.21
N GLN C 68 -17.06 -35.43 0.92
CA GLN C 68 -16.51 -36.61 1.60
C GLN C 68 -16.65 -37.90 0.79
N SER C 69 -15.74 -38.86 1.00
CA SER C 69 -15.89 -40.20 0.38
C SER C 69 -17.28 -40.79 0.66
N ASP C 70 -17.88 -40.45 1.80
CA ASP C 70 -19.21 -41.03 2.14
C ASP C 70 -20.41 -40.29 1.52
N GLY C 71 -20.13 -39.25 0.76
CA GLY C 71 -21.17 -38.50 0.08
C GLY C 71 -21.71 -37.29 0.79
N THR C 72 -21.32 -37.11 2.05
CA THR C 72 -21.69 -35.91 2.75
C THR C 72 -20.76 -34.77 2.38
N PHE C 73 -21.11 -33.55 2.78
CA PHE C 73 -20.28 -32.36 2.55
C PHE C 73 -19.87 -31.87 3.90
N ARG C 74 -18.57 -31.64 4.09
CA ARG C 74 -18.03 -31.14 5.35
C ARG C 74 -17.09 -29.95 5.05
N ALA C 75 -16.91 -29.10 6.05
CA ALA C 75 -16.02 -27.96 5.96
C ALA C 75 -15.25 -27.79 7.24
N PHE C 76 -14.08 -27.17 7.10
CA PHE C 76 -13.22 -26.86 8.26
C PHE C 76 -12.36 -25.63 8.02
N ILE C 77 -11.90 -25.07 9.11
CA ILE C 77 -11.05 -23.86 9.08
C ILE C 77 -9.73 -24.29 8.47
N ASN C 78 -9.22 -23.56 7.46
CA ASN C 78 -8.05 -23.95 6.70
C ASN C 78 -6.77 -23.51 7.43
N SER C 79 -6.58 -23.97 8.67
CA SER C 79 -5.46 -23.59 9.54
C SER C 79 -4.99 -24.81 10.32
N CYS C 80 -3.71 -25.14 10.18
CA CYS C 80 -3.07 -26.25 10.82
C CYS C 80 -3.13 -26.11 12.35
N SER C 81 -3.45 -27.20 13.01
CA SER C 81 -3.45 -27.29 14.47
C SER C 81 -2.06 -27.34 15.12
N HIS C 82 -0.96 -27.31 14.33
CA HIS C 82 0.39 -27.30 14.89
C HIS C 82 0.79 -25.84 15.15
N ARG C 83 1.33 -25.17 14.13
CA ARG C 83 1.69 -23.73 14.24
C ARG C 83 0.73 -22.77 13.48
N GLY C 84 -0.34 -23.28 12.88
CA GLY C 84 -1.35 -22.41 12.28
C GLY C 84 -1.34 -22.21 10.78
N ASN C 85 -0.32 -22.69 10.15
CA ASN C 85 -0.20 -22.44 8.73
C ASN C 85 -1.44 -22.86 7.93
N GLN C 86 -1.70 -22.12 6.84
CA GLN C 86 -2.74 -22.51 5.91
C GLN C 86 -2.45 -23.92 5.38
N ILE C 87 -3.48 -24.77 5.47
CA ILE C 87 -3.36 -26.18 5.13
C ILE C 87 -3.28 -26.36 3.62
N CYS C 88 -4.23 -25.78 2.90
CA CYS C 88 -4.24 -25.94 1.42
C CYS C 88 -4.43 -24.59 0.73
N HIS C 89 -3.58 -24.38 -0.30
CA HIS C 89 -3.58 -23.15 -1.13
C HIS C 89 -4.28 -23.29 -2.47
N ALA C 90 -4.67 -24.50 -2.86
CA ALA C 90 -5.29 -24.66 -4.18
C ALA C 90 -6.73 -24.14 -4.12
N ASP C 91 -7.20 -23.54 -5.20
CA ASP C 91 -8.59 -23.05 -5.31
C ASP C 91 -9.58 -24.22 -5.31
N SER C 92 -9.16 -25.31 -5.95
CA SER C 92 -9.98 -26.52 -6.13
C SER C 92 -9.09 -27.70 -6.51
N GLY C 93 -9.68 -28.89 -6.38
CA GLY C 93 -8.99 -30.12 -6.69
C GLY C 93 -9.75 -31.28 -6.12
N ASN C 94 -9.04 -32.41 -6.09
CA ASN C 94 -9.55 -33.64 -5.52
C ASN C 94 -8.49 -34.14 -4.55
N ALA C 95 -8.90 -34.44 -3.33
CA ALA C 95 -7.96 -34.79 -2.27
C ALA C 95 -8.53 -35.82 -1.32
N LYS C 96 -7.81 -36.92 -1.11
CA LYS C 96 -8.17 -37.84 0.00
C LYS C 96 -7.64 -37.34 1.36
N ALA C 97 -6.68 -36.42 1.31
CA ALA C 97 -6.08 -35.80 2.48
C ALA C 97 -5.38 -34.51 2.08
N PHE C 98 -5.19 -33.65 3.06
CA PHE C 98 -4.51 -32.39 2.88
C PHE C 98 -3.31 -32.39 3.78
N VAL C 99 -2.20 -31.90 3.27
CA VAL C 99 -0.98 -31.89 4.05
C VAL C 99 -0.48 -30.50 4.27
N CYS C 100 -0.25 -30.12 5.52
CA CYS C 100 0.36 -28.84 5.82
C CYS C 100 1.80 -28.85 5.37
N ASN C 101 2.19 -27.86 4.58
CA ASN C 101 3.49 -27.72 3.96
C ASN C 101 4.68 -27.38 4.91
N TYR C 102 4.42 -27.00 6.17
CA TYR C 102 5.50 -26.54 7.01
C TYR C 102 6.19 -27.77 7.59
N HIS C 103 5.46 -28.66 8.29
CA HIS C 103 6.02 -29.89 8.89
C HIS C 103 5.40 -31.21 8.39
N GLY C 104 4.37 -31.13 7.56
CA GLY C 104 3.78 -32.31 6.97
C GLY C 104 2.70 -32.96 7.75
N TRP C 105 2.08 -32.26 8.73
CA TRP C 105 0.89 -32.84 9.35
C TRP C 105 -0.21 -33.07 8.32
N VAL C 106 -0.91 -34.21 8.44
CA VAL C 106 -1.87 -34.67 7.42
C VAL C 106 -3.32 -34.64 7.96
N PHE C 107 -4.17 -33.94 7.22
CA PHE C 107 -5.57 -33.75 7.64
C PHE C 107 -6.52 -34.48 6.68
N GLY C 108 -7.53 -35.10 7.25
CA GLY C 108 -8.55 -35.83 6.50
C GLY C 108 -9.51 -34.90 5.83
N GLN C 109 -10.50 -35.50 5.17
CA GLN C 109 -11.39 -34.73 4.35
C GLN C 109 -12.33 -33.92 5.20
N ASP C 110 -12.46 -34.25 6.48
CA ASP C 110 -13.30 -33.46 7.36
C ASP C 110 -12.52 -32.60 8.31
N GLY C 111 -11.21 -32.57 8.14
CA GLY C 111 -10.33 -31.78 8.94
C GLY C 111 -9.71 -32.47 10.11
N SER C 112 -10.05 -33.74 10.32
CA SER C 112 -9.38 -34.59 11.32
C SER C 112 -7.87 -34.61 11.13
N LEU C 113 -7.12 -34.56 12.22
CA LEU C 113 -5.66 -34.80 12.16
C LEU C 113 -5.44 -36.31 12.07
N VAL C 114 -5.08 -36.80 10.89
CA VAL C 114 -5.05 -38.25 10.63
C VAL C 114 -3.67 -38.89 10.75
N ASP C 115 -2.62 -38.10 10.54
CA ASP C 115 -1.27 -38.60 10.67
C ASP C 115 -0.31 -37.46 10.88
N VAL C 116 0.76 -37.72 11.62
CA VAL C 116 1.86 -36.75 11.71
C VAL C 116 3.21 -37.45 11.44
N PRO C 117 4.09 -36.84 10.64
CA PRO C 117 5.40 -37.40 10.44
C PRO C 117 6.08 -37.60 11.80
N LEU C 118 6.76 -38.74 11.94
CA LEU C 118 7.61 -39.05 13.09
C LEU C 118 6.81 -39.15 14.37
N GLU C 119 5.55 -39.60 14.22
CA GLU C 119 4.64 -39.69 15.32
C GLU C 119 5.18 -40.64 16.42
N SER C 120 5.80 -41.72 15.99
CA SER C 120 6.33 -42.69 16.94
C SER C 120 7.70 -42.26 17.44
N ARG C 121 8.60 -41.96 16.49
CA ARG C 121 9.95 -41.60 16.81
C ARG C 121 10.12 -40.33 17.63
N CYS C 122 9.43 -39.27 17.22
CA CYS C 122 9.66 -37.95 17.79
C CYS C 122 8.58 -37.51 18.77
N TYR C 123 7.33 -37.91 18.50
CA TYR C 123 6.23 -37.65 19.47
C TYR C 123 5.99 -38.78 20.47
N HIS C 124 6.64 -39.91 20.26
CA HIS C 124 6.53 -41.04 21.19
C HIS C 124 5.06 -41.49 21.38
N ASN C 125 4.29 -41.39 20.28
CA ASN C 125 2.83 -41.65 20.28
C ASN C 125 2.04 -40.94 21.37
N SER C 126 2.43 -39.71 21.71
CA SER C 126 1.84 -39.01 22.83
C SER C 126 0.99 -37.88 22.38
N LEU C 127 0.94 -37.71 21.07
CA LEU C 127 0.16 -36.63 20.49
C LEU C 127 -1.32 -37.03 20.44
N ASP C 128 -2.21 -36.23 21.05
CA ASP C 128 -3.62 -36.59 21.10
C ASP C 128 -4.30 -36.04 19.85
N LYS C 129 -4.21 -36.80 18.75
CA LYS C 129 -4.66 -36.31 17.46
C LYS C 129 -6.16 -35.98 17.41
N GLN C 130 -6.99 -36.69 18.21
CA GLN C 130 -8.42 -36.39 18.28
C GLN C 130 -8.77 -35.01 18.75
N LYS C 131 -7.94 -34.39 19.59
CA LYS C 131 -8.17 -33.03 20.02
C LYS C 131 -7.53 -31.99 19.08
N LEU C 132 -6.91 -32.41 18.00
CA LEU C 132 -6.13 -31.49 17.13
C LEU C 132 -6.70 -31.39 15.71
N ALA C 133 -7.97 -31.72 15.54
CA ALA C 133 -8.65 -31.49 14.26
C ALA C 133 -8.63 -30.02 13.94
N ALA C 134 -8.54 -29.73 12.66
CA ALA C 134 -8.80 -28.35 12.18
C ALA C 134 -10.25 -28.10 12.51
N LYS C 135 -10.58 -26.87 12.89
CA LYS C 135 -11.88 -26.58 13.47
C LYS C 135 -12.98 -26.86 12.46
N SER C 136 -13.95 -27.70 12.84
CA SER C 136 -15.07 -28.00 11.98
C SER C 136 -16.01 -26.80 11.85
N VAL C 137 -16.63 -26.71 10.70
CA VAL C 137 -17.67 -25.76 10.45
C VAL C 137 -18.97 -26.55 10.12
N ARG C 138 -20.10 -26.21 10.72
CA ARG C 138 -21.34 -26.89 10.34
C ARG C 138 -21.68 -26.61 8.88
N VAL C 139 -22.06 -27.66 8.13
CA VAL C 139 -22.46 -27.53 6.73
C VAL C 139 -23.85 -28.14 6.52
N GLU C 140 -24.73 -27.36 5.88
CA GLU C 140 -26.07 -27.81 5.44
C GLU C 140 -26.33 -27.40 4.00
N THR C 141 -27.23 -28.10 3.32
CA THR C 141 -27.49 -27.88 1.87
C THR C 141 -29.00 -27.59 1.66
N TYR C 142 -29.25 -26.70 0.71
CA TYR C 142 -30.60 -26.37 0.27
C TYR C 142 -30.60 -26.42 -1.25
N LYS C 143 -31.27 -27.40 -1.82
CA LYS C 143 -31.34 -27.55 -3.29
C LYS C 143 -29.97 -27.53 -3.98
N GLY C 144 -28.99 -28.19 -3.36
CA GLY C 144 -27.63 -28.22 -3.89
C GLY C 144 -26.70 -27.08 -3.45
N PHE C 145 -27.26 -25.96 -2.96
CA PHE C 145 -26.47 -24.85 -2.44
C PHE C 145 -25.97 -25.16 -1.04
N ILE C 146 -24.72 -24.87 -0.83
CA ILE C 146 -24.00 -25.26 0.36
C ILE C 146 -23.70 -24.04 1.22
N PHE C 147 -24.21 -24.08 2.43
CA PHE C 147 -23.97 -23.03 3.41
C PHE C 147 -23.21 -23.59 4.64
N GLY C 148 -22.45 -22.71 5.30
CA GLY C 148 -21.83 -22.99 6.61
C GLY C 148 -22.24 -22.07 7.73
N CYS C 149 -21.99 -22.52 8.96
CA CYS C 149 -22.36 -21.76 10.16
C CYS C 149 -21.48 -22.18 11.30
N HIS C 150 -20.99 -21.19 12.04
CA HIS C 150 -20.12 -21.40 13.20
C HIS C 150 -20.86 -21.57 14.53
N ASP C 151 -22.14 -21.32 14.58
CA ASP C 151 -22.86 -21.26 15.88
C ASP C 151 -23.69 -22.54 16.03
N PRO C 152 -23.31 -23.41 16.94
CA PRO C 152 -24.15 -24.62 17.15
C PRO C 152 -25.57 -24.36 17.62
N GLU C 153 -25.89 -23.13 18.03
CA GLU C 153 -27.26 -22.78 18.45
C GLU C 153 -28.09 -22.19 17.32
N ALA C 154 -27.51 -22.06 16.14
CA ALA C 154 -28.26 -21.51 15.05
C ALA C 154 -29.44 -22.41 14.68
N PRO C 155 -30.53 -21.83 14.19
CA PRO C 155 -31.56 -22.67 13.55
C PRO C 155 -31.01 -23.49 12.37
N SER C 156 -31.75 -24.52 11.93
CA SER C 156 -31.39 -25.22 10.70
C SER C 156 -31.31 -24.25 9.56
N LEU C 157 -30.59 -24.61 8.51
CA LEU C 157 -30.58 -23.76 7.31
C LEU C 157 -32.01 -23.57 6.78
N GLU C 158 -32.77 -24.67 6.76
CA GLU C 158 -34.13 -24.70 6.30
C GLU C 158 -34.95 -23.59 7.02
N ASP C 159 -34.78 -23.48 8.32
CA ASP C 159 -35.51 -22.51 9.15
C ASP C 159 -34.91 -21.07 8.99
N TYR C 160 -33.61 -20.97 8.71
CA TYR C 160 -32.96 -19.65 8.49
C TYR C 160 -33.46 -19.00 7.17
N LEU C 161 -33.61 -19.82 6.12
CA LEU C 161 -34.24 -19.36 4.89
C LEU C 161 -35.73 -19.10 5.12
N GLY C 162 -36.36 -20.05 5.81
CA GLY C 162 -37.70 -19.82 6.33
C GLY C 162 -38.70 -19.61 5.20
N GLU C 163 -39.51 -18.57 5.32
CA GLU C 163 -40.53 -18.31 4.30
C GLU C 163 -39.89 -17.90 2.96
N PHE C 164 -38.61 -17.54 2.99
CA PHE C 164 -37.92 -17.23 1.73
C PHE C 164 -37.88 -18.45 0.79
N ARG C 165 -37.97 -19.64 1.37
CA ARG C 165 -38.06 -20.88 0.60
C ARG C 165 -39.24 -20.93 -0.42
N TYR C 166 -40.36 -20.31 -0.09
CA TYR C 166 -41.50 -20.20 -1.02
C TYR C 166 -40.98 -19.65 -2.34
N TYR C 167 -40.14 -18.63 -2.24
CA TYR C 167 -39.62 -17.97 -3.45
C TYR C 167 -38.51 -18.79 -4.14
N LEU C 168 -37.49 -19.18 -3.38
CA LEU C 168 -36.37 -19.97 -3.90
C LEU C 168 -36.80 -21.29 -4.54
N ASP C 169 -37.85 -21.93 -4.04
CA ASP C 169 -38.36 -23.16 -4.63
C ASP C 169 -38.77 -22.93 -6.09
N THR C 170 -39.24 -21.71 -6.42
CA THR C 170 -39.64 -21.40 -7.82
C THR C 170 -38.53 -21.62 -8.85
N ILE C 171 -37.29 -21.27 -8.45
CA ILE C 171 -36.16 -21.32 -9.35
C ILE C 171 -35.14 -22.39 -8.97
N TRP C 172 -34.98 -22.69 -7.66
CA TRP C 172 -34.01 -23.69 -7.24
C TRP C 172 -34.62 -25.08 -7.19
N GLU C 173 -35.91 -25.17 -7.52
CA GLU C 173 -36.53 -26.42 -7.90
C GLU C 173 -37.15 -26.25 -9.30
N GLY C 174 -38.03 -25.26 -9.45
CA GLY C 174 -38.55 -24.93 -10.76
C GLY C 174 -39.29 -26.09 -11.40
N ALA C 175 -39.04 -26.35 -12.67
CA ALA C 175 -39.67 -27.47 -13.39
C ALA C 175 -39.18 -28.83 -12.94
N GLY C 176 -38.17 -28.84 -12.05
CA GLY C 176 -37.69 -30.07 -11.43
C GLY C 176 -36.20 -30.19 -11.33
N GLY C 177 -35.47 -29.42 -12.14
CA GLY C 177 -34.03 -29.57 -12.23
C GLY C 177 -33.27 -28.62 -11.35
N GLY C 178 -33.91 -27.54 -10.95
CA GLY C 178 -33.26 -26.49 -10.18
C GLY C 178 -32.08 -25.84 -10.86
N MET C 179 -31.16 -25.33 -10.04
CA MET C 179 -30.01 -24.56 -10.57
C MET C 179 -28.71 -25.03 -9.92
N GLU C 180 -27.60 -24.63 -10.54
CA GLU C 180 -26.26 -24.97 -10.08
C GLU C 180 -25.27 -23.83 -10.39
N LEU C 181 -24.07 -23.90 -9.83
CA LEU C 181 -23.03 -22.89 -10.05
C LEU C 181 -21.97 -23.37 -10.97
N LEU C 182 -21.53 -22.47 -11.86
CA LEU C 182 -20.40 -22.71 -12.73
C LEU C 182 -19.25 -21.81 -12.25
N GLY C 183 -18.12 -22.46 -12.04
CA GLY C 183 -16.88 -21.83 -11.64
C GLY C 183 -15.91 -22.05 -12.79
N PRO C 184 -14.67 -21.62 -12.63
CA PRO C 184 -14.14 -20.98 -11.43
C PRO C 184 -14.66 -19.57 -11.31
N PRO C 185 -14.67 -19.03 -10.11
CA PRO C 185 -15.19 -17.68 -9.89
C PRO C 185 -14.16 -16.64 -10.34
N MET C 186 -14.64 -15.52 -10.81
CA MET C 186 -13.88 -14.28 -10.83
C MET C 186 -13.69 -13.83 -9.38
N LYS C 187 -12.57 -13.20 -9.08
CA LYS C 187 -12.28 -12.68 -7.73
C LYS C 187 -11.63 -11.31 -7.91
N SER C 188 -12.21 -10.32 -7.25
CA SER C 188 -11.63 -8.97 -7.27
C SER C 188 -11.82 -8.29 -5.94
N LEU C 189 -10.89 -7.35 -5.63
CA LEU C 189 -11.01 -6.49 -4.46
C LEU C 189 -11.80 -5.23 -4.83
N LEU C 190 -12.70 -4.81 -3.97
CA LEU C 190 -13.43 -3.60 -4.16
C LEU C 190 -13.38 -2.83 -2.84
N GLN C 191 -13.02 -1.55 -2.88
CA GLN C 191 -12.84 -0.80 -1.63
C GLN C 191 -14.15 -0.18 -1.17
N CYS C 192 -15.04 -1.04 -0.69
CA CYS C 192 -16.35 -0.66 -0.14
C CYS C 192 -16.72 -1.55 1.02
N ASN C 193 -17.66 -1.09 1.83
CA ASN C 193 -18.25 -1.92 2.86
C ASN C 193 -19.09 -3.02 2.20
N TRP C 194 -19.14 -4.19 2.80
CA TRP C 194 -19.91 -5.29 2.24
C TRP C 194 -21.40 -5.00 2.08
N LYS C 195 -21.96 -4.08 2.87
CA LYS C 195 -23.41 -3.79 2.80
C LYS C 195 -23.81 -2.97 1.58
N VAL C 196 -22.88 -2.24 0.97
CA VAL C 196 -23.27 -1.41 -0.16
C VAL C 196 -23.70 -2.30 -1.32
N PRO C 197 -22.83 -3.26 -1.71
CA PRO C 197 -23.36 -4.18 -2.75
C PRO C 197 -24.52 -5.08 -2.27
N ALA C 198 -24.51 -5.55 -1.02
CA ALA C 198 -25.60 -6.38 -0.52
C ALA C 198 -26.96 -5.66 -0.70
N GLU C 199 -27.03 -4.38 -0.31
CA GLU C 199 -28.27 -3.59 -0.45
C GLU C 199 -28.55 -3.26 -1.94
N ASN C 200 -27.52 -3.03 -2.75
CA ASN C 200 -27.74 -2.75 -4.17
C ASN C 200 -28.49 -3.92 -4.84
N PHE C 201 -28.06 -5.15 -4.58
CA PHE C 201 -28.69 -6.32 -5.17
C PHE C 201 -29.99 -6.74 -4.52
N ILE C 202 -30.18 -6.44 -3.24
CA ILE C 202 -31.41 -6.88 -2.56
C ILE C 202 -32.62 -6.06 -3.04
N GLY C 203 -32.37 -4.84 -3.48
CA GLY C 203 -33.48 -3.94 -3.69
C GLY C 203 -33.34 -2.78 -4.62
N ASP C 204 -32.18 -2.60 -5.28
CA ASP C 204 -31.92 -1.30 -5.94
C ASP C 204 -32.35 -1.29 -7.41
N GLY C 205 -33.64 -1.41 -7.63
CA GLY C 205 -34.19 -1.22 -8.96
C GLY C 205 -33.97 0.19 -9.41
N TYR C 206 -34.02 1.13 -8.45
CA TYR C 206 -33.92 2.58 -8.74
C TYR C 206 -32.70 2.94 -9.55
N HIS C 207 -31.55 2.37 -9.16
CA HIS C 207 -30.32 2.82 -9.76
C HIS C 207 -30.17 2.38 -11.21
N VAL C 208 -30.91 1.35 -11.60
CA VAL C 208 -30.64 0.65 -12.88
C VAL C 208 -30.78 1.59 -14.07
N GLY C 209 -31.88 2.35 -14.11
CA GLY C 209 -32.16 3.22 -15.21
C GLY C 209 -31.23 4.41 -15.23
N TRP C 210 -30.59 4.72 -14.10
CA TRP C 210 -29.72 5.90 -14.04
C TRP C 210 -28.26 5.48 -14.29
N THR C 211 -27.74 4.61 -13.42
CA THR C 211 -26.34 4.16 -13.57
C THR C 211 -26.10 3.40 -14.86
N HIS C 212 -27.04 2.54 -15.24
CA HIS C 212 -26.87 1.69 -16.41
C HIS C 212 -27.64 2.18 -17.65
N ALA C 213 -27.94 3.48 -17.72
CA ALA C 213 -28.75 3.99 -18.83
C ALA C 213 -28.11 3.67 -20.16
N ALA C 214 -26.78 3.86 -20.24
CA ALA C 214 -26.06 3.59 -21.51
C ALA C 214 -26.15 2.12 -21.89
N ALA C 215 -25.89 1.23 -20.92
CA ALA C 215 -25.90 -0.20 -21.23
C ALA C 215 -27.29 -0.65 -21.73
N LEU C 216 -28.34 -0.14 -21.10
CA LEU C 216 -29.72 -0.52 -21.46
C LEU C 216 -30.12 0.00 -22.84
N SER C 217 -29.68 1.22 -23.17
CA SER C 217 -29.98 1.79 -24.50
C SER C 217 -29.30 0.97 -25.59
N GLN C 218 -28.07 0.59 -25.35
CA GLN C 218 -27.30 -0.28 -26.23
C GLN C 218 -27.91 -1.66 -26.43
N ILE C 219 -28.25 -2.34 -25.34
CA ILE C 219 -28.81 -3.71 -25.38
C ILE C 219 -30.14 -3.70 -26.12
N GLY C 220 -30.90 -2.62 -25.95
CA GLY C 220 -32.20 -2.50 -26.58
C GLY C 220 -33.19 -3.41 -25.87
N GLY C 221 -34.26 -3.73 -26.58
CA GLY C 221 -35.27 -4.63 -26.07
C GLY C 221 -35.97 -4.14 -24.81
N GLU C 222 -36.22 -5.08 -23.91
CA GLU C 222 -37.30 -4.93 -22.94
C GLU C 222 -36.90 -3.91 -21.88
N LEU C 223 -35.85 -4.22 -21.14
CA LEU C 223 -35.34 -3.33 -20.09
C LEU C 223 -34.93 -1.91 -20.59
N ALA C 224 -34.80 -1.70 -21.90
CA ALA C 224 -34.36 -0.41 -22.45
C ALA C 224 -35.19 0.76 -21.94
N GLY C 225 -36.50 0.51 -21.80
CA GLY C 225 -37.44 1.50 -21.27
C GLY C 225 -37.01 2.12 -19.95
N LEU C 226 -36.26 1.38 -19.14
CA LEU C 226 -35.78 1.89 -17.84
C LEU C 226 -34.80 3.06 -17.96
N ALA C 227 -34.11 3.14 -19.09
CA ALA C 227 -33.02 4.10 -19.27
C ALA C 227 -33.50 5.53 -18.99
N GLY C 228 -32.82 6.20 -18.06
CA GLY C 228 -33.09 7.60 -17.71
C GLY C 228 -34.09 7.81 -16.57
N ASN C 229 -34.67 6.72 -16.07
CA ASN C 229 -35.79 6.77 -15.10
C ASN C 229 -36.78 7.91 -15.36
N ARG C 230 -37.45 7.81 -16.49
CA ARG C 230 -38.50 8.76 -16.89
C ARG C 230 -39.80 8.49 -16.11
N ALA C 231 -40.55 9.56 -15.85
CA ALA C 231 -41.67 9.53 -14.90
C ALA C 231 -42.97 8.81 -15.40
N ASP C 232 -43.13 8.69 -16.72
CA ASP C 232 -44.40 8.22 -17.37
C ASP C 232 -44.79 6.71 -17.31
N ILE C 233 -43.97 5.86 -16.69
CA ILE C 233 -44.04 4.38 -16.73
C ILE C 233 -44.61 3.92 -15.43
N PRO C 234 -45.51 2.97 -15.55
CA PRO C 234 -46.14 2.50 -14.35
C PRO C 234 -45.35 1.29 -13.88
N PHE C 235 -44.28 1.54 -13.11
CA PHE C 235 -43.31 0.49 -12.71
C PHE C 235 -43.96 -0.57 -11.85
N ASP C 236 -44.95 -0.14 -11.12
CA ASP C 236 -45.77 -0.92 -10.21
C ASP C 236 -46.71 -1.85 -10.96
N ASP C 237 -46.97 -1.54 -12.22
CA ASP C 237 -47.67 -2.48 -13.09
C ASP C 237 -46.69 -3.50 -13.67
N LEU C 238 -45.42 -3.42 -13.27
CA LEU C 238 -44.32 -4.14 -13.91
C LEU C 238 -43.47 -5.00 -12.97
N GLY C 239 -43.65 -4.86 -11.66
CA GLY C 239 -42.98 -5.75 -10.73
C GLY C 239 -43.39 -5.68 -9.28
N LEU C 240 -42.58 -6.33 -8.44
CA LEU C 240 -42.85 -6.38 -7.02
C LEU C 240 -41.49 -6.41 -6.31
N GLN C 241 -41.53 -6.22 -5.01
CA GLN C 241 -40.37 -6.36 -4.13
C GLN C 241 -40.80 -7.13 -2.88
N PHE C 242 -39.88 -7.90 -2.28
CA PHE C 242 -40.19 -8.86 -1.22
C PHE C 242 -39.10 -8.79 -0.14
N THR C 243 -39.54 -8.92 1.11
CA THR C 243 -38.62 -9.10 2.22
C THR C 243 -39.20 -10.10 3.19
N THR C 244 -38.31 -10.68 3.97
CA THR C 244 -38.65 -11.78 4.86
C THR C 244 -38.02 -11.61 6.23
N ARG C 245 -38.43 -12.50 7.13
CA ARG C 245 -38.11 -12.45 8.53
C ARG C 245 -36.61 -12.44 8.82
N HIS C 246 -35.82 -13.17 8.03
CA HIS C 246 -34.38 -13.28 8.29
C HIS C 246 -33.62 -12.42 7.25
N GLY C 247 -34.25 -11.34 6.77
CA GLY C 247 -33.52 -10.31 6.02
C GLY C 247 -33.45 -10.56 4.52
N HIS C 248 -33.77 -11.76 4.06
CA HIS C 248 -33.61 -12.11 2.65
C HIS C 248 -34.66 -11.34 1.85
N GLY C 249 -34.30 -10.90 0.66
CA GLY C 249 -35.30 -10.27 -0.23
C GLY C 249 -34.85 -10.11 -1.64
N PHE C 250 -35.76 -9.62 -2.46
CA PHE C 250 -35.46 -9.38 -3.86
C PHE C 250 -36.55 -8.52 -4.48
N GLY C 251 -36.20 -7.90 -5.58
CA GLY C 251 -37.22 -7.36 -6.49
C GLY C 251 -37.29 -8.14 -7.78
N VAL C 252 -38.45 -8.05 -8.43
CA VAL C 252 -38.70 -8.76 -9.67
C VAL C 252 -39.25 -7.84 -10.74
N ILE C 253 -38.71 -7.93 -11.95
CA ILE C 253 -39.27 -7.24 -13.13
C ILE C 253 -39.95 -8.31 -13.97
N ASP C 254 -41.25 -8.18 -14.18
CA ASP C 254 -42.03 -9.22 -14.87
C ASP C 254 -41.54 -9.43 -16.30
N ASN C 255 -41.57 -10.67 -16.74
CA ASN C 255 -41.31 -11.02 -18.13
C ASN C 255 -39.97 -10.52 -18.68
N ALA C 256 -38.95 -10.44 -17.84
CA ALA C 256 -37.71 -9.87 -18.23
C ALA C 256 -36.50 -10.75 -17.93
N ALA C 257 -36.70 -12.05 -17.69
CA ALA C 257 -35.62 -12.92 -17.23
C ALA C 257 -34.39 -12.81 -18.11
N ALA C 258 -34.59 -12.89 -19.41
CA ALA C 258 -33.46 -12.89 -20.33
C ALA C 258 -33.14 -11.49 -20.89
N GLY C 259 -33.63 -10.46 -20.21
CA GLY C 259 -33.62 -9.10 -20.76
C GLY C 259 -32.27 -8.50 -21.10
N LEU C 260 -31.21 -8.90 -20.42
CA LEU C 260 -29.86 -8.32 -20.63
C LEU C 260 -28.98 -9.18 -21.50
N HIS C 261 -29.48 -10.35 -21.89
CA HIS C 261 -28.74 -11.22 -22.82
C HIS C 261 -29.06 -10.92 -24.30
N ILE C 262 -28.02 -10.79 -25.11
CA ILE C 262 -28.19 -10.57 -26.57
C ILE C 262 -28.41 -11.89 -27.32
N LYS C 263 -27.55 -12.88 -27.07
CA LYS C 263 -27.73 -14.23 -27.57
C LYS C 263 -28.46 -14.99 -26.47
N ARG C 264 -29.72 -15.33 -26.73
CA ARG C 264 -30.56 -15.92 -25.69
C ARG C 264 -31.55 -16.97 -26.16
N GLU C 265 -31.28 -17.59 -27.30
CA GLU C 265 -32.24 -18.50 -27.89
C GLU C 265 -32.52 -19.69 -26.98
N GLY C 266 -31.46 -20.32 -26.47
CA GLY C 266 -31.64 -21.47 -25.62
C GLY C 266 -32.25 -21.15 -24.27
N TRP C 267 -31.80 -20.07 -23.63
CA TRP C 267 -32.32 -19.65 -22.34
C TRP C 267 -33.82 -19.29 -22.48
N THR C 268 -34.16 -18.47 -23.48
CA THR C 268 -35.55 -18.10 -23.79
C THR C 268 -36.37 -19.37 -24.06
N LYS C 269 -35.88 -20.24 -24.94
CA LYS C 269 -36.59 -21.49 -25.16
C LYS C 269 -36.78 -22.34 -23.90
N PHE C 270 -35.77 -22.39 -23.02
CA PHE C 270 -35.82 -23.20 -21.81
C PHE C 270 -36.97 -22.76 -20.93
N LEU C 271 -37.11 -21.44 -20.76
CA LEU C 271 -38.17 -20.86 -19.93
C LEU C 271 -39.53 -21.17 -20.55
N GLU C 272 -39.61 -21.06 -21.87
CA GLU C 272 -40.84 -21.35 -22.59
C GLU C 272 -41.26 -22.78 -22.32
N ASP C 273 -40.29 -23.67 -22.39
CA ASP C 273 -40.54 -25.10 -22.28
C ASP C 273 -40.84 -25.60 -20.88
N THR C 274 -40.41 -24.85 -19.87
CA THR C 274 -40.57 -25.29 -18.49
C THR C 274 -41.62 -24.50 -17.68
N ARG C 275 -42.08 -23.37 -18.18
CA ARG C 275 -42.99 -22.52 -17.40
C ARG C 275 -44.30 -23.23 -17.02
N GLY C 276 -44.81 -24.08 -17.91
CA GLY C 276 -46.04 -24.82 -17.67
C GLY C 276 -45.96 -25.77 -16.50
N GLU C 277 -44.81 -26.41 -16.33
CA GLU C 277 -44.55 -27.23 -15.16
C GLU C 277 -44.40 -26.41 -13.86
N VAL C 278 -43.74 -25.27 -13.93
CA VAL C 278 -43.74 -24.37 -12.77
C VAL C 278 -45.18 -23.93 -12.39
N ARG C 279 -46.01 -23.61 -13.38
CA ARG C 279 -47.40 -23.19 -13.09
C ARG C 279 -48.12 -24.30 -12.33
N ARG C 280 -47.93 -25.52 -12.80
CA ARG C 280 -48.60 -26.65 -12.19
C ARG C 280 -48.11 -26.87 -10.78
N LYS C 281 -46.79 -26.91 -10.59
CA LYS C 281 -46.23 -27.24 -9.28
CA LYS C 281 -46.22 -27.22 -9.29
C LYS C 281 -46.41 -26.10 -8.28
N PHE C 282 -46.19 -24.85 -8.72
CA PHE C 282 -46.08 -23.72 -7.82
C PHE C 282 -47.11 -22.61 -7.97
N GLY C 283 -48.01 -22.76 -8.92
CA GLY C 283 -49.08 -21.79 -9.10
C GLY C 283 -48.71 -20.66 -10.04
N PRO C 284 -49.72 -20.00 -10.65
CA PRO C 284 -49.45 -18.87 -11.53
C PRO C 284 -48.73 -17.71 -10.83
N GLU C 285 -48.97 -17.53 -9.53
CA GLU C 285 -48.29 -16.48 -8.78
C GLU C 285 -46.78 -16.66 -8.79
N ARG C 286 -46.31 -17.91 -8.87
CA ARG C 286 -44.87 -18.17 -8.92
C ARG C 286 -44.38 -18.42 -10.35
N GLU C 287 -45.26 -18.80 -11.26
CA GLU C 287 -44.86 -18.82 -12.67
C GLU C 287 -44.45 -17.40 -13.05
N ARG C 288 -45.16 -16.42 -12.51
CA ARG C 288 -44.85 -14.98 -12.75
C ARG C 288 -43.42 -14.68 -12.36
N LEU C 289 -43.04 -15.17 -11.20
CA LEU C 289 -41.68 -14.95 -10.76
C LEU C 289 -40.69 -15.69 -11.63
N TYR C 290 -41.03 -16.92 -12.02
CA TYR C 290 -40.16 -17.77 -12.81
C TYR C 290 -39.72 -17.11 -14.13
N LEU C 291 -40.59 -16.27 -14.69
CA LEU C 291 -40.32 -15.60 -15.94
C LEU C 291 -39.79 -14.17 -15.72
N GLY C 292 -39.71 -13.74 -14.47
CA GLY C 292 -39.25 -12.39 -14.18
C GLY C 292 -37.73 -12.32 -14.02
N HIS C 293 -37.19 -11.11 -14.06
CA HIS C 293 -35.81 -10.87 -13.69
C HIS C 293 -35.74 -10.52 -12.21
N TRP C 294 -34.95 -11.27 -11.42
CA TRP C 294 -34.80 -10.99 -9.97
C TRP C 294 -33.47 -10.33 -9.68
N ASN C 295 -33.46 -9.34 -8.77
CA ASN C 295 -32.24 -8.94 -8.06
C ASN C 295 -32.41 -9.33 -6.59
N CYS C 296 -31.54 -10.18 -6.08
CA CYS C 296 -31.80 -10.87 -4.81
C CYS C 296 -30.54 -10.80 -3.94
N SER C 297 -30.74 -10.56 -2.65
CA SER C 297 -29.70 -10.91 -1.66
C SER C 297 -30.23 -11.89 -0.62
N ILE C 298 -29.42 -12.92 -0.35
CA ILE C 298 -29.62 -13.77 0.81
C ILE C 298 -28.75 -13.23 1.96
N PHE C 299 -29.41 -12.90 3.06
CA PHE C 299 -28.74 -12.32 4.20
C PHE C 299 -27.69 -13.31 4.78
N PRO C 300 -26.48 -12.81 5.10
CA PRO C 300 -26.03 -11.41 4.88
C PRO C 300 -25.42 -11.03 3.51
N ASN C 301 -24.59 -11.88 2.95
CA ASN C 301 -23.62 -11.41 1.96
C ASN C 301 -23.54 -12.26 0.68
N CYS C 302 -24.64 -12.88 0.31
CA CYS C 302 -24.75 -13.55 -1.00
C CYS C 302 -25.79 -12.76 -1.84
N SER C 303 -25.53 -12.55 -3.12
CA SER C 303 -26.52 -11.95 -4.02
C SER C 303 -26.50 -12.63 -5.38
N PHE C 304 -27.62 -12.53 -6.09
CA PHE C 304 -27.65 -13.01 -7.46
C PHE C 304 -28.66 -12.28 -8.29
N LEU C 305 -28.47 -12.32 -9.61
CA LEU C 305 -29.51 -11.93 -10.54
C LEU C 305 -30.09 -13.17 -11.18
N TYR C 306 -31.37 -13.46 -10.92
CA TYR C 306 -32.03 -14.52 -11.70
C TYR C 306 -32.58 -13.97 -13.00
N GLY C 307 -32.15 -14.57 -14.09
CA GLY C 307 -32.41 -14.11 -15.42
C GLY C 307 -31.07 -13.78 -16.06
N THR C 308 -30.39 -12.75 -15.56
CA THR C 308 -29.07 -12.44 -16.08
C THR C 308 -28.08 -13.53 -15.65
N ASN C 309 -28.29 -14.09 -14.46
CA ASN C 309 -27.64 -15.31 -13.98
C ASN C 309 -26.20 -15.13 -13.48
N THR C 310 -25.92 -14.00 -12.86
CA THR C 310 -24.67 -13.79 -12.18
C THR C 310 -24.96 -14.12 -10.70
N PHE C 311 -23.92 -14.54 -9.97
CA PHE C 311 -24.10 -15.02 -8.57
C PHE C 311 -22.84 -14.54 -7.84
N LYS C 312 -23.02 -13.80 -6.77
CA LYS C 312 -21.91 -13.10 -6.07
C LYS C 312 -21.92 -13.36 -4.57
N ILE C 313 -20.72 -13.49 -4.02
CA ILE C 313 -20.47 -13.48 -2.57
C ILE C 313 -19.54 -12.33 -2.28
N TRP C 314 -19.94 -11.50 -1.31
CA TRP C 314 -19.22 -10.30 -0.91
C TRP C 314 -18.46 -10.64 0.38
N HIS C 315 -17.22 -11.03 0.26
CA HIS C 315 -16.44 -11.45 1.44
C HIS C 315 -15.78 -10.25 2.10
N PRO C 316 -16.19 -9.92 3.33
CA PRO C 316 -15.59 -8.72 3.93
C PRO C 316 -14.08 -8.84 4.20
N ARG C 317 -13.38 -7.72 4.06
CA ARG C 317 -11.98 -7.57 4.46
C ARG C 317 -11.86 -6.28 5.26
N GLY C 318 -12.51 -6.28 6.42
CA GLY C 318 -12.68 -5.07 7.19
C GLY C 318 -13.85 -4.25 6.69
N PRO C 319 -14.05 -3.08 7.27
CA PRO C 319 -15.22 -2.25 6.97
C PRO C 319 -15.12 -1.49 5.65
N HIS C 320 -13.94 -1.42 5.05
CA HIS C 320 -13.73 -0.58 3.89
C HIS C 320 -13.21 -1.35 2.67
N GLU C 321 -13.29 -2.67 2.73
CA GLU C 321 -12.91 -3.50 1.57
C GLU C 321 -13.69 -4.80 1.55
N ILE C 322 -13.85 -5.36 0.36
CA ILE C 322 -14.39 -6.70 0.16
C ILE C 322 -13.60 -7.40 -0.92
N GLU C 323 -13.67 -8.72 -0.91
CA GLU C 323 -13.26 -9.56 -2.03
C GLU C 323 -14.55 -10.15 -2.58
N VAL C 324 -14.82 -9.83 -3.83
CA VAL C 324 -16.04 -10.26 -4.56
C VAL C 324 -15.75 -11.51 -5.38
N TRP C 325 -16.52 -12.56 -5.17
CA TRP C 325 -16.40 -13.78 -5.95
C TRP C 325 -17.64 -13.87 -6.82
N THR C 326 -17.44 -14.06 -8.11
CA THR C 326 -18.56 -14.12 -9.07
C THR C 326 -18.57 -15.43 -9.82
N TYR C 327 -19.69 -16.13 -9.69
CA TYR C 327 -19.96 -17.35 -10.39
C TYR C 327 -21.13 -17.09 -11.38
N THR C 328 -21.48 -18.09 -12.16
CA THR C 328 -22.67 -18.07 -12.99
C THR C 328 -23.63 -19.10 -12.39
N ILE C 329 -24.90 -18.74 -12.36
CA ILE C 329 -25.93 -19.68 -11.95
C ILE C 329 -26.75 -20.11 -13.17
N VAL C 330 -26.96 -21.42 -13.31
CA VAL C 330 -27.65 -21.92 -14.49
C VAL C 330 -28.65 -23.01 -14.10
N PRO C 331 -29.71 -23.18 -14.89
CA PRO C 331 -30.56 -24.35 -14.64
C PRO C 331 -29.83 -25.65 -14.92
N ARG C 332 -29.99 -26.65 -14.04
CA ARG C 332 -29.33 -27.94 -14.25
C ARG C 332 -29.75 -28.62 -15.55
N ASP C 333 -31.01 -28.45 -15.94
CA ASP C 333 -31.55 -29.23 -17.07
C ASP C 333 -31.33 -28.54 -18.41
N ALA C 334 -30.67 -27.40 -18.40
CA ALA C 334 -30.35 -26.74 -19.67
C ALA C 334 -29.28 -27.53 -20.39
N ASP C 335 -29.36 -27.53 -21.72
CA ASP C 335 -28.37 -28.15 -22.58
C ASP C 335 -27.00 -27.51 -22.34
N PRO C 336 -25.92 -28.29 -22.48
CA PRO C 336 -24.58 -27.73 -22.28
C PRO C 336 -24.34 -26.43 -23.04
N ALA C 337 -24.79 -26.34 -24.30
CA ALA C 337 -24.57 -25.12 -25.06
C ALA C 337 -25.32 -23.91 -24.51
N THR C 338 -26.52 -24.15 -23.98
CA THR C 338 -27.31 -23.13 -23.33
C THR C 338 -26.59 -22.66 -22.04
N LYS C 339 -26.04 -23.59 -21.26
CA LYS C 339 -25.26 -23.24 -20.05
C LYS C 339 -24.06 -22.33 -20.40
N SER C 340 -23.35 -22.69 -21.46
CA SER C 340 -22.18 -21.91 -21.92
C SER C 340 -22.55 -20.52 -22.42
N MET C 341 -23.69 -20.40 -23.10
CA MET C 341 -24.11 -19.10 -23.58
C MET C 341 -24.56 -18.23 -22.42
N ILE C 342 -25.31 -18.81 -21.48
CA ILE C 342 -25.69 -18.04 -20.29
C ILE C 342 -24.44 -17.54 -19.57
N GLN C 343 -23.43 -18.39 -19.45
CA GLN C 343 -22.20 -18.02 -18.76
C GLN C 343 -21.53 -16.85 -19.51
N ARG C 344 -21.39 -16.93 -20.82
CA ARG C 344 -20.79 -15.81 -21.57
C ARG C 344 -21.59 -14.51 -21.43
N GLU C 345 -22.91 -14.57 -21.50
CA GLU C 345 -23.70 -13.34 -21.36
C GLU C 345 -23.66 -12.79 -19.90
N ALA C 346 -23.78 -13.64 -18.91
CA ALA C 346 -23.67 -13.24 -17.49
C ALA C 346 -22.33 -12.61 -17.16
N ILE C 347 -21.25 -13.16 -17.72
CA ILE C 347 -19.93 -12.61 -17.45
C ILE C 347 -19.73 -11.29 -18.25
N ARG C 348 -20.23 -11.21 -19.49
CA ARG C 348 -20.04 -9.97 -20.29
C ARG C 348 -20.78 -8.79 -19.66
N THR C 349 -21.90 -9.03 -18.97
CA THR C 349 -22.68 -7.96 -18.34
C THR C 349 -22.24 -7.72 -16.88
N PHE C 350 -21.98 -8.79 -16.17
CA PHE C 350 -21.72 -8.68 -14.72
C PHE C 350 -20.40 -9.21 -14.16
N GLY C 351 -19.48 -9.58 -15.01
CA GLY C 351 -18.21 -10.05 -14.50
C GLY C 351 -17.24 -8.88 -14.25
N THR C 352 -15.96 -9.18 -14.09
CA THR C 352 -14.97 -8.17 -13.76
C THR C 352 -14.78 -7.12 -14.84
N ALA C 353 -15.03 -7.50 -16.10
CA ALA C 353 -15.10 -6.53 -17.19
C ALA C 353 -16.57 -6.32 -17.71
N GLY C 354 -17.52 -6.39 -16.78
CA GLY C 354 -18.94 -6.35 -17.09
C GLY C 354 -19.43 -5.05 -17.70
N THR C 355 -20.18 -5.12 -18.80
CA THR C 355 -20.74 -3.91 -19.39
C THR C 355 -21.71 -3.16 -18.48
N LEU C 356 -22.27 -3.85 -17.50
CA LEU C 356 -23.09 -3.20 -16.45
C LEU C 356 -22.30 -3.09 -15.17
N GLU C 357 -21.70 -4.18 -14.70
CA GLU C 357 -21.01 -4.17 -13.40
C GLU C 357 -19.91 -3.10 -13.32
N SER C 358 -19.19 -2.91 -14.42
CA SER C 358 -18.14 -1.91 -14.49
C SER C 358 -18.65 -0.49 -14.13
N ASP C 359 -19.95 -0.26 -14.27
CA ASP C 359 -20.58 1.06 -14.01
C ASP C 359 -20.75 1.33 -12.50
N ASP C 360 -20.74 0.28 -11.69
CA ASP C 360 -21.14 0.36 -10.29
C ASP C 360 -20.00 0.56 -9.24
N GLY C 361 -18.77 0.36 -9.65
CA GLY C 361 -17.64 0.36 -8.69
C GLY C 361 -17.55 1.57 -7.78
N GLU C 362 -17.59 2.75 -8.40
CA GLU C 362 -17.52 4.02 -7.68
C GLU C 362 -18.75 4.24 -6.83
N ASN C 363 -19.93 3.85 -7.28
CA ASN C 363 -21.14 3.96 -6.44
C ASN C 363 -20.89 3.28 -5.11
N MET C 364 -20.30 2.11 -5.16
CA MET C 364 -20.09 1.34 -3.96
C MET C 364 -18.95 1.92 -3.12
N SER C 365 -17.83 2.24 -3.74
CA SER C 365 -16.66 2.73 -2.93
C SER C 365 -16.87 4.15 -2.38
N SER C 366 -17.53 4.97 -3.17
CA SER C 366 -17.75 6.37 -2.75
C SER C 366 -18.69 6.41 -1.57
N ALA C 367 -19.73 5.60 -1.57
CA ALA C 367 -20.69 5.57 -0.45
C ALA C 367 -19.97 5.20 0.86
N THR C 368 -18.89 4.44 0.73
CA THR C 368 -18.10 4.04 1.85
C THR C 368 -17.12 5.14 2.26
N TYR C 369 -16.20 5.47 1.35
CA TYR C 369 -15.06 6.31 1.65
C TYR C 369 -15.34 7.79 1.82
N ILE C 370 -16.55 8.22 1.48
CA ILE C 370 -16.94 9.60 1.74
C ILE C 370 -16.93 9.85 3.25
N ASN C 371 -17.08 8.79 4.01
CA ASN C 371 -17.20 8.85 5.45
C ASN C 371 -15.86 8.96 6.17
N ARG C 372 -14.79 9.10 5.42
CA ARG C 372 -13.51 9.50 5.96
C ARG C 372 -13.66 10.80 6.74
N GLY C 373 -14.59 11.64 6.31
CA GLY C 373 -14.84 12.91 6.98
C GLY C 373 -15.76 12.79 8.18
N VAL C 374 -15.38 13.40 9.29
CA VAL C 374 -16.14 13.28 10.52
C VAL C 374 -17.56 13.88 10.39
N ILE C 375 -17.66 15.02 9.73
CA ILE C 375 -18.94 15.73 9.66
C ILE C 375 -19.84 14.86 8.80
N THR C 376 -19.28 14.33 7.72
CA THR C 376 -20.03 13.48 6.80
C THR C 376 -20.55 12.22 7.49
N ARG C 377 -19.70 11.49 8.22
CA ARG C 377 -20.10 10.17 8.74
C ARG C 377 -21.07 10.25 9.90
N ASN C 378 -21.27 11.45 10.41
CA ASN C 378 -22.21 11.65 11.50
C ASN C 378 -23.55 12.11 10.92
N GLY C 379 -23.65 12.00 9.58
CA GLY C 379 -24.91 12.06 8.87
C GLY C 379 -25.60 10.70 8.76
N ARG C 380 -26.70 10.71 8.02
CA ARG C 380 -27.57 9.54 7.92
C ARG C 380 -27.92 9.25 6.47
N MET C 381 -28.46 8.07 6.23
CA MET C 381 -28.84 7.62 4.89
C MET C 381 -30.34 7.31 4.93
N ASN C 382 -31.03 7.57 3.82
CA ASN C 382 -32.46 7.45 3.77
C ASN C 382 -32.82 6.18 3.00
N SER C 383 -33.74 5.37 3.50
CA SER C 383 -34.28 4.25 2.71
C SER C 383 -35.79 4.20 2.94
N THR C 384 -36.48 5.30 2.65
CA THR C 384 -37.94 5.44 2.94
C THR C 384 -38.82 5.22 1.68
N MET C 385 -38.21 4.89 0.55
CA MET C 385 -38.94 4.83 -0.72
C MET C 385 -40.00 3.78 -0.64
N GLY C 386 -41.27 4.17 -0.87
CA GLY C 386 -42.41 3.22 -0.75
C GLY C 386 -42.94 2.86 0.62
N VAL C 387 -42.42 3.49 1.66
CA VAL C 387 -42.89 3.24 3.03
C VAL C 387 -44.41 3.38 3.11
N GLY C 388 -45.08 2.39 3.71
CA GLY C 388 -46.54 2.34 3.75
C GLY C 388 -47.21 1.75 2.50
N TYR C 389 -46.46 1.63 1.40
CA TYR C 389 -46.98 0.97 0.23
C TYR C 389 -46.47 -0.46 0.18
N GLU C 390 -46.71 -1.16 1.28
CA GLU C 390 -46.18 -2.50 1.53
C GLU C 390 -46.88 -3.11 2.73
N GLY C 391 -46.82 -4.43 2.85
CA GLY C 391 -47.37 -5.14 3.99
C GLY C 391 -47.57 -6.61 3.65
N PRO C 392 -48.18 -7.36 4.60
CA PRO C 392 -48.46 -8.77 4.36
C PRO C 392 -49.40 -8.90 3.17
N HIS C 393 -49.24 -9.98 2.41
CA HIS C 393 -49.96 -10.18 1.14
C HIS C 393 -50.77 -11.47 1.31
N PRO C 394 -51.95 -11.58 0.66
CA PRO C 394 -52.73 -12.78 0.87
C PRO C 394 -52.14 -14.06 0.26
N VAL C 395 -51.22 -13.91 -0.68
CA VAL C 395 -50.61 -15.06 -1.37
C VAL C 395 -49.14 -15.21 -1.02
N TYR C 396 -48.39 -14.14 -1.23
CA TYR C 396 -46.95 -14.14 -1.09
C TYR C 396 -46.55 -14.00 0.38
N PRO C 397 -45.70 -14.91 0.90
CA PRO C 397 -45.30 -14.74 2.30
C PRO C 397 -44.33 -13.61 2.54
N GLY C 398 -44.23 -13.19 3.79
CA GLY C 398 -43.30 -12.14 4.18
C GLY C 398 -43.96 -10.80 4.06
N ILE C 399 -43.22 -9.82 3.57
CA ILE C 399 -43.74 -8.48 3.35
C ILE C 399 -43.46 -8.06 1.89
N VAL C 400 -44.49 -7.58 1.20
CA VAL C 400 -44.39 -7.31 -0.24
C VAL C 400 -44.66 -5.84 -0.51
N GLY C 401 -43.79 -5.23 -1.30
CA GLY C 401 -43.95 -3.88 -1.82
C GLY C 401 -44.42 -3.90 -3.28
N ILE C 402 -44.98 -2.78 -3.73
CA ILE C 402 -45.65 -2.72 -5.02
C ILE C 402 -44.73 -2.50 -6.21
N SER C 403 -43.42 -2.34 -6.02
CA SER C 403 -42.55 -2.19 -7.19
C SER C 403 -41.12 -2.60 -6.96
N PHE C 404 -40.48 -3.08 -8.03
CA PHE C 404 -39.04 -3.41 -7.95
C PHE C 404 -38.20 -2.14 -7.77
N ILE C 405 -38.78 -0.98 -8.10
CA ILE C 405 -38.19 0.28 -7.75
C ILE C 405 -38.83 0.68 -6.43
N GLY C 406 -38.07 0.52 -5.36
CA GLY C 406 -38.60 0.64 -4.02
C GLY C 406 -37.58 0.17 -3.01
N GLU C 407 -37.81 0.45 -1.74
CA GLU C 407 -36.83 0.14 -0.72
C GLU C 407 -37.37 -0.76 0.38
N THR C 408 -38.44 -1.47 0.06
CA THR C 408 -38.97 -2.51 0.92
C THR C 408 -37.90 -3.48 1.40
N SER C 409 -37.09 -3.97 0.48
CA SER C 409 -36.09 -4.96 0.84
C SER C 409 -34.86 -4.36 1.56
N TYR C 410 -34.55 -3.11 1.30
CA TYR C 410 -33.59 -2.38 2.14
C TYR C 410 -34.08 -2.38 3.58
N ARG C 411 -35.33 -1.98 3.78
CA ARG C 411 -35.88 -1.86 5.11
C ARG C 411 -35.86 -3.18 5.83
N GLY C 412 -36.19 -4.26 5.14
CA GLY C 412 -36.14 -5.59 5.75
C GLY C 412 -34.73 -6.04 6.11
N PHE C 413 -33.79 -5.68 5.25
CA PHE C 413 -32.39 -6.00 5.44
C PHE C 413 -31.87 -5.33 6.71
N TYR C 414 -32.04 -4.02 6.80
CA TYR C 414 -31.55 -3.26 7.94
C TYR C 414 -32.31 -3.55 9.23
N ARG C 415 -33.57 -3.92 9.10
CA ARG C 415 -34.31 -4.38 10.25
C ARG C 415 -33.71 -5.64 10.86
N PHE C 416 -33.44 -6.65 10.04
CA PHE C 416 -32.83 -7.87 10.55
C PHE C 416 -31.37 -7.64 10.98
N TRP C 417 -30.63 -6.80 10.25
CA TRP C 417 -29.28 -6.42 10.66
C TRP C 417 -29.32 -5.89 12.09
N LYS C 418 -30.25 -4.97 12.37
CA LYS C 418 -30.39 -4.42 13.71
C LYS C 418 -30.77 -5.49 14.72
N GLU C 419 -31.75 -6.32 14.38
CA GLU C 419 -32.20 -7.38 15.28
C GLU C 419 -31.00 -8.25 15.72
N MET C 420 -30.14 -8.58 14.77
CA MET C 420 -28.97 -9.47 15.01
C MET C 420 -27.91 -8.78 15.85
N ILE C 421 -27.63 -7.53 15.52
CA ILE C 421 -26.64 -6.75 16.24
C ILE C 421 -27.08 -6.48 17.69
N ASP C 422 -28.37 -6.43 17.92
CA ASP C 422 -28.92 -6.20 19.28
C ASP C 422 -29.08 -7.43 20.13
N ALA C 423 -29.09 -8.60 19.53
CA ALA C 423 -29.41 -9.84 20.22
C ALA C 423 -28.12 -10.46 20.69
N PRO C 424 -28.03 -10.83 21.98
CA PRO C 424 -26.78 -11.46 22.44
C PRO C 424 -26.61 -12.93 21.96
N ASP C 425 -27.69 -13.54 21.45
CA ASP C 425 -27.68 -14.92 20.99
C ASP C 425 -28.87 -15.20 20.07
N TRP C 426 -28.86 -16.38 19.45
CA TRP C 426 -29.97 -16.83 18.61
C TRP C 426 -31.30 -16.94 19.35
N ALA C 427 -31.28 -17.36 20.62
CA ALA C 427 -32.51 -17.48 21.41
C ALA C 427 -33.27 -16.17 21.46
N SER C 428 -32.54 -15.07 21.61
CA SER C 428 -33.15 -13.73 21.62
C SER C 428 -33.80 -13.36 20.29
N VAL C 429 -33.13 -13.71 19.20
CA VAL C 429 -33.70 -13.53 17.87
C VAL C 429 -34.98 -14.34 17.70
N LYS C 430 -34.93 -15.63 18.02
CA LYS C 430 -36.07 -16.52 17.90
C LYS C 430 -37.29 -16.03 18.72
N ALA C 431 -37.03 -15.40 19.85
CA ALA C 431 -38.07 -14.79 20.67
C ALA C 431 -38.93 -13.78 19.92
N ASN C 432 -38.38 -13.20 18.85
CA ASN C 432 -39.05 -12.14 18.11
C ASN C 432 -39.77 -12.64 16.85
N ASP C 433 -39.83 -13.95 16.68
CA ASP C 433 -40.23 -14.53 15.37
C ASP C 433 -41.64 -14.09 14.99
N ASP C 434 -42.54 -14.05 15.94
CA ASP C 434 -43.93 -13.71 15.66
C ASP C 434 -44.20 -12.23 15.42
N THR C 435 -43.28 -11.35 15.83
CA THR C 435 -43.52 -9.90 15.83
C THR C 435 -42.57 -9.10 14.98
N TRP C 436 -41.79 -9.80 14.16
CA TRP C 436 -40.69 -9.19 13.44
C TRP C 436 -41.15 -8.09 12.51
N ASP C 437 -42.34 -8.25 11.95
CA ASP C 437 -42.84 -7.34 10.92
C ASP C 437 -43.78 -6.27 11.45
N SER C 438 -43.78 -6.04 12.78
CA SER C 438 -44.59 -4.97 13.38
C SER C 438 -44.20 -3.58 12.85
N VAL C 439 -42.95 -3.43 12.44
CA VAL C 439 -42.44 -2.18 11.83
C VAL C 439 -42.98 -1.91 10.43
N PHE C 440 -43.76 -2.83 9.86
CA PHE C 440 -44.50 -2.55 8.62
C PHE C 440 -45.96 -2.38 9.07
N PRO C 441 -46.36 -1.14 9.38
CA PRO C 441 -47.64 -0.88 10.04
C PRO C 441 -48.92 -0.99 9.19
N ASN C 442 -48.81 -1.06 7.85
CA ASN C 442 -50.01 -1.05 6.99
C ASN C 442 -50.56 -2.45 6.69
N ARG C 443 -51.06 -3.11 7.74
CA ARG C 443 -51.49 -4.53 7.66
C ARG C 443 -52.61 -4.85 6.68
N ASN C 444 -53.42 -3.85 6.31
CA ASN C 444 -54.52 -4.01 5.33
C ASN C 444 -54.21 -3.52 3.92
N PHE C 445 -52.97 -3.10 3.67
CA PHE C 445 -52.62 -2.46 2.40
C PHE C 445 -53.03 -3.28 1.18
N TRP C 446 -52.69 -4.57 1.17
CA TRP C 446 -52.94 -5.44 0.02
C TRP C 446 -54.41 -5.84 -0.10
N ASN C 447 -55.04 -6.14 1.03
CA ASN C 447 -56.47 -6.45 1.01
C ASN C 447 -57.22 -5.26 0.42
N GLU C 448 -56.95 -4.06 0.94
CA GLU C 448 -57.61 -2.84 0.47
C GLU C 448 -57.23 -2.53 -0.99
N LYS C 449 -55.96 -2.74 -1.34
CA LYS C 449 -55.49 -2.51 -2.71
C LYS C 449 -56.04 -3.50 -3.72
N LEU C 450 -55.98 -4.79 -3.38
CA LEU C 450 -56.44 -5.86 -4.27
C LEU C 450 -57.96 -5.81 -4.46
N ASN C 451 -58.69 -5.37 -3.43
CA ASN C 451 -60.13 -5.20 -3.57
C ASN C 451 -60.46 -4.18 -4.65
N GLN D 5 8.62 -23.47 -34.98
CA GLN D 5 8.22 -22.13 -35.49
C GLN D 5 9.47 -21.22 -35.62
N ILE D 6 9.68 -20.67 -36.83
CA ILE D 6 10.89 -19.87 -37.09
C ILE D 6 10.64 -18.44 -36.66
N PRO D 7 11.58 -17.82 -35.93
CA PRO D 7 11.44 -16.42 -35.59
C PRO D 7 11.39 -15.52 -36.82
N VAL D 8 10.64 -14.45 -36.73
CA VAL D 8 10.55 -13.52 -37.88
C VAL D 8 11.86 -12.82 -38.11
N THR D 9 12.02 -12.28 -39.31
CA THR D 9 13.17 -11.46 -39.62
C THR D 9 13.07 -10.16 -38.88
N PRO D 10 14.23 -9.49 -38.70
CA PRO D 10 14.23 -8.19 -38.04
C PRO D 10 13.32 -7.12 -38.70
N ASP D 11 13.23 -7.08 -40.04
CA ASP D 11 12.30 -6.13 -40.68
C ASP D 11 10.81 -6.43 -40.40
N VAL D 12 10.45 -7.70 -40.40
CA VAL D 12 9.10 -8.10 -39.97
C VAL D 12 8.89 -7.76 -38.51
N HIS D 13 9.87 -8.03 -37.66
CA HIS D 13 9.78 -7.67 -36.26
C HIS D 13 9.44 -6.20 -36.09
N TYR D 14 10.19 -5.36 -36.81
CA TYR D 14 9.95 -3.95 -36.80
C TYR D 14 8.50 -3.64 -37.08
N ASP D 15 7.96 -4.19 -38.15
CA ASP D 15 6.62 -3.81 -38.57
C ASP D 15 5.61 -4.25 -37.51
N ILE D 16 5.83 -5.43 -36.92
CA ILE D 16 4.96 -5.92 -35.86
C ILE D 16 4.98 -4.99 -34.65
N GLU D 17 6.17 -4.60 -34.20
CA GLU D 17 6.27 -3.62 -33.09
C GLU D 17 5.57 -2.28 -33.41
N ALA D 18 5.79 -1.75 -34.61
CA ALA D 18 5.15 -0.52 -35.06
C ALA D 18 3.62 -0.67 -34.99
N HIS D 19 3.11 -1.81 -35.44
CA HIS D 19 1.69 -2.06 -35.39
C HIS D 19 1.18 -2.01 -33.92
N TYR D 20 1.88 -2.67 -33.00
CA TYR D 20 1.49 -2.68 -31.59
C TYR D 20 1.60 -1.27 -30.97
N ARG D 21 2.60 -0.49 -31.37
CA ARG D 21 2.70 0.92 -30.87
C ARG D 21 1.49 1.74 -31.32
N ALA D 22 1.04 1.54 -32.56
CA ALA D 22 -0.13 2.30 -33.05
C ALA D 22 -1.40 1.80 -32.36
N GLU D 23 -1.49 0.51 -32.08
CA GLU D 23 -2.63 -0.04 -31.36
C GLU D 23 -2.72 0.58 -29.97
N VAL D 24 -1.59 0.65 -29.28
CA VAL D 24 -1.55 1.29 -27.94
C VAL D 24 -1.97 2.78 -28.03
N ARG D 25 -1.53 3.49 -29.07
CA ARG D 25 -1.93 4.88 -29.18
C ARG D 25 -3.44 5.00 -29.35
N MET D 26 -4.05 4.08 -30.11
CA MET D 26 -5.51 4.12 -30.30
CA MET D 26 -5.50 4.14 -30.30
C MET D 26 -6.22 3.95 -28.97
N PHE D 27 -5.78 2.95 -28.21
CA PHE D 27 -6.32 2.70 -26.89
C PHE D 27 -6.22 3.96 -26.02
N GLN D 28 -5.04 4.55 -26.02
CA GLN D 28 -4.75 5.66 -25.09
C GLN D 28 -5.49 6.92 -25.46
N THR D 29 -5.89 7.05 -26.72
CA THR D 29 -6.59 8.23 -27.19
C THR D 29 -8.07 7.96 -27.39
N GLY D 30 -8.52 6.78 -27.02
CA GLY D 30 -9.94 6.46 -27.09
C GLY D 30 -10.49 6.19 -28.47
N GLN D 31 -9.62 5.92 -29.44
CA GLN D 31 -10.02 5.69 -30.86
C GLN D 31 -10.34 4.22 -31.09
N TYR D 32 -11.37 3.76 -30.38
CA TYR D 32 -11.69 2.35 -30.34
C TYR D 32 -12.35 1.93 -31.63
N ARG D 33 -13.20 2.78 -32.20
CA ARG D 33 -13.85 2.41 -33.50
C ARG D 33 -12.82 2.19 -34.59
N GLU D 34 -11.80 3.04 -34.60
CA GLU D 34 -10.77 2.98 -35.63
C GLU D 34 -9.92 1.72 -35.45
N TRP D 35 -9.73 1.35 -34.17
CA TRP D 35 -9.05 0.12 -33.82
C TRP D 35 -9.78 -1.10 -34.33
N LEU D 36 -11.07 -1.21 -34.05
CA LEU D 36 -11.90 -2.34 -34.54
C LEU D 36 -11.84 -2.45 -36.06
N GLN D 37 -11.97 -1.29 -36.74
CA GLN D 37 -12.06 -1.29 -38.19
C GLN D 37 -10.72 -1.69 -38.79
N GLY D 38 -9.66 -1.02 -38.34
CA GLY D 38 -8.37 -1.12 -38.97
C GLY D 38 -7.43 -2.19 -38.48
N MET D 39 -7.59 -2.67 -37.23
CA MET D 39 -6.60 -3.51 -36.55
CA MET D 39 -6.59 -3.53 -36.62
C MET D 39 -7.11 -4.87 -36.12
N VAL D 40 -8.43 -5.05 -36.14
CA VAL D 40 -9.05 -6.27 -35.66
C VAL D 40 -9.80 -6.95 -36.81
N ALA D 41 -9.60 -8.26 -36.99
CA ALA D 41 -10.28 -8.99 -38.05
C ALA D 41 -11.71 -9.34 -37.65
N GLU D 42 -12.58 -9.45 -38.63
CA GLU D 42 -13.97 -9.70 -38.33
C GLU D 42 -14.20 -11.12 -37.78
N ASP D 43 -13.22 -12.01 -37.96
CA ASP D 43 -13.27 -13.35 -37.37
C ASP D 43 -12.53 -13.50 -36.01
N ILE D 44 -12.21 -12.36 -35.39
CA ILE D 44 -11.55 -12.30 -34.09
C ILE D 44 -12.23 -13.19 -33.05
N HIS D 45 -11.39 -13.78 -32.22
CA HIS D 45 -11.84 -14.31 -30.94
C HIS D 45 -10.95 -13.62 -29.94
N TYR D 46 -11.57 -12.90 -28.98
CA TYR D 46 -10.85 -12.12 -28.00
C TYR D 46 -11.16 -12.76 -26.66
N TRP D 47 -10.13 -13.29 -25.99
CA TRP D 47 -10.29 -14.27 -24.93
C TRP D 47 -9.36 -13.98 -23.74
N MET D 48 -9.94 -13.83 -22.53
CA MET D 48 -9.18 -13.68 -21.29
C MET D 48 -9.68 -14.74 -20.27
N PRO D 49 -9.06 -15.93 -20.25
CA PRO D 49 -9.50 -17.04 -19.39
C PRO D 49 -9.34 -16.74 -17.91
N ILE D 50 -10.15 -17.41 -17.07
CA ILE D 50 -9.94 -17.39 -15.61
C ILE D 50 -9.11 -18.66 -15.29
N TYR D 51 -7.89 -18.46 -14.78
CA TYR D 51 -6.99 -19.54 -14.40
C TYR D 51 -7.13 -19.67 -12.91
N GLU D 52 -7.37 -20.87 -12.44
CA GLU D 52 -7.40 -21.04 -11.03
C GLU D 52 -6.03 -21.52 -10.55
N GLN D 53 -5.78 -21.37 -9.26
CA GLN D 53 -4.59 -21.91 -8.63
C GLN D 53 -4.84 -23.39 -8.29
N ARG D 54 -4.01 -24.27 -8.87
CA ARG D 54 -4.16 -25.69 -8.72
C ARG D 54 -2.84 -26.29 -8.24
N LEU D 55 -2.93 -27.39 -7.51
CA LEU D 55 -1.75 -28.20 -7.17
C LEU D 55 -1.05 -28.71 -8.42
N THR D 56 0.27 -28.78 -8.38
CA THR D 56 1.06 -29.24 -9.50
C THR D 56 0.67 -30.69 -9.87
N ARG D 57 0.21 -31.46 -8.89
CA ARG D 57 -0.19 -32.86 -9.13
C ARG D 57 -1.51 -32.98 -9.88
N ASP D 58 -2.23 -31.86 -9.98
CA ASP D 58 -3.54 -31.83 -10.63
C ASP D 58 -3.38 -31.97 -12.13
N ARG D 59 -4.00 -32.97 -12.71
CA ARG D 59 -3.80 -33.24 -14.12
C ARG D 59 -4.90 -32.63 -15.01
N ARG D 60 -5.83 -31.86 -14.44
CA ARG D 60 -6.88 -31.26 -15.26
C ARG D 60 -6.33 -30.36 -16.38
N PRO D 61 -7.08 -30.29 -17.49
CA PRO D 61 -6.59 -29.45 -18.57
C PRO D 61 -6.79 -27.98 -18.25
N ASP D 62 -5.94 -27.17 -18.85
CA ASP D 62 -6.08 -25.70 -18.95
C ASP D 62 -7.45 -25.26 -19.50
N PRO D 63 -7.89 -24.06 -19.12
CA PRO D 63 -9.16 -23.51 -19.57
C PRO D 63 -9.25 -23.46 -21.11
N THR D 64 -10.44 -23.77 -21.63
CA THR D 64 -10.73 -23.66 -23.06
C THR D 64 -11.77 -22.56 -23.18
N PRO D 65 -12.11 -22.13 -24.41
CA PRO D 65 -13.18 -21.19 -24.62
C PRO D 65 -14.56 -21.62 -24.17
N ASP D 66 -14.76 -22.89 -23.83
CA ASP D 66 -16.03 -23.30 -23.28
C ASP D 66 -16.16 -23.07 -21.76
N ASP D 67 -15.06 -22.66 -21.13
CA ASP D 67 -15.02 -22.43 -19.69
C ASP D 67 -15.05 -20.94 -19.33
N ALA D 68 -15.17 -20.66 -18.02
CA ALA D 68 -15.28 -19.30 -17.53
C ALA D 68 -14.15 -18.44 -18.05
N ALA D 69 -14.49 -17.24 -18.53
CA ALA D 69 -13.50 -16.26 -18.97
C ALA D 69 -14.02 -14.86 -18.75
N ILE D 70 -13.13 -13.93 -18.41
CA ILE D 70 -13.51 -12.53 -18.25
C ILE D 70 -13.91 -11.89 -19.58
N TYR D 71 -13.18 -12.18 -20.68
CA TYR D 71 -13.56 -11.86 -22.03
C TYR D 71 -13.63 -13.15 -22.82
N ASN D 72 -14.66 -13.27 -23.63
CA ASN D 72 -14.84 -14.41 -24.55
C ASN D 72 -15.78 -13.95 -25.68
N ASP D 73 -15.22 -13.18 -26.63
CA ASP D 73 -15.98 -12.32 -27.51
C ASP D 73 -15.65 -12.55 -28.97
N ASP D 74 -16.68 -12.42 -29.81
CA ASP D 74 -16.51 -12.25 -31.23
C ASP D 74 -16.56 -10.75 -31.64
N PHE D 75 -16.47 -10.48 -32.94
CA PHE D 75 -16.40 -9.12 -33.44
C PHE D 75 -17.59 -8.25 -32.99
N GLY D 76 -18.79 -8.81 -33.07
CA GLY D 76 -19.99 -8.12 -32.61
C GLY D 76 -20.06 -7.83 -31.14
N GLU D 77 -19.52 -8.74 -30.32
CA GLU D 77 -19.43 -8.54 -28.90
C GLU D 77 -18.38 -7.44 -28.54
N LEU D 78 -17.27 -7.41 -29.23
CA LEU D 78 -16.33 -6.31 -29.09
C LEU D 78 -16.89 -4.95 -29.49
N LYS D 79 -17.60 -4.89 -30.63
CA LYS D 79 -18.28 -3.65 -31.04
C LYS D 79 -19.19 -3.18 -29.91
N GLN D 80 -19.95 -4.12 -29.32
CA GLN D 80 -20.79 -3.83 -28.16
C GLN D 80 -20.00 -3.26 -26.99
N ARG D 81 -18.88 -3.88 -26.69
CA ARG D 81 -18.06 -3.43 -25.54
C ARG D 81 -17.47 -2.04 -25.75
N VAL D 82 -17.00 -1.79 -26.96
CA VAL D 82 -16.40 -0.52 -27.32
C VAL D 82 -17.35 0.66 -27.16
N GLU D 83 -18.62 0.46 -27.47
CA GLU D 83 -19.61 1.56 -27.38
C GLU D 83 -19.88 2.13 -25.99
N ARG D 84 -19.62 1.35 -24.96
CA ARG D 84 -19.73 1.85 -23.59
C ARG D 84 -18.77 3.02 -23.37
N LEU D 85 -17.58 2.93 -23.95
CA LEU D 85 -16.59 3.97 -23.82
C LEU D 85 -16.79 5.08 -24.86
N TYR D 86 -17.73 4.90 -25.79
CA TYR D 86 -18.38 6.04 -26.42
C TYR D 86 -19.69 6.43 -25.74
N SER D 87 -20.08 7.68 -25.90
CA SER D 87 -21.49 8.05 -25.81
C SER D 87 -21.91 8.38 -24.38
N GLY D 88 -20.97 8.34 -23.45
CA GLY D 88 -20.99 7.36 -22.39
C GLY D 88 -22.39 6.81 -22.45
N GLN D 89 -23.32 7.56 -21.86
CA GLN D 89 -22.95 8.45 -20.77
C GLN D 89 -22.82 7.71 -19.46
N VAL D 90 -21.59 7.31 -19.17
CA VAL D 90 -21.25 6.41 -18.10
C VAL D 90 -20.55 7.28 -17.06
N TRP D 91 -21.14 7.42 -15.88
CA TRP D 91 -20.75 8.49 -15.00
C TRP D 91 -19.39 8.26 -14.37
N MET D 92 -19.04 7.01 -14.10
CA MET D 92 -17.66 6.69 -13.69
C MET D 92 -16.63 7.13 -14.69
N GLU D 93 -17.01 7.18 -15.97
CA GLU D 93 -16.08 7.59 -17.03
C GLU D 93 -16.32 9.07 -17.43
N ASP D 94 -16.95 9.84 -16.57
CA ASP D 94 -17.05 11.27 -16.85
C ASP D 94 -16.18 12.04 -15.85
N PRO D 95 -14.96 12.46 -16.28
CA PRO D 95 -14.32 12.29 -17.58
C PRO D 95 -13.59 10.96 -17.71
N PRO D 96 -13.22 10.58 -18.95
CA PRO D 96 -12.58 9.26 -19.14
C PRO D 96 -11.41 9.01 -18.16
N SER D 97 -11.34 7.79 -17.62
CA SER D 97 -10.22 7.35 -16.78
C SER D 97 -8.98 7.29 -17.70
N LYS D 98 -7.80 7.42 -17.14
CA LYS D 98 -6.54 7.42 -17.91
C LYS D 98 -5.93 6.03 -17.94
N ILE D 99 -5.30 5.70 -19.06
CA ILE D 99 -4.66 4.42 -19.16
C ILE D 99 -3.40 4.55 -19.97
N ARG D 100 -2.36 3.83 -19.57
CA ARG D 100 -1.08 3.89 -20.30
C ARG D 100 -0.49 2.50 -20.33
N TYR D 101 -0.04 2.08 -21.50
CA TYR D 101 0.41 0.71 -21.75
C TYR D 101 1.90 0.66 -22.04
N PHE D 102 2.56 -0.30 -21.42
CA PHE D 102 3.96 -0.63 -21.62
C PHE D 102 4.08 -2.03 -22.15
N VAL D 103 4.36 -2.14 -23.47
CA VAL D 103 4.40 -3.45 -24.15
C VAL D 103 5.85 -3.80 -24.33
N SER D 104 6.22 -5.02 -23.94
CA SER D 104 7.62 -5.42 -23.97
CA SER D 104 7.61 -5.43 -23.94
C SER D 104 7.73 -6.87 -24.40
N ASN D 105 8.95 -7.26 -24.78
CA ASN D 105 9.21 -8.63 -25.09
C ASN D 105 8.39 -9.18 -26.23
N VAL D 106 8.30 -8.41 -27.32
CA VAL D 106 7.52 -8.85 -28.47
C VAL D 106 8.36 -9.89 -29.22
N GLU D 107 7.83 -11.11 -29.39
CA GLU D 107 8.50 -12.16 -30.16
C GLU D 107 7.50 -12.76 -31.13
N ALA D 108 7.83 -12.78 -32.40
CA ALA D 108 6.94 -13.29 -33.42
C ALA D 108 7.58 -14.44 -34.13
N PHE D 109 6.69 -15.31 -34.60
CA PHE D 109 7.03 -16.52 -35.29
C PHE D 109 6.12 -16.67 -36.51
N GLU D 110 6.73 -17.03 -37.62
CA GLU D 110 5.95 -17.34 -38.85
C GLU D 110 5.09 -18.59 -38.61
N ALA D 111 3.81 -18.56 -38.95
CA ALA D 111 2.93 -19.65 -38.61
C ALA D 111 2.30 -20.29 -39.84
N GLY D 112 2.87 -20.05 -41.00
CA GLY D 112 2.28 -20.53 -42.27
C GLY D 112 1.11 -19.69 -42.77
N ASN D 113 0.75 -19.91 -44.03
CA ASN D 113 -0.37 -19.23 -44.68
C ASN D 113 -0.41 -17.71 -44.49
N GLY D 114 0.77 -17.09 -44.40
CA GLY D 114 0.87 -15.67 -44.14
C GLY D 114 0.58 -15.21 -42.71
N GLU D 115 0.34 -16.13 -41.80
CA GLU D 115 -0.02 -15.78 -40.41
C GLU D 115 1.19 -15.81 -39.48
N LEU D 116 1.06 -15.07 -38.39
CA LEU D 116 2.11 -14.89 -37.38
C LEU D 116 1.56 -15.24 -36.00
N ASP D 117 2.38 -15.92 -35.20
CA ASP D 117 2.10 -16.14 -33.76
C ASP D 117 2.99 -15.13 -33.02
N VAL D 118 2.40 -14.34 -32.14
CA VAL D 118 3.12 -13.26 -31.48
C VAL D 118 2.85 -13.25 -29.98
N LEU D 119 3.93 -13.24 -29.22
CA LEU D 119 3.93 -13.17 -27.80
C LEU D 119 4.35 -11.77 -27.35
N SER D 120 3.81 -11.30 -26.23
CA SER D 120 4.28 -10.06 -25.67
C SER D 120 3.90 -9.98 -24.23
N ASN D 121 4.64 -9.14 -23.52
CA ASN D 121 4.37 -8.76 -22.11
C ASN D 121 3.69 -7.41 -22.07
N ILE D 122 2.66 -7.27 -21.26
CA ILE D 122 1.99 -6.02 -21.14
C ILE D 122 1.85 -5.58 -19.70
N LEU D 123 2.24 -4.32 -19.46
CA LEU D 123 2.00 -3.62 -18.20
C LEU D 123 0.99 -2.49 -18.46
N VAL D 124 -0.04 -2.42 -17.64
CA VAL D 124 -1.10 -1.44 -17.80
C VAL D 124 -1.20 -0.62 -16.51
N TYR D 125 -0.95 0.70 -16.61
CA TYR D 125 -1.08 1.64 -15.56
C TYR D 125 -2.36 2.48 -15.76
N ARG D 126 -3.24 2.47 -14.75
CA ARG D 126 -4.49 3.19 -14.80
C ARG D 126 -4.59 4.22 -13.66
N ASN D 127 -5.12 5.40 -13.97
CA ASN D 127 -5.38 6.43 -13.00
C ASN D 127 -6.79 6.97 -13.21
N ARG D 128 -7.46 7.32 -12.14
CA ARG D 128 -8.73 8.03 -12.25
C ARG D 128 -8.95 8.88 -11.00
N ARG D 129 -9.88 9.83 -11.12
CA ARG D 129 -10.26 10.67 -10.03
C ARG D 129 -9.02 11.35 -9.47
N GLN D 130 -8.86 11.39 -8.16
CA GLN D 130 -7.81 12.19 -7.53
C GLN D 130 -6.57 11.31 -7.28
N THR D 131 -6.75 10.22 -6.54
CA THR D 131 -5.62 9.38 -6.10
C THR D 131 -5.70 7.91 -6.49
N GLU D 132 -6.66 7.53 -7.35
CA GLU D 132 -6.83 6.13 -7.67
C GLU D 132 -5.80 5.74 -8.73
N VAL D 133 -5.07 4.67 -8.45
CA VAL D 133 -4.01 4.10 -9.28
C VAL D 133 -4.15 2.58 -9.26
N THR D 134 -4.24 1.94 -10.42
CA THR D 134 -4.19 0.49 -10.45
C THR D 134 -3.24 0.07 -11.53
N VAL D 135 -2.63 -1.10 -11.33
CA VAL D 135 -1.60 -1.66 -12.19
C VAL D 135 -1.89 -3.11 -12.52
N HIS D 136 -1.78 -3.49 -13.79
CA HIS D 136 -2.02 -4.88 -14.17
C HIS D 136 -0.89 -5.35 -15.07
N THR D 137 -0.50 -6.61 -14.92
CA THR D 137 0.44 -7.24 -15.85
C THR D 137 -0.18 -8.47 -16.47
N LEU D 138 0.09 -8.67 -17.74
CA LEU D 138 -0.53 -9.77 -18.50
C LEU D 138 0.43 -10.25 -19.58
N GLY D 139 0.27 -11.50 -19.95
CA GLY D 139 0.81 -11.99 -21.20
C GLY D 139 -0.24 -11.92 -22.29
N ARG D 140 0.23 -11.68 -23.51
CA ARG D 140 -0.61 -11.66 -24.69
C ARG D 140 -0.08 -12.68 -25.70
N GLU D 141 -1.00 -13.48 -26.25
CA GLU D 141 -0.68 -14.44 -27.29
C GLU D 141 -1.63 -14.15 -28.43
N ASP D 142 -1.08 -13.64 -29.52
CA ASP D 142 -1.86 -13.24 -30.66
C ASP D 142 -1.58 -14.13 -31.84
N LYS D 143 -2.60 -14.24 -32.68
CA LYS D 143 -2.39 -14.62 -34.07
C LYS D 143 -2.81 -13.45 -34.94
N LEU D 144 -1.88 -13.06 -35.82
CA LEU D 144 -2.06 -11.95 -36.76
C LEU D 144 -2.06 -12.45 -38.21
N ARG D 145 -2.89 -11.82 -39.03
CA ARG D 145 -2.97 -12.03 -40.46
C ARG D 145 -2.34 -10.82 -41.12
N ARG D 146 -1.60 -11.01 -42.20
CA ARG D 146 -1.25 -9.91 -43.06
C ARG D 146 -2.46 -9.52 -43.91
N ASP D 147 -2.65 -8.23 -44.15
CA ASP D 147 -3.62 -7.82 -45.13
C ASP D 147 -3.09 -6.62 -45.91
N GLY D 148 -3.93 -6.03 -46.75
CA GLY D 148 -3.53 -4.95 -47.62
C GLY D 148 -3.05 -3.69 -46.91
N ASN D 149 -3.37 -3.56 -45.62
CA ASN D 149 -3.01 -2.35 -44.88
C ASN D 149 -2.09 -2.59 -43.67
N GLY D 150 -1.51 -3.80 -43.58
CA GLY D 150 -0.57 -4.16 -42.50
C GLY D 150 -0.93 -5.50 -41.87
N PHE D 151 -1.37 -5.46 -40.61
CA PHE D 151 -1.77 -6.65 -39.89
C PHE D 151 -3.16 -6.42 -39.30
N LYS D 152 -3.87 -7.52 -39.10
CA LYS D 152 -5.04 -7.54 -38.22
C LYS D 152 -4.98 -8.75 -37.30
N VAL D 153 -5.46 -8.56 -36.08
CA VAL D 153 -5.46 -9.66 -35.13
C VAL D 153 -6.73 -10.47 -35.35
N PHE D 154 -6.60 -11.79 -35.39
CA PHE D 154 -7.76 -12.68 -35.48
C PHE D 154 -7.90 -13.67 -34.35
N ARG D 155 -6.88 -13.76 -33.52
CA ARG D 155 -6.98 -14.44 -32.24
C ARG D 155 -6.16 -13.71 -31.20
N ARG D 156 -6.77 -13.40 -30.06
CA ARG D 156 -6.05 -12.74 -28.99
C ARG D 156 -6.40 -13.39 -27.69
N LYS D 157 -5.37 -13.88 -27.02
CA LYS D 157 -5.49 -14.54 -25.71
C LYS D 157 -4.70 -13.70 -24.71
N LEU D 158 -5.33 -13.33 -23.60
CA LEU D 158 -4.70 -12.48 -22.59
C LEU D 158 -4.66 -13.29 -21.29
N ILE D 159 -3.45 -13.41 -20.72
CA ILE D 159 -3.25 -14.24 -19.55
C ILE D 159 -2.91 -13.32 -18.38
N LEU D 160 -3.84 -13.15 -17.46
CA LEU D 160 -3.68 -12.26 -16.34
C LEU D 160 -2.72 -12.84 -15.31
N ASP D 161 -1.85 -12.03 -14.74
CA ASP D 161 -0.90 -12.57 -13.77
C ASP D 161 -1.50 -12.72 -12.35
N ALA D 162 -2.47 -11.89 -12.00
CA ALA D 162 -3.10 -11.91 -10.66
C ALA D 162 -4.34 -12.79 -10.62
N ARG D 163 -4.42 -13.68 -9.64
CA ARG D 163 -5.63 -14.46 -9.41
C ARG D 163 -6.79 -13.57 -8.98
N VAL D 164 -6.56 -12.72 -7.99
CA VAL D 164 -7.55 -11.75 -7.45
C VAL D 164 -7.16 -10.36 -8.06
N THR D 165 -8.08 -9.81 -8.82
CA THR D 165 -7.90 -8.50 -9.47
C THR D 165 -8.04 -7.36 -8.47
N GLN D 166 -6.97 -6.60 -8.33
CA GLN D 166 -6.92 -5.50 -7.39
C GLN D 166 -7.32 -4.21 -8.12
N ASP D 167 -8.56 -4.17 -8.61
CA ASP D 167 -9.09 -3.01 -9.33
C ASP D 167 -10.59 -3.14 -9.30
N LYS D 168 -11.30 -2.02 -9.45
CA LYS D 168 -12.73 -2.03 -9.62
C LYS D 168 -13.23 -2.85 -10.84
N ASN D 169 -12.45 -2.88 -11.91
CA ASN D 169 -12.86 -3.56 -13.13
C ASN D 169 -11.67 -3.82 -14.01
N LEU D 170 -11.90 -4.63 -15.03
CA LEU D 170 -10.92 -4.89 -16.09
C LEU D 170 -11.42 -4.39 -17.46
N TYR D 171 -12.03 -3.20 -17.46
CA TYR D 171 -12.74 -2.66 -18.61
C TYR D 171 -11.73 -1.81 -19.38
N PHE D 172 -10.75 -2.50 -19.91
CA PHE D 172 -9.78 -1.96 -20.86
C PHE D 172 -9.42 -3.03 -21.85
N PHE D 173 -8.99 -2.60 -23.04
CA PHE D 173 -8.62 -3.57 -24.09
C PHE D 173 -7.14 -3.78 -24.07
N CYS D 174 -6.70 -4.95 -24.52
CA CYS D 174 -5.30 -5.15 -24.85
C CYS D 174 -5.25 -5.87 -26.16
N THR E 6 2.90 16.30 29.29
CA THR E 6 1.91 17.25 28.76
C THR E 6 2.13 17.20 27.28
N LEU E 7 1.16 17.67 26.52
CA LEU E 7 1.32 17.75 25.06
C LEU E 7 2.11 18.99 24.66
N VAL E 8 1.75 20.11 25.27
CA VAL E 8 2.43 21.39 25.04
C VAL E 8 2.75 22.12 26.36
N ASP E 9 4.02 22.43 26.53
CA ASP E 9 4.50 23.22 27.68
C ASP E 9 4.70 24.65 27.21
N THR E 10 3.82 25.53 27.66
CA THR E 10 3.85 26.93 27.24
C THR E 10 4.73 27.74 28.16
N VAL E 11 5.11 27.17 29.28
CA VAL E 11 6.03 27.87 30.19
C VAL E 11 7.44 27.75 29.65
N ASN E 12 7.81 26.52 29.34
CA ASN E 12 9.17 26.19 28.92
C ASN E 12 9.30 25.94 27.40
N ALA E 13 8.20 26.12 26.66
CA ALA E 13 8.21 26.06 25.20
C ALA E 13 8.77 24.77 24.65
N SER E 14 8.05 23.68 24.93
CA SER E 14 8.35 22.37 24.35
C SER E 14 7.04 21.67 24.06
N GLN E 15 7.12 20.66 23.21
CA GLN E 15 5.95 19.87 22.86
C GLN E 15 6.30 18.40 22.90
N SER E 16 5.33 17.57 23.25
CA SER E 16 5.51 16.14 23.14
C SER E 16 5.60 15.73 21.66
N ARG E 17 6.39 14.70 21.39
CA ARG E 17 6.47 14.15 20.06
C ARG E 17 5.15 13.49 19.70
N GLN E 18 4.34 13.16 20.71
CA GLN E 18 2.99 12.62 20.47
C GLN E 18 2.13 13.51 19.61
N VAL E 19 2.36 14.82 19.64
CA VAL E 19 1.55 15.70 18.82
C VAL E 19 1.75 15.43 17.31
N PHE E 20 2.88 14.92 16.88
CA PHE E 20 3.04 14.57 15.45
C PHE E 20 2.56 13.14 15.12
N TRP E 21 2.22 12.35 16.12
CA TRP E 21 2.12 10.88 15.92
C TRP E 21 0.81 10.29 16.40
N ASP E 22 0.37 10.70 17.58
CA ASP E 22 -0.68 9.95 18.26
C ASP E 22 -2.05 10.07 17.60
N GLU E 23 -2.74 8.93 17.48
CA GLU E 23 -4.04 8.90 16.82
C GLU E 23 -5.14 9.57 17.62
N ASP E 24 -5.09 9.48 18.94
CA ASP E 24 -6.14 10.08 19.77
C ASP E 24 -5.99 11.56 19.85
N VAL E 25 -4.75 12.05 19.89
CA VAL E 25 -4.53 13.48 19.73
C VAL E 25 -5.13 14.03 18.43
N TYR E 26 -4.90 13.34 17.32
CA TYR E 26 -5.42 13.71 16.02
C TYR E 26 -6.95 13.76 16.05
N ALA E 27 -7.54 12.74 16.64
CA ALA E 27 -8.98 12.70 16.73
C ALA E 27 -9.47 13.90 17.55
N LEU E 28 -8.71 14.35 18.55
CA LEU E 28 -9.17 15.51 19.31
C LEU E 28 -8.99 16.81 18.52
N GLU E 29 -7.97 16.86 17.69
CA GLU E 29 -7.81 17.95 16.74
C GLU E 29 -8.99 18.07 15.76
N ILE E 30 -9.44 16.95 15.26
CA ILE E 30 -10.55 16.97 14.26
C ILE E 30 -11.77 17.58 14.94
N GLU E 31 -12.03 17.15 16.18
CA GLU E 31 -13.20 17.59 16.91
C GLU E 31 -13.04 19.05 17.36
N ARG E 32 -11.87 19.43 17.93
CA ARG E 32 -11.72 20.73 18.59
C ARG E 32 -10.98 21.83 17.82
N ILE E 33 -10.31 21.48 16.75
CA ILE E 33 -9.76 22.48 15.84
C ILE E 33 -10.49 22.45 14.49
N PHE E 34 -10.36 21.38 13.72
CA PHE E 34 -10.90 21.38 12.39
C PHE E 34 -12.43 21.48 12.35
N SER E 35 -13.13 21.01 13.36
CA SER E 35 -14.59 21.06 13.35
C SER E 35 -15.12 22.36 13.96
N ARG E 36 -14.21 23.28 14.24
CA ARG E 36 -14.48 24.41 15.13
C ARG E 36 -13.97 25.70 14.53
N ALA E 37 -12.82 25.62 13.86
CA ALA E 37 -12.13 26.79 13.38
C ALA E 37 -12.68 27.22 12.03
N TRP E 38 -12.27 28.41 11.59
CA TRP E 38 -12.50 28.80 10.19
C TRP E 38 -11.36 28.19 9.36
N LEU E 39 -11.69 27.47 8.30
CA LEU E 39 -10.71 26.86 7.42
C LEU E 39 -10.77 27.45 6.02
N MET E 40 -9.61 27.65 5.44
CA MET E 40 -9.47 28.20 4.10
C MET E 40 -10.14 27.30 3.05
N LEU E 41 -11.13 27.83 2.33
CA LEU E 41 -11.77 27.14 1.23
C LEU E 41 -11.24 27.56 -0.15
N GLY E 42 -10.80 28.82 -0.24
CA GLY E 42 -10.35 29.35 -1.52
C GLY E 42 -10.49 30.86 -1.55
N HIS E 43 -10.87 31.39 -2.71
CA HIS E 43 -10.95 32.82 -2.96
C HIS E 43 -11.99 33.04 -4.05
N GLU E 44 -12.65 34.19 -4.01
CA GLU E 44 -13.62 34.55 -5.03
C GLU E 44 -13.06 34.35 -6.45
N SER E 45 -11.76 34.61 -6.65
CA SER E 45 -11.12 34.43 -7.97
C SER E 45 -11.17 33.02 -8.52
N LEU E 46 -11.35 32.04 -7.66
CA LEU E 46 -11.45 30.63 -8.06
C LEU E 46 -12.88 30.25 -8.48
N VAL E 47 -13.85 31.04 -8.01
CA VAL E 47 -15.29 30.88 -8.26
C VAL E 47 -15.89 32.26 -8.61
N PRO E 48 -15.34 32.92 -9.64
CA PRO E 48 -15.62 34.33 -9.90
C PRO E 48 -16.99 34.74 -10.46
N LYS E 49 -17.68 33.83 -11.15
CA LYS E 49 -18.97 34.15 -11.81
C LYS E 49 -20.10 33.34 -11.19
N PRO E 50 -21.32 33.90 -11.16
CA PRO E 50 -22.45 33.07 -10.75
C PRO E 50 -22.48 31.67 -11.35
N GLY E 51 -22.65 30.67 -10.50
CA GLY E 51 -22.64 29.28 -10.94
C GLY E 51 -21.29 28.58 -10.87
N ASP E 52 -20.20 29.36 -10.82
CA ASP E 52 -18.85 28.78 -10.72
C ASP E 52 -18.71 28.05 -9.37
N PHE E 53 -18.16 26.84 -9.40
CA PHE E 53 -17.89 26.04 -8.18
C PHE E 53 -16.45 25.48 -8.17
N ILE E 54 -15.97 25.13 -6.98
CA ILE E 54 -14.78 24.27 -6.87
C ILE E 54 -15.12 23.20 -5.86
N THR E 55 -14.45 22.06 -5.95
CA THR E 55 -14.48 21.09 -4.90
C THR E 55 -13.20 21.21 -4.08
N THR E 56 -13.34 21.06 -2.76
CA THR E 56 -12.17 21.12 -1.89
C THR E 56 -12.43 20.32 -0.63
N TYR E 57 -11.51 20.43 0.33
CA TYR E 57 -11.56 19.73 1.60
C TYR E 57 -11.70 20.71 2.77
N MET E 58 -12.46 20.31 3.79
CA MET E 58 -12.31 20.82 5.14
C MET E 58 -11.81 19.64 5.98
N ALA E 59 -10.52 19.66 6.32
CA ALA E 59 -9.87 18.49 6.92
C ALA E 59 -10.11 17.27 6.01
N GLU E 60 -10.83 16.25 6.49
CA GLU E 60 -11.10 15.04 5.73
C GLU E 60 -12.53 14.98 5.15
N ASP E 61 -13.30 16.06 5.30
CA ASP E 61 -14.62 16.15 4.67
C ASP E 61 -14.51 16.81 3.29
N LYS E 62 -15.14 16.22 2.29
CA LYS E 62 -15.22 16.84 0.95
C LYS E 62 -16.33 17.86 0.91
N VAL E 63 -16.04 19.03 0.38
CA VAL E 63 -17.06 20.10 0.28
C VAL E 63 -17.13 20.69 -1.12
N ILE E 64 -18.30 21.26 -1.45
CA ILE E 64 -18.51 22.01 -2.68
C ILE E 64 -18.68 23.49 -2.26
N LEU E 65 -17.96 24.37 -2.92
CA LEU E 65 -18.12 25.82 -2.75
C LEU E 65 -18.64 26.40 -4.04
N SER E 66 -19.73 27.15 -3.95
CA SER E 66 -20.47 27.64 -5.10
C SER E 66 -20.77 29.14 -5.02
N HIS E 67 -20.56 29.83 -6.15
CA HIS E 67 -20.90 31.24 -6.30
C HIS E 67 -22.38 31.25 -6.67
N GLN E 68 -23.23 31.70 -5.76
CA GLN E 68 -24.68 31.59 -5.96
C GLN E 68 -25.15 32.56 -7.05
N SER E 69 -26.26 32.22 -7.73
CA SER E 69 -26.86 33.18 -8.70
C SER E 69 -26.92 34.55 -8.07
N ASP E 70 -27.32 34.59 -6.80
CA ASP E 70 -27.47 35.86 -6.10
C ASP E 70 -26.18 36.60 -5.70
N GLY E 71 -25.00 36.06 -6.04
CA GLY E 71 -23.73 36.75 -5.80
C GLY E 71 -23.09 36.42 -4.45
N THR E 72 -23.83 35.75 -3.56
CA THR E 72 -23.27 35.28 -2.30
C THR E 72 -22.54 33.95 -2.57
N PHE E 73 -21.82 33.48 -1.56
CA PHE E 73 -21.12 32.19 -1.65
C PHE E 73 -21.72 31.24 -0.62
N ARG E 74 -21.84 29.99 -0.98
CA ARG E 74 -22.33 28.99 -0.06
C ARG E 74 -21.46 27.75 -0.23
N ALA E 75 -21.47 26.90 0.79
CA ALA E 75 -20.73 25.62 0.76
C ALA E 75 -21.56 24.53 1.42
N PHE E 76 -21.29 23.30 1.03
CA PHE E 76 -21.94 22.15 1.63
C PHE E 76 -21.11 20.89 1.48
N ILE E 77 -21.40 19.93 2.32
CA ILE E 77 -20.72 18.63 2.30
C ILE E 77 -21.05 17.90 0.98
N ASN E 78 -20.01 17.41 0.32
CA ASN E 78 -20.14 16.73 -0.97
C ASN E 78 -20.56 15.29 -0.78
N SER E 79 -21.73 15.06 -0.17
CA SER E 79 -22.23 13.71 0.14
C SER E 79 -23.75 13.70 0.04
N CYS E 80 -24.25 12.83 -0.82
CA CYS E 80 -25.67 12.75 -1.09
C CYS E 80 -26.43 12.23 0.15
N SER E 81 -27.60 12.78 0.39
CA SER E 81 -28.44 12.45 1.53
C SER E 81 -29.22 11.18 1.35
N HIS E 82 -29.04 10.50 0.20
CA HIS E 82 -29.73 9.23 -0.02
C HIS E 82 -28.87 8.11 0.61
N ARG E 83 -27.88 7.63 -0.12
CA ARG E 83 -26.97 6.59 0.39
C ARG E 83 -25.51 7.08 0.64
N GLY E 84 -25.23 8.39 0.48
CA GLY E 84 -23.97 9.03 0.84
C GLY E 84 -22.95 9.28 -0.26
N ASN E 85 -23.22 8.82 -1.47
CA ASN E 85 -22.33 8.95 -2.60
C ASN E 85 -21.84 10.40 -2.74
N GLN E 86 -20.55 10.53 -3.06
CA GLN E 86 -20.00 11.82 -3.44
C GLN E 86 -20.81 12.40 -4.59
N ILE E 87 -21.23 13.64 -4.43
CA ILE E 87 -22.16 14.24 -5.37
C ILE E 87 -21.44 14.67 -6.66
N CYS E 88 -20.32 15.38 -6.51
CA CYS E 88 -19.55 15.99 -7.63
C CYS E 88 -18.09 15.64 -7.58
N HIS E 89 -17.56 15.11 -8.69
CA HIS E 89 -16.14 14.81 -8.82
C HIS E 89 -15.28 15.82 -9.57
N ALA E 90 -15.88 16.83 -10.14
CA ALA E 90 -15.13 17.82 -10.89
C ALA E 90 -14.35 18.68 -9.90
N ASP E 91 -13.12 19.05 -10.25
CA ASP E 91 -12.33 20.04 -9.50
C ASP E 91 -12.98 21.41 -9.52
N SER E 92 -13.56 21.78 -10.70
CA SER E 92 -14.16 23.08 -10.89
C SER E 92 -15.08 23.06 -12.08
N GLY E 93 -15.95 24.05 -12.13
CA GLY E 93 -16.85 24.19 -13.23
C GLY E 93 -17.88 25.27 -12.98
N ASN E 94 -18.92 25.25 -13.79
CA ASN E 94 -20.08 26.10 -13.64
C ASN E 94 -21.30 25.17 -13.63
N ALA E 95 -22.15 25.27 -12.61
CA ALA E 95 -23.33 24.44 -12.54
C ALA E 95 -24.46 25.15 -11.79
N LYS E 96 -25.67 25.00 -12.26
CA LYS E 96 -26.86 25.41 -11.52
C LYS E 96 -27.34 24.30 -10.59
N ALA E 97 -26.82 23.10 -10.78
CA ALA E 97 -27.21 21.95 -9.97
C ALA E 97 -26.13 20.89 -10.04
N PHE E 98 -26.17 19.97 -9.07
CA PHE E 98 -25.18 18.90 -8.99
C PHE E 98 -25.99 17.62 -8.89
N VAL E 99 -25.70 16.64 -9.74
CA VAL E 99 -26.50 15.40 -9.75
C VAL E 99 -25.69 14.26 -9.21
N CYS E 100 -26.25 13.58 -8.18
CA CYS E 100 -25.64 12.36 -7.62
C CYS E 100 -25.78 11.25 -8.64
N ASN E 101 -24.69 10.65 -9.07
CA ASN E 101 -24.86 9.69 -10.14
C ASN E 101 -25.11 8.26 -9.80
N TYR E 102 -25.45 7.95 -8.55
CA TYR E 102 -25.89 6.62 -8.21
C TYR E 102 -27.35 6.49 -8.69
N HIS E 103 -28.23 7.39 -8.21
CA HIS E 103 -29.67 7.32 -8.50
C HIS E 103 -30.26 8.62 -9.07
N GLY E 104 -29.45 9.66 -9.21
CA GLY E 104 -29.87 10.87 -9.85
C GLY E 104 -30.50 11.94 -8.99
N TRP E 105 -30.37 11.87 -7.66
CA TRP E 105 -30.82 13.00 -6.82
C TRP E 105 -30.08 14.25 -7.25
N VAL E 106 -30.82 15.34 -7.28
CA VAL E 106 -30.31 16.62 -7.77
C VAL E 106 -30.29 17.67 -6.64
N PHE E 107 -29.12 18.30 -6.47
CA PHE E 107 -28.85 19.23 -5.38
C PHE E 107 -28.63 20.62 -5.95
N GLY E 108 -29.18 21.63 -5.28
CA GLY E 108 -29.06 23.02 -5.71
C GLY E 108 -27.73 23.59 -5.36
N GLN E 109 -27.46 24.82 -5.82
CA GLN E 109 -26.18 25.44 -5.54
C GLN E 109 -25.91 25.67 -4.07
N ASP E 110 -26.94 25.65 -3.20
CA ASP E 110 -26.71 25.72 -1.74
C ASP E 110 -26.81 24.37 -1.03
N GLY E 111 -27.00 23.31 -1.79
CA GLY E 111 -27.04 22.00 -1.23
C GLY E 111 -28.45 21.53 -0.99
N SER E 112 -29.44 22.37 -1.30
CA SER E 112 -30.83 21.94 -1.22
C SER E 112 -31.06 20.73 -2.11
N LEU E 113 -31.92 19.81 -1.64
CA LEU E 113 -32.38 18.71 -2.51
C LEU E 113 -33.49 19.24 -3.40
N VAL E 114 -33.20 19.43 -4.70
CA VAL E 114 -34.13 20.17 -5.61
C VAL E 114 -34.94 19.30 -6.57
N ASP E 115 -34.51 18.06 -6.78
CA ASP E 115 -35.25 17.13 -7.66
C ASP E 115 -34.89 15.71 -7.27
N VAL E 116 -35.88 14.81 -7.25
CA VAL E 116 -35.69 13.41 -6.94
C VAL E 116 -36.36 12.67 -8.10
N PRO E 117 -35.60 11.88 -8.88
CA PRO E 117 -36.26 11.13 -9.95
C PRO E 117 -37.33 10.21 -9.38
N LEU E 118 -38.46 10.13 -10.10
CA LEU E 118 -39.55 9.21 -9.72
C LEU E 118 -40.19 9.55 -8.36
N GLU E 119 -40.10 10.81 -7.96
CA GLU E 119 -40.68 11.25 -6.67
C GLU E 119 -42.17 10.89 -6.52
N SER E 120 -42.96 11.06 -7.58
CA SER E 120 -44.38 10.72 -7.54
CA SER E 120 -44.39 10.72 -7.52
C SER E 120 -44.59 9.23 -7.59
N ARG E 121 -44.05 8.63 -8.65
CA ARG E 121 -44.28 7.25 -8.95
C ARG E 121 -43.84 6.34 -7.81
N CYS E 122 -42.62 6.57 -7.32
CA CYS E 122 -41.99 5.65 -6.40
C CYS E 122 -41.88 6.17 -4.96
N TYR E 123 -41.71 7.47 -4.76
CA TYR E 123 -41.74 8.05 -3.41
C TYR E 123 -43.16 8.49 -2.96
N HIS E 124 -44.09 8.55 -3.92
CA HIS E 124 -45.46 8.99 -3.66
C HIS E 124 -45.47 10.38 -3.03
N ASN E 125 -44.53 11.22 -3.47
CA ASN E 125 -44.37 12.56 -2.91
C ASN E 125 -44.39 12.52 -1.38
N SER E 126 -43.76 11.51 -0.81
CA SER E 126 -43.76 11.33 0.61
C SER E 126 -42.35 11.35 1.13
N LEU E 127 -41.48 12.10 0.46
CA LEU E 127 -40.12 12.33 0.90
C LEU E 127 -39.97 13.74 1.44
N ASP E 128 -39.48 13.92 2.66
CA ASP E 128 -39.30 15.31 3.15
C ASP E 128 -37.96 15.89 2.72
N LYS E 129 -37.95 16.57 1.58
CA LYS E 129 -36.70 17.03 0.96
C LYS E 129 -36.04 18.12 1.77
N GLN E 130 -36.84 18.81 2.57
CA GLN E 130 -36.29 19.80 3.47
C GLN E 130 -35.29 19.19 4.48
N LYS E 131 -35.56 17.98 4.96
CA LYS E 131 -34.64 17.35 5.90
C LYS E 131 -33.51 16.62 5.19
N LEU E 132 -33.42 16.72 3.86
CA LEU E 132 -32.44 15.94 3.10
C LEU E 132 -31.52 16.85 2.25
N ALA E 133 -31.35 18.10 2.64
CA ALA E 133 -30.37 18.94 1.99
C ALA E 133 -28.99 18.35 2.22
N ALA E 134 -28.06 18.51 1.28
CA ALA E 134 -26.69 18.20 1.62
C ALA E 134 -26.28 19.14 2.77
N LYS E 135 -25.50 18.65 3.72
CA LYS E 135 -25.24 19.41 4.94
C LYS E 135 -24.51 20.73 4.67
N SER E 136 -25.09 21.84 5.15
CA SER E 136 -24.49 23.15 4.92
C SER E 136 -23.20 23.39 5.72
N VAL E 137 -22.35 24.24 5.14
CA VAL E 137 -21.17 24.76 5.80
C VAL E 137 -21.28 26.27 5.80
N ARG E 138 -21.17 26.88 6.99
CA ARG E 138 -21.14 28.35 7.16
C ARG E 138 -19.95 28.87 6.38
N VAL E 139 -20.15 29.88 5.55
CA VAL E 139 -19.09 30.49 4.76
C VAL E 139 -19.09 32.00 5.08
N GLU E 140 -17.91 32.56 5.33
CA GLU E 140 -17.71 33.99 5.38
C GLU E 140 -16.47 34.31 4.58
N THR E 141 -16.34 35.55 4.14
CA THR E 141 -15.20 35.96 3.33
C THR E 141 -14.49 37.13 3.97
N TYR E 142 -13.20 37.24 3.69
CA TYR E 142 -12.37 38.37 4.13
C TYR E 142 -11.45 38.80 2.97
N LYS E 143 -11.69 39.99 2.42
CA LYS E 143 -10.89 40.52 1.30
C LYS E 143 -10.83 39.55 0.09
N GLY E 144 -11.95 38.87 -0.15
CA GLY E 144 -12.05 37.92 -1.23
C GLY E 144 -11.70 36.49 -0.84
N PHE E 145 -10.97 36.30 0.25
CA PHE E 145 -10.58 34.97 0.69
C PHE E 145 -11.75 34.33 1.41
N ILE E 146 -12.03 33.07 1.05
CA ILE E 146 -13.25 32.40 1.48
C ILE E 146 -12.95 31.30 2.49
N PHE E 147 -13.63 31.36 3.64
CA PHE E 147 -13.42 30.39 4.67
C PHE E 147 -14.74 29.69 5.03
N GLY E 148 -14.59 28.48 5.56
CA GLY E 148 -15.72 27.69 6.04
C GLY E 148 -15.61 27.32 7.50
N CYS E 149 -16.75 27.11 8.15
CA CYS E 149 -16.75 26.72 9.55
C CYS E 149 -17.96 25.82 9.87
N HIS E 150 -17.72 24.76 10.60
CA HIS E 150 -18.77 23.81 10.94
C HIS E 150 -19.46 24.17 12.28
N ASP E 151 -18.92 25.10 13.07
CA ASP E 151 -19.46 25.35 14.41
C ASP E 151 -20.31 26.63 14.41
N PRO E 152 -21.65 26.52 14.60
CA PRO E 152 -22.49 27.72 14.72
C PRO E 152 -22.20 28.64 15.93
N GLU E 153 -21.47 28.16 16.93
CA GLU E 153 -21.05 28.99 18.07
C GLU E 153 -19.74 29.73 17.83
N ALA E 154 -19.09 29.48 16.70
CA ALA E 154 -17.81 30.12 16.43
C ALA E 154 -18.03 31.60 16.24
N PRO E 155 -17.01 32.42 16.59
CA PRO E 155 -17.09 33.82 16.30
C PRO E 155 -17.04 34.07 14.81
N SER E 156 -17.39 35.28 14.39
CA SER E 156 -17.23 35.63 12.99
C SER E 156 -15.78 35.40 12.57
N LEU E 157 -15.59 35.14 11.28
CA LEU E 157 -14.27 35.06 10.67
C LEU E 157 -13.42 36.27 11.03
N GLU E 158 -14.02 37.46 10.93
CA GLU E 158 -13.28 38.68 11.25
C GLU E 158 -12.77 38.70 12.69
N ASP E 159 -13.53 38.14 13.63
CA ASP E 159 -13.09 38.09 15.02
C ASP E 159 -12.06 36.96 15.21
N TYR E 160 -12.18 35.92 14.39
CA TYR E 160 -11.24 34.79 14.41
C TYR E 160 -9.87 35.21 13.90
N LEU E 161 -9.85 35.97 12.80
CA LEU E 161 -8.57 36.61 12.37
C LEU E 161 -8.14 37.65 13.43
N GLY E 162 -9.11 38.37 14.01
CA GLY E 162 -8.83 39.25 15.12
C GLY E 162 -7.76 40.31 14.80
N GLU E 163 -6.83 40.51 15.74
CA GLU E 163 -5.75 41.47 15.54
C GLU E 163 -4.85 41.15 14.36
N PHE E 164 -4.99 39.95 13.78
CA PHE E 164 -4.17 39.58 12.63
C PHE E 164 -4.64 40.35 11.40
N ARG E 165 -5.86 40.89 11.41
CA ARG E 165 -6.32 41.70 10.30
C ARG E 165 -5.43 42.91 10.12
N TYR E 166 -4.85 43.42 11.20
CA TYR E 166 -3.93 44.57 11.07
C TYR E 166 -2.83 44.24 10.06
N TYR E 167 -2.30 43.03 10.14
CA TYR E 167 -1.23 42.60 9.22
C TYR E 167 -1.75 42.29 7.82
N LEU E 168 -2.80 41.46 7.74
CA LEU E 168 -3.36 41.03 6.46
C LEU E 168 -3.83 42.23 5.63
N ASP E 169 -4.42 43.23 6.28
CA ASP E 169 -4.88 44.42 5.57
C ASP E 169 -3.75 45.11 4.80
N THR E 170 -2.52 44.97 5.27
CA THR E 170 -1.34 45.54 4.59
C THR E 170 -1.29 45.06 3.14
N ILE E 171 -1.54 43.78 2.95
CA ILE E 171 -1.34 43.10 1.65
C ILE E 171 -2.64 42.64 1.00
N TRP E 172 -3.63 42.28 1.79
CA TRP E 172 -4.94 41.89 1.20
C TRP E 172 -5.84 43.12 0.93
N GLU E 173 -5.37 44.32 1.23
CA GLU E 173 -5.96 45.57 0.69
C GLU E 173 -4.85 46.35 -0.03
N GLY E 174 -3.78 46.64 0.71
CA GLY E 174 -2.58 47.22 0.14
C GLY E 174 -2.91 48.56 -0.48
N ALA E 175 -2.52 48.76 -1.73
CA ALA E 175 -2.73 50.02 -2.41
C ALA E 175 -4.18 50.20 -2.81
N GLY E 176 -5.04 49.21 -2.57
CA GLY E 176 -6.45 49.27 -2.95
C GLY E 176 -6.99 47.99 -3.55
N GLY E 177 -6.14 47.22 -4.23
CA GLY E 177 -6.59 46.08 -5.02
C GLY E 177 -6.51 44.72 -4.36
N GLY E 178 -5.74 44.61 -3.27
CA GLY E 178 -5.60 43.35 -2.54
C GLY E 178 -4.95 42.26 -3.37
N MET E 179 -5.28 41.01 -3.04
CA MET E 179 -4.66 39.87 -3.71
C MET E 179 -5.71 38.85 -4.06
N GLU E 180 -5.35 37.92 -4.92
CA GLU E 180 -6.25 36.87 -5.35
C GLU E 180 -5.47 35.58 -5.60
N LEU E 181 -6.18 34.46 -5.69
CA LEU E 181 -5.54 33.17 -5.93
C LEU E 181 -5.61 32.80 -7.41
N LEU E 182 -4.50 32.23 -7.91
CA LEU E 182 -4.43 31.60 -9.22
C LEU E 182 -4.34 30.07 -9.06
N GLY E 183 -5.28 29.40 -9.73
CA GLY E 183 -5.27 27.93 -9.87
C GLY E 183 -5.05 27.53 -11.33
N PRO E 184 -5.21 26.24 -11.65
CA PRO E 184 -5.55 25.15 -10.71
C PRO E 184 -4.45 24.84 -9.75
N PRO E 185 -4.80 24.25 -8.61
CA PRO E 185 -3.76 23.98 -7.64
C PRO E 185 -2.94 22.76 -7.99
N MET E 186 -1.67 22.76 -7.64
CA MET E 186 -0.94 21.49 -7.55
C MET E 186 -1.48 20.76 -6.32
N LYS E 187 -1.48 19.42 -6.38
CA LYS E 187 -1.95 18.58 -5.29
C LYS E 187 -0.96 17.43 -5.16
N SER E 188 -0.53 17.16 -3.93
CA SER E 188 0.39 16.03 -3.72
C SER E 188 0.23 15.51 -2.31
N LEU E 189 0.52 14.22 -2.13
CA LEU E 189 0.55 13.61 -0.81
C LEU E 189 1.94 13.74 -0.20
N LEU E 190 2.00 13.95 1.12
CA LEU E 190 3.26 14.01 1.81
C LEU E 190 2.98 13.26 3.10
N GLN E 191 3.87 12.35 3.45
CA GLN E 191 3.70 11.47 4.66
C GLN E 191 4.23 12.17 5.89
N CYS E 192 3.55 13.24 6.31
CA CYS E 192 3.88 14.00 7.55
C CYS E 192 2.62 14.44 8.22
N ASN E 193 2.75 14.80 9.51
CA ASN E 193 1.67 15.42 10.23
C ASN E 193 1.46 16.84 9.70
N TRP E 194 0.23 17.30 9.69
CA TRP E 194 -0.06 18.62 9.13
C TRP E 194 0.66 19.78 9.84
N LYS E 195 1.03 19.57 11.11
CA LYS E 195 1.66 20.64 11.87
C LYS E 195 3.09 20.86 11.48
N VAL E 196 3.76 19.90 10.86
CA VAL E 196 5.17 20.14 10.56
C VAL E 196 5.32 21.23 9.49
N PRO E 197 4.58 21.12 8.37
CA PRO E 197 4.62 22.25 7.44
C PRO E 197 4.00 23.54 7.97
N ALA E 198 2.96 23.41 8.77
CA ALA E 198 2.31 24.57 9.41
C ALA E 198 3.32 25.39 10.22
N GLU E 199 4.05 24.74 11.12
CA GLU E 199 5.10 25.41 11.89
C GLU E 199 6.30 25.86 11.01
N ASN E 200 6.62 25.11 9.97
CA ASN E 200 7.75 25.42 9.12
C ASN E 200 7.50 26.81 8.45
N PHE E 201 6.28 26.99 7.96
CA PHE E 201 5.89 28.26 7.32
C PHE E 201 5.55 29.36 8.31
N ILE E 202 5.11 29.01 9.50
CA ILE E 202 4.71 30.06 10.45
C ILE E 202 5.92 30.84 10.99
N GLY E 203 7.07 30.18 11.04
CA GLY E 203 8.18 30.73 11.81
C GLY E 203 9.57 30.20 11.58
N ASP E 204 9.79 29.36 10.58
CA ASP E 204 11.05 28.72 10.49
C ASP E 204 12.02 29.43 9.56
N GLY E 205 12.44 30.65 9.95
CA GLY E 205 13.59 31.30 9.31
C GLY E 205 14.89 30.54 9.47
N TYR E 206 15.04 29.88 10.60
CA TYR E 206 16.25 29.12 10.93
C TYR E 206 16.66 28.08 9.90
N HIS E 207 15.70 27.32 9.32
CA HIS E 207 16.08 26.24 8.41
C HIS E 207 16.49 26.79 7.06
N VAL E 208 16.14 28.02 6.77
CA VAL E 208 16.26 28.46 5.38
C VAL E 208 17.74 28.40 4.94
N GLY E 209 18.62 29.01 5.73
CA GLY E 209 20.04 29.06 5.39
C GLY E 209 20.75 27.72 5.42
N TRP E 210 20.17 26.74 6.12
CA TRP E 210 20.77 25.42 6.24
C TRP E 210 20.27 24.48 5.15
N THR E 211 18.96 24.36 5.06
CA THR E 211 18.30 23.43 4.14
C THR E 211 18.37 23.94 2.70
N HIS E 212 18.21 25.24 2.52
CA HIS E 212 18.08 25.80 1.17
C HIS E 212 19.36 26.52 0.70
N ALA E 213 20.46 26.24 1.41
CA ALA E 213 21.77 26.85 1.13
C ALA E 213 22.09 26.83 -0.36
N ALA E 214 21.92 25.67 -1.00
CA ALA E 214 22.29 25.53 -2.42
C ALA E 214 21.36 26.27 -3.37
N ALA E 215 20.08 26.37 -3.03
CA ALA E 215 19.16 27.15 -3.82
C ALA E 215 19.44 28.65 -3.62
N LEU E 216 19.76 29.05 -2.38
CA LEU E 216 20.03 30.45 -2.07
C LEU E 216 21.30 30.93 -2.74
N SER E 217 22.35 30.15 -2.63
CA SER E 217 23.66 30.53 -3.16
C SER E 217 23.63 30.54 -4.68
N GLN E 218 22.78 29.69 -5.25
CA GLN E 218 22.58 29.67 -6.69
C GLN E 218 21.85 30.93 -7.18
N ILE E 219 20.75 31.30 -6.53
CA ILE E 219 19.99 32.49 -6.92
C ILE E 219 20.82 33.75 -6.72
N GLY E 220 21.69 33.77 -5.71
CA GLY E 220 22.36 34.99 -5.29
C GLY E 220 21.34 36.03 -4.82
N GLY E 221 21.71 37.30 -4.92
CA GLY E 221 20.80 38.38 -4.55
C GLY E 221 20.70 38.56 -3.05
N GLU E 222 19.57 39.11 -2.61
CA GLU E 222 19.40 39.60 -1.24
C GLU E 222 19.38 38.46 -0.23
N LEU E 223 18.55 37.46 -0.47
CA LEU E 223 18.39 36.34 0.45
C LEU E 223 19.59 35.39 0.48
N ALA E 224 20.42 35.43 -0.56
CA ALA E 224 21.62 34.56 -0.66
C ALA E 224 22.61 34.72 0.50
N GLY E 225 22.57 35.85 1.21
CA GLY E 225 23.37 36.04 2.43
C GLY E 225 23.05 35.03 3.53
N LEU E 226 21.81 34.55 3.55
CA LEU E 226 21.38 33.59 4.57
C LEU E 226 22.10 32.23 4.46
N ALA E 227 22.46 31.83 3.24
CA ALA E 227 23.08 30.52 2.97
C ALA E 227 24.14 30.13 4.01
N GLY E 228 24.05 28.91 4.53
CA GLY E 228 25.05 28.37 5.45
C GLY E 228 24.82 28.61 6.94
N ASN E 229 24.01 29.62 7.27
CA ASN E 229 23.71 29.99 8.67
C ASN E 229 24.96 30.30 9.52
N ARG E 230 25.74 31.29 9.05
CA ARG E 230 26.99 31.69 9.71
C ARG E 230 26.83 33.01 10.48
N ALA E 231 27.68 33.22 11.47
CA ALA E 231 27.51 34.29 12.45
C ALA E 231 27.58 35.72 11.86
N ASP E 232 28.15 35.84 10.66
CA ASP E 232 28.48 37.13 10.01
C ASP E 232 27.42 38.28 10.01
N ILE E 233 26.15 37.97 10.22
CA ILE E 233 25.03 38.85 9.78
C ILE E 233 24.21 39.27 10.99
N PRO E 234 23.81 40.54 11.08
CA PRO E 234 23.04 40.96 12.24
C PRO E 234 21.52 40.73 12.04
N PHE E 235 21.10 39.46 12.11
CA PHE E 235 19.77 39.00 11.62
C PHE E 235 18.58 39.82 12.14
N ASP E 236 18.69 40.20 13.39
CA ASP E 236 17.66 40.94 14.10
C ASP E 236 17.40 42.32 13.51
N ASP E 237 18.49 42.98 13.03
CA ASP E 237 18.39 44.21 12.22
C ASP E 237 17.56 43.94 10.94
N LEU E 238 17.61 42.69 10.47
CA LEU E 238 17.05 42.25 9.18
C LEU E 238 15.55 41.89 9.14
N GLY E 239 14.92 41.63 10.30
CA GLY E 239 13.48 41.37 10.34
C GLY E 239 12.81 41.25 11.71
N LEU E 240 11.59 40.70 11.68
CA LEU E 240 10.74 40.55 12.88
C LEU E 240 9.90 39.27 12.78
N GLN E 241 9.31 38.85 13.91
CA GLN E 241 8.33 37.75 13.95
C GLN E 241 7.13 38.16 14.75
N PHE E 242 5.97 37.64 14.38
CA PHE E 242 4.71 38.06 14.98
C PHE E 242 3.82 36.84 15.30
N THR E 243 3.08 36.93 16.40
CA THR E 243 2.06 35.95 16.72
C THR E 243 0.86 36.68 17.34
N THR E 244 -0.31 36.06 17.21
CA THR E 244 -1.55 36.66 17.66
C THR E 244 -2.37 35.71 18.51
N ARG E 245 -3.49 36.24 18.99
CA ARG E 245 -4.33 35.55 19.93
C ARG E 245 -4.88 34.25 19.42
N HIS E 246 -5.22 34.16 18.13
CA HIS E 246 -5.77 32.96 17.57
C HIS E 246 -4.74 32.17 16.77
N GLY E 247 -3.47 32.30 17.13
CA GLY E 247 -2.40 31.42 16.67
C GLY E 247 -1.77 31.82 15.35
N HIS E 248 -2.37 32.80 14.67
CA HIS E 248 -1.87 33.24 13.36
C HIS E 248 -0.55 33.93 13.57
N GLY E 249 0.38 33.72 12.67
CA GLY E 249 1.70 34.23 12.86
C GLY E 249 2.50 34.28 11.59
N PHE E 250 3.57 35.05 11.62
CA PHE E 250 4.49 35.10 10.49
C PHE E 250 5.83 35.75 10.84
N GLY E 251 6.82 35.47 10.00
CA GLY E 251 8.13 36.13 10.04
C GLY E 251 8.28 37.06 8.83
N VAL E 252 9.07 38.12 8.98
CA VAL E 252 9.32 39.05 7.85
C VAL E 252 10.78 39.32 7.71
N ILE E 253 11.27 39.22 6.48
CA ILE E 253 12.62 39.64 6.13
C ILE E 253 12.48 40.97 5.40
N ASP E 254 13.19 41.99 5.88
CA ASP E 254 13.00 43.33 5.34
C ASP E 254 13.52 43.46 3.91
N ASN E 255 12.74 44.20 3.11
CA ASN E 255 13.08 44.55 1.73
C ASN E 255 13.48 43.37 0.84
N ALA E 256 12.82 42.25 1.06
CA ALA E 256 13.18 41.01 0.40
C ALA E 256 12.01 40.38 -0.34
N ALA E 257 10.89 41.10 -0.48
CA ALA E 257 9.66 40.49 -1.07
C ALA E 257 9.96 39.65 -2.30
N ALA E 258 10.70 40.19 -3.25
CA ALA E 258 10.90 39.49 -4.52
C ALA E 258 12.26 38.76 -4.59
N GLY E 259 12.89 38.53 -3.44
CA GLY E 259 14.27 38.03 -3.43
C GLY E 259 14.54 36.65 -4.03
N LEU E 260 13.49 35.84 -4.17
CA LEU E 260 13.66 34.50 -4.76
C LEU E 260 13.25 34.40 -6.24
N HIS E 261 12.74 35.50 -6.78
CA HIS E 261 12.32 35.56 -8.19
C HIS E 261 13.48 36.02 -9.03
N ILE E 262 13.79 35.29 -10.09
CA ILE E 262 14.89 35.68 -10.97
C ILE E 262 14.44 36.70 -12.03
N LYS E 263 13.33 36.42 -12.70
CA LYS E 263 12.66 37.39 -13.53
C LYS E 263 11.61 38.06 -12.66
N ARG E 264 11.87 39.33 -12.31
CA ARG E 264 11.04 40.03 -11.34
C ARG E 264 10.83 41.54 -11.66
N GLU E 265 10.86 41.88 -12.95
CA GLU E 265 10.72 43.28 -13.34
C GLU E 265 9.33 43.83 -12.99
N GLY E 266 8.28 43.14 -13.46
CA GLY E 266 6.91 43.56 -13.17
C GLY E 266 6.53 43.60 -11.69
N TRP E 267 6.90 42.56 -10.94
CA TRP E 267 6.59 42.47 -9.53
C TRP E 267 7.32 43.57 -8.73
N THR E 268 8.60 43.75 -8.98
CA THR E 268 9.34 44.79 -8.27
C THR E 268 8.76 46.17 -8.64
N LYS E 269 8.46 46.40 -9.91
CA LYS E 269 7.84 47.66 -10.34
C LYS E 269 6.50 47.95 -9.65
N PHE E 270 5.67 46.91 -9.51
CA PHE E 270 4.36 47.03 -8.85
C PHE E 270 4.52 47.44 -7.40
N LEU E 271 5.49 46.85 -6.70
CA LEU E 271 5.75 47.22 -5.31
C LEU E 271 6.16 48.69 -5.22
N GLU E 272 7.14 49.09 -6.03
CA GLU E 272 7.62 50.49 -6.07
C GLU E 272 6.50 51.48 -6.36
N ASP E 273 5.66 51.13 -7.34
CA ASP E 273 4.54 51.97 -7.78
C ASP E 273 3.44 52.11 -6.72
N THR E 274 3.29 51.11 -5.85
CA THR E 274 2.16 51.05 -4.90
C THR E 274 2.52 51.29 -3.44
N ARG E 275 3.81 51.21 -3.11
CA ARG E 275 4.25 51.40 -1.72
C ARG E 275 3.84 52.77 -1.16
N GLY E 276 3.77 53.78 -2.03
CA GLY E 276 3.44 55.11 -1.61
C GLY E 276 2.07 55.15 -0.98
N GLU E 277 1.09 54.60 -1.70
CA GLU E 277 -0.29 54.59 -1.22
CA GLU E 277 -0.29 54.56 -1.22
C GLU E 277 -0.41 53.75 0.06
N VAL E 278 0.37 52.68 0.17
CA VAL E 278 0.39 51.87 1.39
C VAL E 278 0.92 52.68 2.59
N ARG E 279 1.96 53.47 2.37
CA ARG E 279 2.46 54.38 3.41
C ARG E 279 1.37 55.35 3.90
N ARG E 280 0.62 55.92 2.96
CA ARG E 280 -0.43 56.90 3.32
C ARG E 280 -1.56 56.27 4.13
N LYS E 281 -1.97 55.07 3.69
CA LYS E 281 -3.14 54.40 4.27
C LYS E 281 -2.82 53.76 5.60
N PHE E 282 -1.70 53.04 5.65
CA PHE E 282 -1.39 52.14 6.75
C PHE E 282 -0.17 52.57 7.56
N GLY E 283 0.55 53.59 7.10
CA GLY E 283 1.72 54.12 7.80
C GLY E 283 3.04 53.44 7.44
N PRO E 284 4.17 54.03 7.90
CA PRO E 284 5.53 53.50 7.68
C PRO E 284 5.75 52.10 8.24
N GLU E 285 5.15 51.80 9.38
CA GLU E 285 5.35 50.53 10.05
C GLU E 285 4.77 49.40 9.20
N ARG E 286 3.71 49.68 8.44
CA ARG E 286 3.10 48.63 7.61
C ARG E 286 3.63 48.66 6.19
N GLU E 287 4.13 49.82 5.76
CA GLU E 287 4.88 49.88 4.50
C GLU E 287 6.12 48.98 4.58
N ARG E 288 6.75 48.97 5.73
CA ARG E 288 7.86 48.06 6.01
C ARG E 288 7.48 46.62 5.68
N LEU E 289 6.30 46.21 6.15
CA LEU E 289 5.82 44.86 5.92
C LEU E 289 5.48 44.59 4.45
N TYR E 290 4.85 45.57 3.80
CA TYR E 290 4.46 45.52 2.39
C TYR E 290 5.63 45.22 1.43
N LEU E 291 6.84 45.68 1.78
CA LEU E 291 8.06 45.43 1.00
C LEU E 291 8.88 44.21 1.48
N GLY E 292 8.46 43.62 2.59
CA GLY E 292 9.16 42.48 3.17
C GLY E 292 8.74 41.15 2.59
N HIS E 293 9.60 40.14 2.78
CA HIS E 293 9.22 38.74 2.53
C HIS E 293 8.60 38.11 3.77
N TRP E 294 7.36 37.61 3.66
CA TRP E 294 6.69 36.99 4.77
C TRP E 294 6.71 35.47 4.58
N ASN E 295 6.87 34.75 5.68
CA ASN E 295 6.48 33.33 5.75
C ASN E 295 5.39 33.23 6.84
N CYS E 296 4.19 32.84 6.46
CA CYS E 296 2.99 33.02 7.29
C CYS E 296 2.20 31.73 7.31
N SER E 297 1.59 31.46 8.47
CA SER E 297 0.52 30.50 8.56
C SER E 297 -0.69 31.15 9.24
N ILE E 298 -1.86 30.88 8.69
CA ILE E 298 -3.13 31.17 9.28
C ILE E 298 -3.64 29.92 10.00
N PHE E 299 -3.82 30.04 11.31
CA PHE E 299 -4.26 28.91 12.10
C PHE E 299 -5.60 28.37 11.57
N PRO E 300 -5.74 27.03 11.43
CA PRO E 300 -4.70 25.98 11.66
C PRO E 300 -3.79 25.66 10.48
N ASN E 301 -4.33 25.51 9.27
CA ASN E 301 -3.62 24.77 8.22
C ASN E 301 -3.54 25.45 6.85
N CYS E 302 -3.49 26.78 6.82
CA CYS E 302 -3.19 27.49 5.57
C CYS E 302 -1.86 28.22 5.74
N SER E 303 -1.06 28.23 4.70
CA SER E 303 0.21 28.96 4.73
C SER E 303 0.49 29.72 3.47
N PHE E 304 1.33 30.74 3.58
CA PHE E 304 1.77 31.42 2.37
C PHE E 304 3.10 32.09 2.51
N LEU E 305 3.75 32.33 1.38
CA LEU E 305 4.90 33.23 1.36
C LEU E 305 4.49 34.47 0.60
N TYR E 306 4.41 35.61 1.29
CA TYR E 306 4.19 36.88 0.61
C TYR E 306 5.54 37.36 0.11
N GLY E 307 5.61 37.61 -1.19
CA GLY E 307 6.86 37.93 -1.84
C GLY E 307 7.11 36.83 -2.85
N THR E 308 7.49 35.65 -2.38
CA THR E 308 7.61 34.49 -3.27
C THR E 308 6.25 34.10 -3.89
N ASN E 309 5.18 34.26 -3.11
CA ASN E 309 3.76 34.25 -3.57
C ASN E 309 3.20 32.85 -3.81
N THR E 310 3.69 31.88 -3.04
CA THR E 310 3.11 30.55 -3.06
C THR E 310 2.08 30.54 -1.91
N PHE E 311 1.03 29.73 -2.05
CA PHE E 311 -0.06 29.72 -1.06
C PHE E 311 -0.52 28.24 -0.94
N LYS E 312 -0.54 27.73 0.28
CA LYS E 312 -0.63 26.31 0.56
C LYS E 312 -1.70 26.01 1.57
N ILE E 313 -2.41 24.90 1.36
CA ILE E 313 -3.35 24.36 2.36
C ILE E 313 -2.91 22.94 2.62
N TRP E 314 -2.78 22.62 3.91
CA TRP E 314 -2.26 21.32 4.36
C TRP E 314 -3.44 20.48 4.82
N HIS E 315 -4.02 19.67 3.93
CA HIS E 315 -5.25 18.95 4.30
C HIS E 315 -4.86 17.67 5.00
N PRO E 316 -5.22 17.52 6.29
CA PRO E 316 -4.83 16.27 6.96
C PRO E 316 -5.54 15.04 6.41
N ARG E 317 -4.81 13.93 6.43
CA ARG E 317 -5.29 12.61 6.11
C ARG E 317 -4.82 11.67 7.19
N GLY E 318 -5.35 11.86 8.40
CA GLY E 318 -4.85 11.12 9.53
C GLY E 318 -3.62 11.82 10.04
N PRO E 319 -3.03 11.29 11.13
CA PRO E 319 -1.93 11.98 11.73
C PRO E 319 -0.62 11.85 11.02
N HIS E 320 -0.48 10.98 10.02
CA HIS E 320 0.81 10.77 9.43
C HIS E 320 0.84 11.00 7.92
N GLU E 321 -0.19 11.67 7.41
CA GLU E 321 -0.25 12.08 6.00
C GLU E 321 -1.03 13.39 5.85
N ILE E 322 -0.67 14.11 4.78
CA ILE E 322 -1.43 15.28 4.30
C ILE E 322 -1.57 15.23 2.77
N GLU E 323 -2.55 15.99 2.27
CA GLU E 323 -2.63 16.36 0.85
C GLU E 323 -2.41 17.86 0.79
N VAL E 324 -1.33 18.26 0.12
CA VAL E 324 -0.91 19.65 0.05
C VAL E 324 -1.49 20.23 -1.25
N TRP E 325 -2.32 21.27 -1.16
CA TRP E 325 -2.75 22.04 -2.35
C TRP E 325 -1.97 23.36 -2.43
N THR E 326 -1.33 23.61 -3.56
CA THR E 326 -0.52 24.81 -3.81
C THR E 326 -1.12 25.70 -4.91
N TYR E 327 -1.47 26.94 -4.53
CA TYR E 327 -1.94 27.98 -5.45
C TYR E 327 -0.89 29.07 -5.52
N THR E 328 -1.05 30.03 -6.44
CA THR E 328 -0.24 31.27 -6.45
C THR E 328 -1.10 32.43 -5.96
N ILE E 329 -0.52 33.32 -5.15
CA ILE E 329 -1.20 34.51 -4.67
C ILE E 329 -0.59 35.69 -5.45
N VAL E 330 -1.43 36.55 -6.01
CA VAL E 330 -0.97 37.69 -6.82
C VAL E 330 -1.82 38.92 -6.49
N PRO E 331 -1.26 40.13 -6.66
CA PRO E 331 -2.11 41.31 -6.52
C PRO E 331 -3.12 41.40 -7.64
N ARG E 332 -4.36 41.71 -7.31
CA ARG E 332 -5.39 41.84 -8.34
C ARG E 332 -5.01 42.90 -9.40
N ASP E 333 -4.35 43.98 -8.96
CA ASP E 333 -4.12 45.13 -9.83
C ASP E 333 -2.86 44.96 -10.68
N ALA E 334 -2.12 43.87 -10.51
CA ALA E 334 -0.94 43.62 -11.37
C ALA E 334 -1.37 43.33 -12.82
N ASP E 335 -0.48 43.61 -13.76
CA ASP E 335 -0.74 43.34 -15.18
C ASP E 335 -0.83 41.83 -15.34
N PRO E 336 -1.58 41.35 -16.34
CA PRO E 336 -1.59 39.91 -16.62
C PRO E 336 -0.19 39.29 -16.82
N ALA E 337 0.70 40.00 -17.52
CA ALA E 337 2.04 39.48 -17.76
C ALA E 337 2.81 39.34 -16.44
N THR E 338 2.59 40.29 -15.52
CA THR E 338 3.20 40.20 -14.20
C THR E 338 2.60 39.02 -13.43
N LYS E 339 1.28 38.91 -13.45
CA LYS E 339 0.62 37.83 -12.75
C LYS E 339 1.14 36.47 -13.21
N SER E 340 1.34 36.32 -14.52
CA SER E 340 1.80 35.04 -15.10
C SER E 340 3.26 34.80 -14.74
N MET E 341 4.06 35.87 -14.70
CA MET E 341 5.46 35.72 -14.34
C MET E 341 5.63 35.37 -12.85
N ILE E 342 4.89 36.06 -11.98
CA ILE E 342 4.85 35.70 -10.53
C ILE E 342 4.48 34.22 -10.34
N GLN E 343 3.51 33.75 -11.13
CA GLN E 343 3.07 32.38 -11.06
C GLN E 343 4.20 31.45 -11.46
N ARG E 344 4.88 31.74 -12.56
CA ARG E 344 6.01 30.89 -12.96
C ARG E 344 7.10 30.81 -11.89
N GLU E 345 7.44 31.92 -11.28
CA GLU E 345 8.58 31.98 -10.34
C GLU E 345 8.21 31.26 -9.05
N ALA E 346 6.95 31.44 -8.65
CA ALA E 346 6.43 30.86 -7.43
C ALA E 346 6.38 29.34 -7.56
N ILE E 347 5.95 28.86 -8.74
CA ILE E 347 5.90 27.41 -8.97
C ILE E 347 7.30 26.80 -9.12
N ARG E 348 8.20 27.52 -9.79
CA ARG E 348 9.56 26.99 -9.95
C ARG E 348 10.31 26.82 -8.63
N THR E 349 9.98 27.69 -7.67
CA THR E 349 10.60 27.62 -6.33
C THR E 349 9.86 26.72 -5.36
N PHE E 350 8.53 26.81 -5.34
CA PHE E 350 7.73 26.19 -4.28
C PHE E 350 6.62 25.23 -4.71
N GLY E 351 6.56 24.93 -6.02
CA GLY E 351 5.63 23.93 -6.50
C GLY E 351 6.14 22.53 -6.28
N THR E 352 5.45 21.57 -6.88
CA THR E 352 5.74 20.10 -6.62
C THR E 352 7.17 19.77 -7.10
N ALA E 353 7.67 20.51 -8.08
CA ALA E 353 9.08 20.34 -8.50
C ALA E 353 9.91 21.54 -8.08
N GLY E 354 9.56 22.13 -6.94
CA GLY E 354 10.16 23.43 -6.58
C GLY E 354 11.64 23.30 -6.26
N THR E 355 12.43 24.29 -6.68
CA THR E 355 13.87 24.28 -6.41
C THR E 355 14.18 24.52 -4.92
N LEU E 356 13.23 25.08 -4.16
CA LEU E 356 13.37 25.11 -2.69
C LEU E 356 12.50 24.07 -2.03
N GLU E 357 11.23 24.03 -2.40
CA GLU E 357 10.27 23.13 -1.74
C GLU E 357 10.73 21.67 -1.78
N SER E 358 11.38 21.26 -2.87
CA SER E 358 11.84 19.89 -2.99
C SER E 358 12.88 19.49 -1.91
N ASP E 359 13.56 20.46 -1.32
CA ASP E 359 14.55 20.26 -0.28
C ASP E 359 13.86 19.80 1.01
N ASP E 360 12.60 20.22 1.26
CA ASP E 360 11.98 20.10 2.60
C ASP E 360 11.20 18.80 2.89
N GLY E 361 10.98 17.94 1.89
CA GLY E 361 10.01 16.85 2.09
C GLY E 361 10.44 15.84 3.16
N GLU E 362 11.73 15.56 3.25
CA GLU E 362 12.20 14.67 4.28
C GLU E 362 12.21 15.32 5.65
N ASN E 363 12.46 16.63 5.71
CA ASN E 363 12.39 17.35 6.98
C ASN E 363 11.00 17.15 7.60
N MET E 364 9.98 17.15 6.76
CA MET E 364 8.61 17.01 7.21
C MET E 364 8.33 15.54 7.57
N SER E 365 8.68 14.60 6.70
CA SER E 365 8.24 13.20 6.94
C SER E 365 9.03 12.55 8.06
N SER E 366 10.33 12.81 8.10
CA SER E 366 11.19 12.19 9.13
C SER E 366 10.78 12.65 10.53
N ALA E 367 10.49 13.92 10.67
CA ALA E 367 9.99 14.44 11.96
C ALA E 367 8.74 13.72 12.49
N THR E 368 7.93 13.22 11.56
CA THR E 368 6.73 12.48 11.88
C THR E 368 7.06 10.97 12.12
N TYR E 369 7.58 10.29 11.11
CA TYR E 369 7.74 8.84 11.12
C TYR E 369 8.82 8.29 12.04
N ILE E 370 9.73 9.15 12.49
CA ILE E 370 10.72 8.72 13.53
C ILE E 370 10.00 8.23 14.78
N ASN E 371 8.80 8.76 15.03
CA ASN E 371 8.02 8.44 16.21
C ASN E 371 7.32 7.07 16.15
N ARG E 372 7.58 6.31 15.10
CA ARG E 372 7.17 4.90 15.10
C ARG E 372 7.71 4.14 16.31
N GLY E 373 8.89 4.53 16.79
CA GLY E 373 9.51 3.90 17.94
C GLY E 373 8.95 4.44 19.23
N VAL E 374 8.64 3.54 20.14
CA VAL E 374 8.06 3.89 21.45
C VAL E 374 9.00 4.76 22.27
N ILE E 375 10.28 4.42 22.28
CA ILE E 375 11.20 5.18 23.14
C ILE E 375 11.29 6.60 22.53
N THR E 376 11.38 6.67 21.21
CA THR E 376 11.50 7.93 20.50
C THR E 376 10.35 8.88 20.74
N ARG E 377 9.12 8.39 20.64
CA ARG E 377 7.95 9.28 20.73
C ARG E 377 7.65 9.73 22.15
N ASN E 378 8.26 9.11 23.12
CA ASN E 378 8.00 9.52 24.49
C ASN E 378 8.99 10.64 24.86
N GLY E 379 9.81 11.05 23.90
CA GLY E 379 10.51 12.33 23.96
C GLY E 379 9.69 13.60 23.64
N ARG E 380 10.44 14.69 23.55
CA ARG E 380 9.85 15.98 23.36
C ARG E 380 10.65 16.78 22.32
N MET E 381 10.06 17.89 21.92
CA MET E 381 10.62 18.79 20.90
C MET E 381 10.81 20.14 21.56
N ASN E 382 11.85 20.86 21.14
CA ASN E 382 12.20 22.18 21.69
C ASN E 382 11.84 23.30 20.74
N SER E 383 11.20 24.36 21.25
CA SER E 383 10.98 25.59 20.47
C SER E 383 11.25 26.85 21.31
N THR E 384 12.43 26.89 21.91
CA THR E 384 12.82 27.96 22.85
C THR E 384 13.64 29.08 22.21
N MET E 385 13.90 29.01 20.89
CA MET E 385 14.82 29.97 20.27
C MET E 385 14.28 31.40 20.39
N GLY E 386 15.07 32.28 21.02
CA GLY E 386 14.63 33.68 21.19
C GLY E 386 13.62 33.95 22.32
N VAL E 387 13.41 32.97 23.19
CA VAL E 387 12.46 33.16 24.29
C VAL E 387 12.84 34.37 25.18
N GLY E 388 11.88 35.24 25.50
CA GLY E 388 12.16 36.47 26.25
C GLY E 388 12.64 37.67 25.41
N TYR E 389 12.94 37.46 24.14
CA TYR E 389 13.25 38.57 23.24
C TYR E 389 12.00 38.81 22.40
N GLU E 390 10.88 39.04 23.10
CA GLU E 390 9.59 39.20 22.47
C GLU E 390 8.61 39.70 23.51
N GLY E 391 7.54 40.33 23.05
CA GLY E 391 6.55 40.91 23.94
C GLY E 391 5.60 41.79 23.17
N PRO E 392 4.63 42.40 23.87
CA PRO E 392 3.75 43.36 23.26
C PRO E 392 4.52 44.58 22.82
N HIS E 393 4.05 45.22 21.75
CA HIS E 393 4.80 46.23 21.01
C HIS E 393 3.91 47.48 20.99
N PRO E 394 4.51 48.69 21.01
CA PRO E 394 3.66 49.91 21.04
C PRO E 394 2.90 50.26 19.77
N VAL E 395 3.32 49.71 18.63
CA VAL E 395 2.65 49.97 17.35
C VAL E 395 1.98 48.71 16.77
N TYR E 396 2.74 47.63 16.66
CA TYR E 396 2.25 46.36 16.11
C TYR E 396 1.45 45.53 17.12
N PRO E 397 0.24 45.07 16.75
CA PRO E 397 -0.53 44.30 17.70
C PRO E 397 -0.07 42.85 17.84
N GLY E 398 -0.51 42.21 18.93
CA GLY E 398 -0.14 40.84 19.23
C GLY E 398 1.16 40.81 20.00
N ILE E 399 2.04 39.88 19.62
CA ILE E 399 3.32 39.70 20.29
C ILE E 399 4.37 39.69 19.19
N VAL E 400 5.43 40.47 19.38
CA VAL E 400 6.47 40.62 18.37
C VAL E 400 7.79 40.13 18.94
N GLY E 401 8.51 39.34 18.15
CA GLY E 401 9.86 38.90 18.50
C GLY E 401 10.84 39.60 17.59
N ILE E 402 12.12 39.62 17.95
CA ILE E 402 13.10 40.46 17.26
C ILE E 402 13.68 39.98 15.92
N SER E 403 13.39 38.76 15.47
CA SER E 403 14.05 38.27 14.25
C SER E 403 13.21 37.23 13.50
N PHE E 404 13.34 37.19 12.18
CA PHE E 404 12.69 36.08 11.43
C PHE E 404 13.31 34.74 11.82
N ILE E 405 14.54 34.80 12.34
CA ILE E 405 15.19 33.62 12.90
C ILE E 405 14.91 33.64 14.39
N GLY E 406 13.92 32.84 14.75
CA GLY E 406 13.48 32.73 16.15
C GLY E 406 12.26 31.83 16.18
N GLU E 407 11.71 31.57 17.35
CA GLU E 407 10.54 30.71 17.42
C GLU E 407 9.34 31.32 18.14
N THR E 408 9.20 32.64 18.04
CA THR E 408 8.04 33.33 18.58
C THR E 408 6.73 32.78 18.04
N SER E 409 6.70 32.64 16.72
CA SER E 409 5.55 32.07 16.08
CA SER E 409 5.61 32.06 16.00
C SER E 409 5.31 30.60 16.35
N TYR E 410 6.34 29.79 16.62
CA TYR E 410 6.05 28.44 17.07
C TYR E 410 5.29 28.52 18.38
N ARG E 411 5.80 29.33 19.28
CA ARG E 411 5.26 29.39 20.63
C ARG E 411 3.82 29.87 20.59
N GLY E 412 3.55 30.88 19.76
CA GLY E 412 2.19 31.35 19.55
C GLY E 412 1.27 30.30 18.97
N PHE E 413 1.78 29.55 18.00
CA PHE E 413 1.03 28.47 17.35
C PHE E 413 0.63 27.40 18.35
N TYR E 414 1.61 26.86 19.06
CA TYR E 414 1.34 25.77 19.99
C TYR E 414 0.54 26.21 21.21
N ARG E 415 0.74 27.44 21.65
CA ARG E 415 -0.11 27.98 22.71
C ARG E 415 -1.57 27.95 22.33
N PHE E 416 -1.89 28.40 21.12
CA PHE E 416 -3.30 28.41 20.66
C PHE E 416 -3.81 27.00 20.40
N TRP E 417 -2.96 26.18 19.77
CA TRP E 417 -3.28 24.77 19.56
C TRP E 417 -3.70 24.15 20.89
N LYS E 418 -2.90 24.40 21.93
CA LYS E 418 -3.20 23.89 23.24
C LYS E 418 -4.50 24.43 23.80
N GLU E 419 -4.71 25.74 23.69
CA GLU E 419 -5.94 26.36 24.13
C GLU E 419 -7.17 25.73 23.49
N MET E 420 -7.15 25.55 22.18
CA MET E 420 -8.28 24.97 21.46
C MET E 420 -8.51 23.52 21.82
N ILE E 421 -7.45 22.74 21.86
CA ILE E 421 -7.49 21.33 22.23
C ILE E 421 -8.00 21.19 23.68
N ASP E 422 -7.69 22.16 24.52
CA ASP E 422 -8.10 22.12 25.92
C ASP E 422 -9.54 22.59 26.17
N ALA E 423 -10.20 23.21 25.17
CA ALA E 423 -11.44 23.96 25.41
C ALA E 423 -12.68 23.16 25.00
N PRO E 424 -13.63 22.96 25.91
CA PRO E 424 -14.82 22.19 25.57
C PRO E 424 -15.77 22.88 24.55
N ASP E 425 -15.65 24.21 24.39
CA ASP E 425 -16.48 24.98 23.43
C ASP E 425 -15.87 26.34 23.13
N TRP E 426 -16.42 27.07 22.17
CA TRP E 426 -15.90 28.40 21.84
C TRP E 426 -16.06 29.42 22.97
N ALA E 427 -17.08 29.25 23.80
CA ALA E 427 -17.27 30.13 24.95
C ALA E 427 -16.05 30.13 25.91
N SER E 428 -15.48 28.96 26.17
CA SER E 428 -14.26 28.80 26.99
C SER E 428 -13.00 29.39 26.37
N VAL E 429 -12.92 29.41 25.04
CA VAL E 429 -11.81 30.10 24.40
C VAL E 429 -11.99 31.61 24.59
N LYS E 430 -13.19 32.10 24.27
CA LYS E 430 -13.46 33.54 24.35
C LYS E 430 -13.25 34.04 25.78
N ALA E 431 -13.46 33.14 26.74
CA ALA E 431 -13.30 33.46 28.17
C ALA E 431 -11.88 33.80 28.57
N ASN E 432 -10.91 33.58 27.70
CA ASN E 432 -9.53 34.01 27.94
C ASN E 432 -8.92 34.95 26.89
N ASP E 433 -9.77 35.67 26.18
CA ASP E 433 -9.32 36.67 25.21
C ASP E 433 -8.33 37.72 25.74
N ASP E 434 -8.42 38.08 27.02
CA ASP E 434 -7.62 39.19 27.56
C ASP E 434 -6.35 38.76 28.29
N THR E 435 -6.14 37.45 28.44
CA THR E 435 -4.97 36.95 29.15
C THR E 435 -4.19 35.94 28.31
N TRP E 436 -4.55 35.78 27.03
CA TRP E 436 -3.83 34.81 26.15
C TRP E 436 -2.29 34.96 26.16
N ASP E 437 -1.80 36.20 26.26
CA ASP E 437 -0.37 36.46 26.03
C ASP E 437 0.42 36.56 27.33
N SER E 438 -0.17 36.05 28.42
CA SER E 438 0.52 36.07 29.71
C SER E 438 1.82 35.26 29.67
N VAL E 439 1.83 34.23 28.81
CA VAL E 439 2.99 33.36 28.67
C VAL E 439 4.20 34.09 28.09
N PHE E 440 4.00 35.29 27.57
CA PHE E 440 5.10 36.12 27.09
C PHE E 440 5.33 37.16 28.22
N PRO E 441 6.20 36.85 29.18
CA PRO E 441 6.22 37.66 30.41
C PRO E 441 6.96 39.01 30.29
N ASN E 442 7.76 39.15 29.24
CA ASN E 442 8.63 40.33 29.09
C ASN E 442 7.88 41.55 28.52
N ARG E 443 7.00 42.10 29.35
CA ARG E 443 6.07 43.16 28.96
C ARG E 443 6.74 44.45 28.50
N ASN E 444 7.85 44.81 29.16
CA ASN E 444 8.55 46.04 28.81
C ASN E 444 9.72 45.82 27.87
N PHE E 445 9.82 44.62 27.29
CA PHE E 445 10.88 44.33 26.34
C PHE E 445 10.98 45.41 25.26
N TRP E 446 9.87 45.74 24.63
CA TRP E 446 9.87 46.66 23.50
C TRP E 446 10.00 48.11 23.94
N ASN E 447 9.43 48.44 25.10
CA ASN E 447 9.61 49.77 25.68
C ASN E 447 11.08 50.07 25.86
N GLU E 448 11.78 49.15 26.49
CA GLU E 448 13.19 49.30 26.77
C GLU E 448 14.05 49.24 25.51
N LYS E 449 13.73 48.31 24.62
CA LYS E 449 14.47 48.16 23.38
C LYS E 449 14.41 49.45 22.56
N LEU E 450 13.23 50.03 22.45
CA LEU E 450 13.01 51.18 21.57
C LEU E 450 13.49 52.47 22.21
N ASN E 451 13.20 52.65 23.50
CA ASN E 451 13.74 53.80 24.24
C ASN E 451 15.26 53.86 24.14
N ALA E 452 15.92 52.79 24.57
CA ALA E 452 17.38 52.71 24.53
C ALA E 452 17.94 52.90 23.11
N ALA E 453 17.23 52.36 22.11
CA ALA E 453 17.60 52.54 20.70
C ALA E 453 17.42 54.00 20.27
N GLU E 454 18.26 54.45 19.34
CA GLU E 454 18.20 55.80 18.79
C GLU E 454 17.78 56.88 19.81
N GLN F 5 0.89 13.44 -42.34
CA GLN F 5 1.29 12.98 -40.99
C GLN F 5 2.13 11.70 -41.08
N ILE F 6 3.42 11.90 -41.40
CA ILE F 6 4.28 10.87 -41.98
C ILE F 6 5.19 10.14 -40.96
N PRO F 7 4.89 8.88 -40.66
CA PRO F 7 5.72 8.11 -39.72
C PRO F 7 7.14 7.89 -40.23
N VAL F 8 8.12 7.89 -39.34
CA VAL F 8 9.52 7.86 -39.76
C VAL F 8 9.92 6.51 -40.26
N THR F 9 11.03 6.47 -40.98
CA THR F 9 11.61 5.24 -41.46
C THR F 9 12.15 4.42 -40.27
N PRO F 10 12.25 3.09 -40.46
CA PRO F 10 12.85 2.30 -39.38
C PRO F 10 14.25 2.77 -38.97
N ASP F 11 15.04 3.26 -39.93
CA ASP F 11 16.39 3.73 -39.61
C ASP F 11 16.35 5.01 -38.77
N VAL F 12 15.46 5.95 -39.12
CA VAL F 12 15.26 7.12 -38.25
C VAL F 12 14.66 6.74 -36.83
N HIS F 13 13.75 5.79 -36.80
CA HIS F 13 13.12 5.40 -35.56
C HIS F 13 14.20 4.87 -34.62
N TYR F 14 15.09 4.01 -35.16
CA TYR F 14 16.20 3.48 -34.40
C TYR F 14 17.03 4.61 -33.84
N ASP F 15 17.39 5.58 -34.68
CA ASP F 15 18.21 6.70 -34.13
C ASP F 15 17.53 7.45 -32.97
N ILE F 16 16.21 7.66 -33.07
CA ILE F 16 15.47 8.35 -32.03
C ILE F 16 15.46 7.50 -30.77
N GLU F 17 15.24 6.19 -30.93
CA GLU F 17 15.24 5.30 -29.76
C GLU F 17 16.61 5.33 -29.08
N ALA F 18 17.68 5.32 -29.90
CA ALA F 18 19.05 5.38 -29.38
C ALA F 18 19.28 6.70 -28.62
N HIS F 19 18.76 7.82 -29.14
CA HIS F 19 18.86 9.11 -28.50
C HIS F 19 18.17 9.06 -27.12
N TYR F 20 16.97 8.50 -27.09
CA TYR F 20 16.22 8.49 -25.85
C TYR F 20 16.88 7.57 -24.80
N ARG F 21 17.51 6.49 -25.25
CA ARG F 21 18.22 5.58 -24.34
C ARG F 21 19.41 6.29 -23.72
N ALA F 22 20.16 7.01 -24.54
CA ALA F 22 21.31 7.76 -24.07
C ALA F 22 20.86 8.85 -23.12
N GLU F 23 19.71 9.49 -23.42
CA GLU F 23 19.15 10.51 -22.50
C GLU F 23 18.80 9.93 -21.12
N VAL F 24 18.08 8.82 -21.11
CA VAL F 24 17.79 8.09 -19.88
C VAL F 24 19.04 7.74 -19.06
N ARG F 25 20.06 7.20 -19.74
CA ARG F 25 21.31 6.90 -19.05
C ARG F 25 21.99 8.15 -18.45
N MET F 26 21.89 9.31 -19.11
CA MET F 26 22.39 10.54 -18.51
C MET F 26 21.61 10.87 -17.24
N PHE F 27 20.29 10.77 -17.32
CA PHE F 27 19.46 10.99 -16.12
C PHE F 27 19.82 10.01 -14.99
N GLN F 28 19.91 8.73 -15.33
CA GLN F 28 20.22 7.70 -14.33
C GLN F 28 21.61 7.80 -13.71
N THR F 29 22.54 8.46 -14.39
CA THR F 29 23.88 8.60 -13.87
C THR F 29 24.24 10.03 -13.44
N GLY F 30 23.26 10.93 -13.46
CA GLY F 30 23.42 12.29 -12.96
C GLY F 30 24.26 13.19 -13.82
N GLN F 31 24.32 12.88 -15.12
CA GLN F 31 25.12 13.71 -16.05
C GLN F 31 24.25 14.77 -16.68
N TYR F 32 23.69 15.61 -15.82
CA TYR F 32 22.71 16.58 -16.24
C TYR F 32 23.33 17.68 -17.09
N ARG F 33 24.60 17.99 -16.84
CA ARG F 33 25.25 19.04 -17.64
C ARG F 33 25.52 18.58 -19.06
N GLU F 34 25.97 17.33 -19.22
CA GLU F 34 26.05 16.66 -20.53
C GLU F 34 24.72 16.63 -21.26
N TRP F 35 23.65 16.27 -20.56
CA TRP F 35 22.29 16.29 -21.13
C TRP F 35 21.93 17.66 -21.70
N LEU F 36 22.10 18.68 -20.89
CA LEU F 36 21.70 20.03 -21.28
C LEU F 36 22.55 20.54 -22.44
N GLN F 37 23.84 20.23 -22.42
CA GLN F 37 24.74 20.73 -23.45
C GLN F 37 24.46 20.00 -24.79
N GLY F 38 24.35 18.67 -24.72
CA GLY F 38 24.26 17.83 -25.92
C GLY F 38 22.90 17.46 -26.44
N MET F 39 21.86 17.49 -25.59
CA MET F 39 20.61 16.87 -25.98
C MET F 39 19.43 17.84 -25.93
N VAL F 40 19.68 19.08 -25.49
CA VAL F 40 18.62 20.06 -25.32
C VAL F 40 18.99 21.30 -26.14
N ALA F 41 18.08 21.81 -26.96
CA ALA F 41 18.30 23.02 -27.72
C ALA F 41 18.17 24.27 -26.88
N GLU F 42 18.99 25.29 -27.19
CA GLU F 42 18.85 26.53 -26.45
C GLU F 42 17.47 27.23 -26.64
N ASP F 43 16.66 26.85 -27.63
CA ASP F 43 15.27 27.40 -27.78
C ASP F 43 14.20 26.55 -27.10
N ILE F 44 14.63 25.65 -26.23
CA ILE F 44 13.75 24.73 -25.50
C ILE F 44 12.60 25.45 -24.73
N HIS F 45 11.42 24.85 -24.79
CA HIS F 45 10.35 25.11 -23.83
C HIS F 45 10.05 23.77 -23.21
N TYR F 46 10.19 23.69 -21.89
CA TYR F 46 10.07 22.44 -21.10
C TYR F 46 8.86 22.65 -20.24
N TRP F 47 7.82 21.83 -20.42
CA TRP F 47 6.46 22.18 -19.98
C TRP F 47 5.72 20.96 -19.45
N MET F 48 5.24 21.05 -18.20
CA MET F 48 4.44 20.02 -17.60
C MET F 48 3.18 20.68 -17.00
N PRO F 49 2.11 20.76 -17.77
CA PRO F 49 0.90 21.45 -17.32
C PRO F 49 0.21 20.80 -16.14
N ILE F 50 -0.61 21.56 -15.40
CA ILE F 50 -1.51 21.02 -14.42
C ILE F 50 -2.87 20.84 -15.11
N TYR F 51 -3.32 19.58 -15.21
CA TYR F 51 -4.62 19.23 -15.75
C TYR F 51 -5.63 18.99 -14.65
N GLU F 52 -6.66 19.79 -14.61
CA GLU F 52 -7.67 19.56 -13.62
C GLU F 52 -8.67 18.49 -14.12
N GLN F 53 -9.41 17.93 -13.18
CA GLN F 53 -10.51 17.02 -13.52
C GLN F 53 -11.77 17.84 -13.79
N ARG F 54 -12.28 17.75 -15.02
CA ARG F 54 -13.46 18.52 -15.43
C ARG F 54 -14.55 17.60 -15.96
N LEU F 55 -15.82 18.00 -15.89
CA LEU F 55 -16.88 17.22 -16.51
C LEU F 55 -16.72 17.27 -18.03
N THR F 56 -17.20 16.24 -18.71
CA THR F 56 -17.12 16.25 -20.16
C THR F 56 -17.88 17.44 -20.71
N ARG F 57 -18.97 17.85 -20.06
CA ARG F 57 -19.78 18.95 -20.59
C ARG F 57 -19.00 20.27 -20.58
N ASP F 58 -18.00 20.38 -19.70
CA ASP F 58 -17.19 21.59 -19.63
C ASP F 58 -16.51 21.90 -20.97
N ARG F 59 -16.65 23.13 -21.44
CA ARG F 59 -16.12 23.52 -22.76
C ARG F 59 -14.91 24.47 -22.70
N ARG F 60 -14.36 24.67 -21.50
CA ARG F 60 -13.13 25.44 -21.35
C ARG F 60 -12.00 24.73 -22.12
N PRO F 61 -11.03 25.48 -22.63
CA PRO F 61 -9.93 24.91 -23.41
C PRO F 61 -8.89 24.23 -22.54
N ASP F 62 -8.03 23.39 -23.14
CA ASP F 62 -6.94 22.77 -22.39
C ASP F 62 -5.94 23.81 -21.89
N PRO F 63 -5.12 23.44 -20.89
CA PRO F 63 -4.08 24.36 -20.42
C PRO F 63 -3.11 24.76 -21.50
N THR F 64 -2.70 26.02 -21.47
CA THR F 64 -1.64 26.53 -22.33
C THR F 64 -0.46 26.94 -21.45
N PRO F 65 0.67 27.32 -22.07
CA PRO F 65 1.79 27.80 -21.28
C PRO F 65 1.55 29.12 -20.52
N ASP F 66 0.38 29.75 -20.68
CA ASP F 66 0.03 30.90 -19.83
C ASP F 66 -0.67 30.47 -18.53
N ASP F 67 -0.92 29.17 -18.39
CA ASP F 67 -1.63 28.64 -17.22
C ASP F 67 -0.65 27.93 -16.26
N ALA F 68 -1.12 27.66 -15.03
CA ALA F 68 -0.37 26.88 -14.04
C ALA F 68 0.24 25.64 -14.67
N ALA F 69 1.54 25.48 -14.43
CA ALA F 69 2.31 24.31 -14.84
C ALA F 69 3.40 23.98 -13.79
N ILE F 70 3.68 22.68 -13.59
CA ILE F 70 4.69 22.26 -12.62
C ILE F 70 6.09 22.60 -13.12
N TYR F 71 6.24 22.51 -14.44
CA TYR F 71 7.42 23.00 -15.14
C TYR F 71 6.93 23.91 -16.30
N ASN F 72 7.69 24.96 -16.58
CA ASN F 72 7.38 25.93 -17.61
C ASN F 72 8.63 26.80 -17.80
N ASP F 73 9.65 26.16 -18.40
CA ASP F 73 11.01 26.60 -18.38
C ASP F 73 11.57 26.81 -19.77
N ASP F 74 12.39 27.83 -19.89
CA ASP F 74 13.28 28.01 -21.02
C ASP F 74 14.64 27.44 -20.62
N PHE F 75 15.65 27.61 -21.49
CA PHE F 75 16.95 26.97 -21.30
C PHE F 75 17.64 27.42 -20.02
N GLY F 76 17.64 28.74 -19.80
CA GLY F 76 18.24 29.33 -18.60
C GLY F 76 17.61 28.83 -17.32
N GLU F 77 16.31 28.62 -17.36
CA GLU F 77 15.58 28.05 -16.23
C GLU F 77 15.89 26.55 -16.02
N LEU F 78 16.03 25.76 -17.09
CA LEU F 78 16.53 24.41 -16.95
C LEU F 78 17.96 24.32 -16.39
N LYS F 79 18.83 25.23 -16.85
CA LYS F 79 20.20 25.30 -16.35
C LYS F 79 20.21 25.53 -14.83
N GLN F 80 19.29 26.35 -14.36
CA GLN F 80 19.16 26.65 -12.93
C GLN F 80 18.70 25.40 -12.17
N ARG F 81 17.70 24.71 -12.72
CA ARG F 81 17.18 23.49 -12.10
C ARG F 81 18.27 22.44 -12.03
N VAL F 82 19.06 22.35 -13.11
CA VAL F 82 20.14 21.36 -13.24
C VAL F 82 21.16 21.53 -12.15
N GLU F 83 21.54 22.77 -11.87
CA GLU F 83 22.62 23.04 -10.92
C GLU F 83 22.28 22.69 -9.46
N ARG F 84 21.00 22.65 -9.10
CA ARG F 84 20.63 22.17 -7.77
C ARG F 84 21.06 20.70 -7.57
N LEU F 85 20.82 19.88 -8.59
CA LEU F 85 21.16 18.46 -8.56
C LEU F 85 22.64 18.25 -8.81
N TYR F 86 23.21 19.03 -9.72
CA TYR F 86 24.58 18.80 -10.20
C TYR F 86 25.64 19.30 -9.21
N SER F 87 25.34 20.39 -8.51
CA SER F 87 26.37 21.07 -7.72
C SER F 87 26.00 21.33 -6.27
N GLY F 88 24.70 21.51 -6.00
CA GLY F 88 24.27 21.89 -4.67
C GLY F 88 24.59 20.80 -3.67
N GLN F 89 24.66 21.17 -2.41
CA GLN F 89 24.55 20.21 -1.34
C GLN F 89 23.17 20.26 -0.74
N VAL F 90 22.38 19.27 -1.15
CA VAL F 90 21.01 19.19 -0.77
C VAL F 90 20.94 17.93 0.06
N TRP F 91 20.54 18.07 1.31
CA TRP F 91 20.75 17.00 2.25
C TRP F 91 19.87 15.79 1.99
N MET F 92 18.69 16.02 1.45
CA MET F 92 17.84 14.89 1.03
C MET F 92 18.53 14.03 -0.03
N GLU F 93 19.45 14.61 -0.79
CA GLU F 93 20.11 13.90 -1.88
C GLU F 93 21.52 13.47 -1.51
N ASP F 94 21.79 13.40 -0.20
CA ASP F 94 23.03 12.85 0.23
C ASP F 94 22.79 11.46 0.85
N PRO F 95 23.05 10.37 0.09
CA PRO F 95 23.54 10.31 -1.34
C PRO F 95 22.44 10.39 -2.38
N PRO F 96 22.80 10.46 -3.65
CA PRO F 96 21.72 10.63 -4.61
C PRO F 96 20.61 9.58 -4.44
N SER F 97 19.35 9.99 -4.54
CA SER F 97 18.25 9.03 -4.62
C SER F 97 18.41 8.28 -5.93
N LYS F 98 17.80 7.10 -6.06
CA LYS F 98 17.90 6.31 -7.27
C LYS F 98 16.69 6.53 -8.19
N ILE F 99 16.93 6.49 -9.51
CA ILE F 99 15.83 6.65 -10.43
C ILE F 99 16.08 5.72 -11.62
N ARG F 100 15.02 5.13 -12.13
CA ARG F 100 15.13 4.26 -13.31
C ARG F 100 13.94 4.49 -14.23
N TYR F 101 14.21 4.64 -15.52
CA TYR F 101 13.18 5.00 -16.46
C TYR F 101 12.92 3.86 -17.44
N PHE F 102 11.64 3.68 -17.73
CA PHE F 102 11.23 2.70 -18.74
C PHE F 102 10.44 3.42 -19.81
N VAL F 103 11.08 3.61 -20.96
CA VAL F 103 10.50 4.41 -22.06
C VAL F 103 9.99 3.42 -23.09
N SER F 104 8.72 3.63 -23.50
CA SER F 104 7.99 2.73 -24.36
C SER F 104 7.12 3.46 -25.39
N ASN F 105 6.70 2.75 -26.44
CA ASN F 105 5.74 3.30 -27.36
C ASN F 105 6.21 4.57 -28.05
N VAL F 106 7.47 4.56 -28.44
CA VAL F 106 8.08 5.68 -29.19
C VAL F 106 7.60 5.69 -30.62
N GLU F 107 6.92 6.75 -31.01
CA GLU F 107 6.39 6.89 -32.35
C GLU F 107 6.77 8.26 -32.85
N ALA F 108 7.47 8.31 -33.98
CA ALA F 108 7.98 9.57 -34.52
C ALA F 108 7.42 9.84 -35.89
N PHE F 109 7.28 11.13 -36.19
CA PHE F 109 6.69 11.60 -37.44
C PHE F 109 7.55 12.75 -38.00
N GLU F 110 7.85 12.72 -39.30
CA GLU F 110 8.52 13.84 -39.93
C GLU F 110 7.57 15.02 -39.95
N ALA F 111 8.03 16.14 -39.44
CA ALA F 111 7.29 17.38 -39.47
C ALA F 111 7.99 18.20 -40.56
N GLY F 112 7.86 19.51 -40.54
CA GLY F 112 8.55 20.28 -41.58
C GLY F 112 10.04 20.43 -41.27
N ASN F 113 10.82 20.79 -42.28
CA ASN F 113 12.12 21.43 -42.03
C ASN F 113 13.07 20.62 -41.15
N GLY F 114 13.09 19.30 -41.34
CA GLY F 114 13.98 18.45 -40.57
C GLY F 114 13.57 18.24 -39.11
N GLU F 115 12.36 18.65 -38.75
CA GLU F 115 11.91 18.50 -37.36
C GLU F 115 11.07 17.23 -37.26
N LEU F 116 10.99 16.72 -36.03
CA LEU F 116 10.25 15.48 -35.71
C LEU F 116 9.28 15.74 -34.58
N ASP F 117 8.08 15.20 -34.73
CA ASP F 117 7.11 15.10 -33.63
C ASP F 117 7.20 13.66 -33.13
N VAL F 118 7.46 13.55 -31.84
CA VAL F 118 7.76 12.28 -31.21
C VAL F 118 6.91 12.11 -29.96
N LEU F 119 6.25 10.97 -29.95
CA LEU F 119 5.46 10.57 -28.83
C LEU F 119 6.09 9.36 -28.10
N SER F 120 5.94 9.33 -26.78
CA SER F 120 6.66 8.40 -25.89
C SER F 120 5.78 8.16 -24.63
N ASN F 121 5.72 6.92 -24.11
CA ASN F 121 5.22 6.62 -22.74
C ASN F 121 6.39 6.51 -21.81
N ILE F 122 6.25 7.01 -20.57
CA ILE F 122 7.38 6.95 -19.66
C ILE F 122 6.89 6.42 -18.31
N LEU F 123 7.60 5.42 -17.79
CA LEU F 123 7.37 4.94 -16.38
C LEU F 123 8.63 5.18 -15.61
N VAL F 124 8.46 5.84 -14.46
CA VAL F 124 9.62 6.29 -13.68
C VAL F 124 9.52 5.66 -12.30
N TYR F 125 10.53 4.86 -11.95
CA TYR F 125 10.67 4.18 -10.63
C TYR F 125 11.76 4.86 -9.82
N ARG F 126 11.38 5.34 -8.65
CA ARG F 126 12.26 6.06 -7.75
C ARG F 126 12.38 5.36 -6.41
N ASN F 127 13.62 5.26 -5.91
CA ASN F 127 13.92 4.65 -4.60
C ASN F 127 14.82 5.59 -3.82
N ARG F 128 14.60 5.69 -2.54
CA ARG F 128 15.55 6.37 -1.68
C ARG F 128 15.56 5.81 -0.26
N ARG F 129 16.60 6.20 0.51
CA ARG F 129 16.74 5.78 1.92
C ARG F 129 16.57 4.25 2.03
N GLN F 130 15.76 3.75 2.95
CA GLN F 130 15.72 2.33 3.15
C GLN F 130 14.56 1.62 2.43
N THR F 131 13.33 2.13 2.58
CA THR F 131 12.13 1.50 2.05
C THR F 131 11.29 2.42 1.16
N GLU F 132 11.75 3.66 0.89
CA GLU F 132 10.93 4.57 0.10
C GLU F 132 10.92 4.21 -1.36
N VAL F 133 9.72 4.06 -1.97
CA VAL F 133 9.54 3.75 -3.39
C VAL F 133 8.38 4.61 -3.93
N THR F 134 8.59 5.25 -5.08
CA THR F 134 7.53 6.01 -5.70
C THR F 134 7.62 5.74 -7.21
N VAL F 135 6.49 5.84 -7.87
CA VAL F 135 6.32 5.40 -9.27
C VAL F 135 5.42 6.42 -10.00
N HIS F 136 5.85 6.85 -11.17
CA HIS F 136 5.14 7.86 -11.94
C HIS F 136 5.00 7.36 -13.36
N THR F 137 3.84 7.56 -13.94
CA THR F 137 3.70 7.41 -15.39
C THR F 137 3.37 8.73 -16.04
N LEU F 138 3.90 8.92 -17.25
CA LEU F 138 3.50 10.07 -18.02
C LEU F 138 3.60 9.86 -19.52
N GLY F 139 2.92 10.74 -20.25
CA GLY F 139 3.11 10.86 -21.68
C GLY F 139 4.08 11.97 -22.00
N ARG F 140 4.91 11.75 -23.01
CA ARG F 140 5.81 12.77 -23.50
C ARG F 140 5.45 13.14 -24.94
N GLU F 141 5.39 14.45 -25.20
CA GLU F 141 5.29 14.96 -26.56
C GLU F 141 6.45 15.91 -26.87
N ASP F 142 7.40 15.42 -27.66
CA ASP F 142 8.58 16.16 -28.08
C ASP F 142 8.48 16.67 -29.55
N LYS F 143 9.12 17.81 -29.77
CA LYS F 143 9.61 18.24 -31.05
C LYS F 143 11.15 18.19 -30.94
N LEU F 144 11.74 17.36 -31.79
CA LEU F 144 13.19 17.25 -31.91
C LEU F 144 13.62 17.83 -33.25
N ARG F 145 14.89 18.20 -33.31
CA ARG F 145 15.53 18.53 -34.59
C ARG F 145 16.82 17.78 -34.64
N ARG F 146 17.25 17.44 -35.84
CA ARG F 146 18.49 16.72 -36.00
C ARG F 146 19.62 17.63 -35.57
N ASP F 147 20.63 17.06 -34.95
CA ASP F 147 21.83 17.78 -34.61
C ASP F 147 22.98 16.85 -34.93
N GLY F 148 23.32 16.79 -36.21
CA GLY F 148 23.84 15.57 -36.80
C GLY F 148 24.94 15.10 -35.89
N ASN F 149 25.07 13.79 -35.70
CA ASN F 149 24.11 12.79 -36.21
C ASN F 149 23.20 12.34 -35.06
N GLY F 150 23.06 13.22 -34.07
CA GLY F 150 22.11 13.06 -33.00
C GLY F 150 20.89 13.98 -33.14
N PHE F 151 20.29 14.32 -32.00
CA PHE F 151 19.09 15.17 -32.00
C PHE F 151 19.17 16.06 -30.81
N LYS F 152 18.39 17.15 -30.84
CA LYS F 152 18.16 17.96 -29.65
C LYS F 152 16.68 18.27 -29.53
N VAL F 153 16.18 18.23 -28.32
CA VAL F 153 14.77 18.54 -28.08
C VAL F 153 14.59 20.08 -27.99
N PHE F 154 13.59 20.62 -28.70
CA PHE F 154 13.28 22.05 -28.59
C PHE F 154 11.87 22.36 -28.06
N ARG F 155 11.03 21.34 -27.91
CA ARG F 155 9.80 21.47 -27.14
C ARG F 155 9.57 20.14 -26.50
N ARG F 156 9.23 20.17 -25.20
CA ARG F 156 8.92 18.95 -24.47
C ARG F 156 7.72 19.24 -23.62
N LYS F 157 6.67 18.45 -23.81
CA LYS F 157 5.45 18.59 -23.06
C LYS F 157 5.30 17.26 -22.33
N LEU F 158 5.13 17.33 -21.03
CA LEU F 158 5.01 16.14 -20.21
C LEU F 158 3.62 16.13 -19.55
N ILE F 159 2.91 15.01 -19.73
CA ILE F 159 1.52 14.88 -19.33
C ILE F 159 1.46 13.86 -18.23
N LEU F 160 1.29 14.36 -17.01
CA LEU F 160 1.23 13.51 -15.85
C LEU F 160 -0.07 12.71 -15.82
N ASP F 161 0.00 11.46 -15.44
CA ASP F 161 -1.19 10.65 -15.39
C ASP F 161 -2.00 10.88 -14.10
N ALA F 162 -1.33 11.21 -13.04
CA ALA F 162 -2.01 11.35 -11.75
C ALA F 162 -2.40 12.80 -11.41
N ARG F 163 -3.64 13.02 -10.95
CA ARG F 163 -4.04 14.37 -10.53
C ARG F 163 -3.35 14.80 -9.23
N VAL F 164 -3.34 13.89 -8.27
CA VAL F 164 -2.66 14.10 -6.96
C VAL F 164 -1.35 13.30 -7.01
N THR F 165 -0.24 13.98 -6.91
CA THR F 165 1.09 13.32 -6.99
C THR F 165 1.38 12.58 -5.67
N GLN F 166 1.65 11.27 -5.76
CA GLN F 166 1.98 10.45 -4.59
C GLN F 166 3.50 10.30 -4.44
N ASP F 167 4.12 11.43 -4.17
CA ASP F 167 5.56 11.55 -4.01
C ASP F 167 5.85 12.88 -3.32
N LYS F 168 6.98 12.92 -2.62
CA LYS F 168 7.53 14.16 -2.05
C LYS F 168 7.69 15.29 -3.06
N ASN F 169 8.15 14.97 -4.27
CA ASN F 169 8.37 15.97 -5.28
C ASN F 169 8.32 15.31 -6.66
N LEU F 170 8.40 16.15 -7.67
CA LEU F 170 8.57 15.75 -9.06
C LEU F 170 9.88 16.32 -9.58
N TYR F 171 10.92 16.31 -8.74
CA TYR F 171 12.22 16.88 -9.10
C TYR F 171 13.10 15.83 -9.83
N PHE F 172 12.67 15.51 -11.03
CA PHE F 172 13.42 14.67 -11.96
C PHE F 172 13.02 15.08 -13.37
N PHE F 173 13.95 14.90 -14.28
CA PHE F 173 13.72 15.23 -15.67
C PHE F 173 13.12 14.08 -16.43
N CYS F 174 12.35 14.42 -17.46
CA CYS F 174 12.01 13.50 -18.51
C CYS F 174 12.29 14.15 -19.84
FE FE G . 13.89 -23.61 7.21
FE1 FES H . 15.99 21.13 13.84
FE2 FES H . 17.19 18.68 14.04
S1 FES H . 18.15 20.66 13.91
S2 FES H . 15.04 19.11 13.75
O1 OXY I . 15.80 -23.31 8.46
O2 OXY I . 15.20 -22.28 8.64
FE FE J . -25.90 -1.80 -11.00
FE1 FES K . 3.58 -27.59 11.46
FE2 FES K . 1.27 -27.38 10.00
S1 FES K . 2.57 -29.17 10.22
S2 FES K . 2.35 -25.75 11.05
O1 OXY L . 9.91 26.22 3.45
O2 OXY L . 10.76 27.02 3.15
FE FE M . 12.08 25.29 3.45
FE1 FES N . -28.82 7.59 -4.31
FE2 FES N . -27.22 9.76 -4.24
S1 FES N . -29.08 9.51 -5.40
S2 FES N . -26.81 7.80 -3.27
O1 OXY O . -26.97 -3.85 -10.68
O2 OXY O . -25.88 -3.90 -10.19
#